data_2ZHG
# 
_entry.id   2ZHG 
# 
_audit_conform.dict_name       mmcif_pdbx.dic 
_audit_conform.dict_version    5.388 
_audit_conform.dict_location   http://mmcif.pdb.org/dictionaries/ascii/mmcif_pdbx.dic 
# 
loop_
_database_2.database_id 
_database_2.database_code 
_database_2.pdbx_database_accession 
_database_2.pdbx_DOI 
PDB   2ZHG         pdb_00002zhg 10.2210/pdb2zhg/pdb 
NDB   PD1091       ?            ?                   
RCSB  RCSB027976   ?            ?                   
WWPDB D_1000027976 ?            ?                   
# 
loop_
_pdbx_audit_revision_history.ordinal 
_pdbx_audit_revision_history.data_content_type 
_pdbx_audit_revision_history.major_revision 
_pdbx_audit_revision_history.minor_revision 
_pdbx_audit_revision_history.revision_date 
1 'Structure model' 1 0 2008-03-25 
2 'Structure model' 1 1 2011-07-13 
3 'Structure model' 1 2 2024-03-13 
# 
_pdbx_audit_revision_details.ordinal             1 
_pdbx_audit_revision_details.revision_ordinal    1 
_pdbx_audit_revision_details.data_content_type   'Structure model' 
_pdbx_audit_revision_details.provider            repository 
_pdbx_audit_revision_details.type                'Initial release' 
_pdbx_audit_revision_details.description         ? 
_pdbx_audit_revision_details.details             ? 
# 
loop_
_pdbx_audit_revision_group.ordinal 
_pdbx_audit_revision_group.revision_ordinal 
_pdbx_audit_revision_group.data_content_type 
_pdbx_audit_revision_group.group 
1 2 'Structure model' 'Source and taxonomy'       
2 2 'Structure model' 'Version format compliance' 
3 3 'Structure model' 'Data collection'           
4 3 'Structure model' 'Database references'       
5 3 'Structure model' 'Derived calculations'      
# 
loop_
_pdbx_audit_revision_category.ordinal 
_pdbx_audit_revision_category.revision_ordinal 
_pdbx_audit_revision_category.data_content_type 
_pdbx_audit_revision_category.category 
1 3 'Structure model' chem_comp_atom 
2 3 'Structure model' chem_comp_bond 
3 3 'Structure model' database_2     
4 3 'Structure model' struct_site    
# 
loop_
_pdbx_audit_revision_item.ordinal 
_pdbx_audit_revision_item.revision_ordinal 
_pdbx_audit_revision_item.data_content_type 
_pdbx_audit_revision_item.item 
1 3 'Structure model' '_database_2.pdbx_DOI'                
2 3 'Structure model' '_database_2.pdbx_database_accession' 
3 3 'Structure model' '_struct_site.pdbx_auth_asym_id'      
4 3 'Structure model' '_struct_site.pdbx_auth_comp_id'      
5 3 'Structure model' '_struct_site.pdbx_auth_seq_id'       
# 
_pdbx_database_status.status_code                     REL 
_pdbx_database_status.entry_id                        2ZHG 
_pdbx_database_status.recvd_initial_deposition_date   2008-02-05 
_pdbx_database_status.deposit_site                    PDBJ 
_pdbx_database_status.process_site                    PDBJ 
_pdbx_database_status.status_code_sf                  REL 
_pdbx_database_status.status_code_mr                  ? 
_pdbx_database_status.SG_entry                        ? 
_pdbx_database_status.pdb_format_compatible           Y 
_pdbx_database_status.status_code_cs                  ? 
_pdbx_database_status.status_code_nmr_data            ? 
_pdbx_database_status.methods_development_category    ? 
# 
_pdbx_database_related.db_name        PDB 
_pdbx_database_related.db_id          2ZHH 
_pdbx_database_related.details        'the same protein without DNA' 
_pdbx_database_related.content_type   unspecified 
# 
loop_
_audit_author.name 
_audit_author.pdbx_ordinal 
'Watanabe, S.'  1 
'Kita, A.'      2 
'Kobayashi, K.' 3 
'Miki, K.'      4 
# 
_citation.id                        primary 
_citation.title                     'Crystal structure of the [2Fe-2S] oxidative-stress sensor SoxR bound to DNA' 
_citation.journal_abbrev            Proc.Natl.Acad.Sci.Usa 
_citation.journal_volume            105 
_citation.page_first                4121 
_citation.page_last                 4126 
_citation.year                      2008 
_citation.journal_id_ASTM           PNASA6 
_citation.country                   US 
_citation.journal_id_ISSN           0027-8424 
_citation.journal_id_CSD            0040 
_citation.book_publisher            ? 
_citation.pdbx_database_id_PubMed   18334645 
_citation.pdbx_database_id_DOI      10.1073/pnas.0709188105 
# 
loop_
_citation_author.citation_id 
_citation_author.name 
_citation_author.ordinal 
_citation_author.identifier_ORCID 
primary 'Watanabe, S.'  1 ? 
primary 'Kita, A.'      2 ? 
primary 'Kobayashi, K.' 3 ? 
primary 'Miki, K.'      4 ? 
# 
loop_
_entity.id 
_entity.type 
_entity.src_method 
_entity.pdbx_description 
_entity.formula_weight 
_entity.pdbx_number_of_molecules 
_entity.pdbx_ec 
_entity.pdbx_mutation 
_entity.pdbx_fragment 
_entity.details 
1 polymer     syn 
;DNA (5'-D(*DGP*DCP*DCP*DTP*DCP*DAP*DAP*DGP*DTP*DTP*DAP*DAP*DCP*DTP*DTP*DGP*DAP*DGP*DGP*DC)-3')
;
6133.979  1  ? ? ? ? 
2 polymer     man 'Redox-sensitive transcriptional activator soxR'                                                 17177.752 1  ? 
? ? ? 
3 non-polymer syn 'FE2/S2 (INORGANIC) CLUSTER'                                                                     175.820   1  ? 
? ? ? 
4 non-polymer syn 2,3-DIHYDROXY-1,4-DITHIOBUTANE                                                                   154.251   1  ? 
? ? ? 
5 non-polymer syn GLYCEROL                                                                                         92.094    1  ? 
? ? ? 
6 water       nat water                                                                                            18.015    22 ? 
? ? ? 
# 
loop_
_entity_poly.entity_id 
_entity_poly.type 
_entity_poly.nstd_linkage 
_entity_poly.nstd_monomer 
_entity_poly.pdbx_seq_one_letter_code 
_entity_poly.pdbx_seq_one_letter_code_can 
_entity_poly.pdbx_strand_id 
_entity_poly.pdbx_target_identifier 
1 polydeoxyribonucleotide no no '(DG)(DC)(DC)(DT)(DC)(DA)(DA)(DG)(DT)(DT)(DA)(DA)(DC)(DT)(DT)(DG)(DA)(DG)(DG)(DC)' 
GCCTCAAGTTAACTTGAGGC B ? 
2 'polypeptide(L)'        no no 
;MEKKLPRIKALLTPGEVAKRSGVAVSALHFYESKGLITSIRNSGNQRRYKRDVLRYVAIIKIAQRIGIPLATIGEAFGVL
PEGHTLSAKEWKQLSSQWREELDRRIHTLVALRDELDGCIGCGCLSRSDCPLRNPGDRLGEEGTGARLLEDEQN
;
;MEKKLPRIKALLTPGEVAKRSGVAVSALHFYESKGLITSIRNSGNQRRYKRDVLRYVAIIKIAQRIGIPLATIGEAFGVL
PEGHTLSAKEWKQLSSQWREELDRRIHTLVALRDELDGCIGCGCLSRSDCPLRNPGDRLGEEGTGARLLEDEQN
;
A ? 
# 
loop_
_pdbx_entity_nonpoly.entity_id 
_pdbx_entity_nonpoly.name 
_pdbx_entity_nonpoly.comp_id 
3 'FE2/S2 (INORGANIC) CLUSTER'   FES 
4 2,3-DIHYDROXY-1,4-DITHIOBUTANE DTT 
5 GLYCEROL                       GOL 
6 water                          HOH 
# 
loop_
_entity_poly_seq.entity_id 
_entity_poly_seq.num 
_entity_poly_seq.mon_id 
_entity_poly_seq.hetero 
1 1   DG  n 
1 2   DC  n 
1 3   DC  n 
1 4   DT  n 
1 5   DC  n 
1 6   DA  n 
1 7   DA  n 
1 8   DG  n 
1 9   DT  n 
1 10  DT  n 
1 11  DA  n 
1 12  DA  n 
1 13  DC  n 
1 14  DT  n 
1 15  DT  n 
1 16  DG  n 
1 17  DA  n 
1 18  DG  n 
1 19  DG  n 
1 20  DC  n 
2 1   MET n 
2 2   GLU n 
2 3   LYS n 
2 4   LYS n 
2 5   LEU n 
2 6   PRO n 
2 7   ARG n 
2 8   ILE n 
2 9   LYS n 
2 10  ALA n 
2 11  LEU n 
2 12  LEU n 
2 13  THR n 
2 14  PRO n 
2 15  GLY n 
2 16  GLU n 
2 17  VAL n 
2 18  ALA n 
2 19  LYS n 
2 20  ARG n 
2 21  SER n 
2 22  GLY n 
2 23  VAL n 
2 24  ALA n 
2 25  VAL n 
2 26  SER n 
2 27  ALA n 
2 28  LEU n 
2 29  HIS n 
2 30  PHE n 
2 31  TYR n 
2 32  GLU n 
2 33  SER n 
2 34  LYS n 
2 35  GLY n 
2 36  LEU n 
2 37  ILE n 
2 38  THR n 
2 39  SER n 
2 40  ILE n 
2 41  ARG n 
2 42  ASN n 
2 43  SER n 
2 44  GLY n 
2 45  ASN n 
2 46  GLN n 
2 47  ARG n 
2 48  ARG n 
2 49  TYR n 
2 50  LYS n 
2 51  ARG n 
2 52  ASP n 
2 53  VAL n 
2 54  LEU n 
2 55  ARG n 
2 56  TYR n 
2 57  VAL n 
2 58  ALA n 
2 59  ILE n 
2 60  ILE n 
2 61  LYS n 
2 62  ILE n 
2 63  ALA n 
2 64  GLN n 
2 65  ARG n 
2 66  ILE n 
2 67  GLY n 
2 68  ILE n 
2 69  PRO n 
2 70  LEU n 
2 71  ALA n 
2 72  THR n 
2 73  ILE n 
2 74  GLY n 
2 75  GLU n 
2 76  ALA n 
2 77  PHE n 
2 78  GLY n 
2 79  VAL n 
2 80  LEU n 
2 81  PRO n 
2 82  GLU n 
2 83  GLY n 
2 84  HIS n 
2 85  THR n 
2 86  LEU n 
2 87  SER n 
2 88  ALA n 
2 89  LYS n 
2 90  GLU n 
2 91  TRP n 
2 92  LYS n 
2 93  GLN n 
2 94  LEU n 
2 95  SER n 
2 96  SER n 
2 97  GLN n 
2 98  TRP n 
2 99  ARG n 
2 100 GLU n 
2 101 GLU n 
2 102 LEU n 
2 103 ASP n 
2 104 ARG n 
2 105 ARG n 
2 106 ILE n 
2 107 HIS n 
2 108 THR n 
2 109 LEU n 
2 110 VAL n 
2 111 ALA n 
2 112 LEU n 
2 113 ARG n 
2 114 ASP n 
2 115 GLU n 
2 116 LEU n 
2 117 ASP n 
2 118 GLY n 
2 119 CYS n 
2 120 ILE n 
2 121 GLY n 
2 122 CYS n 
2 123 GLY n 
2 124 CYS n 
2 125 LEU n 
2 126 SER n 
2 127 ARG n 
2 128 SER n 
2 129 ASP n 
2 130 CYS n 
2 131 PRO n 
2 132 LEU n 
2 133 ARG n 
2 134 ASN n 
2 135 PRO n 
2 136 GLY n 
2 137 ASP n 
2 138 ARG n 
2 139 LEU n 
2 140 GLY n 
2 141 GLU n 
2 142 GLU n 
2 143 GLY n 
2 144 THR n 
2 145 GLY n 
2 146 ALA n 
2 147 ARG n 
2 148 LEU n 
2 149 LEU n 
2 150 GLU n 
2 151 ASP n 
2 152 GLU n 
2 153 GLN n 
2 154 ASN n 
# 
_entity_src_gen.entity_id                          2 
_entity_src_gen.pdbx_src_id                        1 
_entity_src_gen.pdbx_alt_source_flag               sample 
_entity_src_gen.pdbx_seq_type                      ? 
_entity_src_gen.pdbx_beg_seq_num                   ? 
_entity_src_gen.pdbx_end_seq_num                   ? 
_entity_src_gen.gene_src_common_name               ? 
_entity_src_gen.gene_src_genus                     Escherichia 
_entity_src_gen.pdbx_gene_src_gene                 soxR 
_entity_src_gen.gene_src_species                   'Escherichia coli' 
_entity_src_gen.gene_src_strain                    K12 
_entity_src_gen.gene_src_tissue                    ? 
_entity_src_gen.gene_src_tissue_fraction           ? 
_entity_src_gen.gene_src_details                   ? 
_entity_src_gen.pdbx_gene_src_fragment             ? 
_entity_src_gen.pdbx_gene_src_scientific_name      'Escherichia coli' 
_entity_src_gen.pdbx_gene_src_ncbi_taxonomy_id     83333 
_entity_src_gen.pdbx_gene_src_variant              ? 
_entity_src_gen.pdbx_gene_src_cell_line            ? 
_entity_src_gen.pdbx_gene_src_atcc                 ? 
_entity_src_gen.pdbx_gene_src_organ                ? 
_entity_src_gen.pdbx_gene_src_organelle            ? 
_entity_src_gen.pdbx_gene_src_cell                 ? 
_entity_src_gen.pdbx_gene_src_cellular_location    ? 
_entity_src_gen.host_org_common_name               ? 
_entity_src_gen.pdbx_host_org_scientific_name      'Escherichia coli' 
_entity_src_gen.pdbx_host_org_ncbi_taxonomy_id     562 
_entity_src_gen.host_org_genus                     Escherichia 
_entity_src_gen.pdbx_host_org_gene                 ? 
_entity_src_gen.pdbx_host_org_organ                ? 
_entity_src_gen.host_org_species                   ? 
_entity_src_gen.pdbx_host_org_tissue               ? 
_entity_src_gen.pdbx_host_org_tissue_fraction      ? 
_entity_src_gen.pdbx_host_org_strain               ? 
_entity_src_gen.pdbx_host_org_variant              ? 
_entity_src_gen.pdbx_host_org_cell_line            ? 
_entity_src_gen.pdbx_host_org_atcc                 ? 
_entity_src_gen.pdbx_host_org_culture_collection   ? 
_entity_src_gen.pdbx_host_org_cell                 ? 
_entity_src_gen.pdbx_host_org_organelle            ? 
_entity_src_gen.pdbx_host_org_cellular_location    ? 
_entity_src_gen.pdbx_host_org_vector_type          plasmid 
_entity_src_gen.pdbx_host_org_vector               ? 
_entity_src_gen.host_org_details                   ? 
_entity_src_gen.expression_system_id               ? 
_entity_src_gen.plasmid_name                       pET-3Xa 
_entity_src_gen.plasmid_details                    ? 
_entity_src_gen.pdbx_description                   ? 
# 
loop_
_chem_comp.id 
_chem_comp.type 
_chem_comp.mon_nstd_flag 
_chem_comp.name 
_chem_comp.pdbx_synonyms 
_chem_comp.formula 
_chem_comp.formula_weight 
ALA 'L-peptide linking' y ALANINE                              ?                               'C3 H7 N O2'      89.093  
ARG 'L-peptide linking' y ARGININE                             ?                               'C6 H15 N4 O2 1'  175.209 
ASN 'L-peptide linking' y ASPARAGINE                           ?                               'C4 H8 N2 O3'     132.118 
ASP 'L-peptide linking' y 'ASPARTIC ACID'                      ?                               'C4 H7 N O4'      133.103 
CYS 'L-peptide linking' y CYSTEINE                             ?                               'C3 H7 N O2 S'    121.158 
DA  'DNA linking'       y "2'-DEOXYADENOSINE-5'-MONOPHOSPHATE" ?                               'C10 H14 N5 O6 P' 331.222 
DC  'DNA linking'       y "2'-DEOXYCYTIDINE-5'-MONOPHOSPHATE"  ?                               'C9 H14 N3 O7 P'  307.197 
DG  'DNA linking'       y "2'-DEOXYGUANOSINE-5'-MONOPHOSPHATE" ?                               'C10 H14 N5 O7 P' 347.221 
DT  'DNA linking'       y "THYMIDINE-5'-MONOPHOSPHATE"         ?                               'C10 H15 N2 O8 P' 322.208 
DTT non-polymer         . 2,3-DIHYDROXY-1,4-DITHIOBUTANE       1,4-DITHIOTHREITOL              'C4 H10 O2 S2'    154.251 
FES non-polymer         . 'FE2/S2 (INORGANIC) CLUSTER'         ?                               'Fe2 S2'          175.820 
GLN 'L-peptide linking' y GLUTAMINE                            ?                               'C5 H10 N2 O3'    146.144 
GLU 'L-peptide linking' y 'GLUTAMIC ACID'                      ?                               'C5 H9 N O4'      147.129 
GLY 'peptide linking'   y GLYCINE                              ?                               'C2 H5 N O2'      75.067  
GOL non-polymer         . GLYCEROL                             'GLYCERIN; PROPANE-1,2,3-TRIOL' 'C3 H8 O3'        92.094  
HIS 'L-peptide linking' y HISTIDINE                            ?                               'C6 H10 N3 O2 1'  156.162 
HOH non-polymer         . WATER                                ?                               'H2 O'            18.015  
ILE 'L-peptide linking' y ISOLEUCINE                           ?                               'C6 H13 N O2'     131.173 
LEU 'L-peptide linking' y LEUCINE                              ?                               'C6 H13 N O2'     131.173 
LYS 'L-peptide linking' y LYSINE                               ?                               'C6 H15 N2 O2 1'  147.195 
MET 'L-peptide linking' y METHIONINE                           ?                               'C5 H11 N O2 S'   149.211 
PHE 'L-peptide linking' y PHENYLALANINE                        ?                               'C9 H11 N O2'     165.189 
PRO 'L-peptide linking' y PROLINE                              ?                               'C5 H9 N O2'      115.130 
SER 'L-peptide linking' y SERINE                               ?                               'C3 H7 N O3'      105.093 
THR 'L-peptide linking' y THREONINE                            ?                               'C4 H9 N O3'      119.119 
TRP 'L-peptide linking' y TRYPTOPHAN                           ?                               'C11 H12 N2 O2'   204.225 
TYR 'L-peptide linking' y TYROSINE                             ?                               'C9 H11 N O3'     181.189 
VAL 'L-peptide linking' y VALINE                               ?                               'C5 H11 N O2'     117.146 
# 
loop_
_pdbx_poly_seq_scheme.asym_id 
_pdbx_poly_seq_scheme.entity_id 
_pdbx_poly_seq_scheme.seq_id 
_pdbx_poly_seq_scheme.mon_id 
_pdbx_poly_seq_scheme.ndb_seq_num 
_pdbx_poly_seq_scheme.pdb_seq_num 
_pdbx_poly_seq_scheme.auth_seq_num 
_pdbx_poly_seq_scheme.pdb_mon_id 
_pdbx_poly_seq_scheme.auth_mon_id 
_pdbx_poly_seq_scheme.pdb_strand_id 
_pdbx_poly_seq_scheme.pdb_ins_code 
_pdbx_poly_seq_scheme.hetero 
A 1 1   DG  1   1   1   DG  DG  B . n 
A 1 2   DC  2   2   2   DC  DC  B . n 
A 1 3   DC  3   3   3   DC  DC  B . n 
A 1 4   DT  4   4   4   DT  DT  B . n 
A 1 5   DC  5   5   5   DC  DC  B . n 
A 1 6   DA  6   6   6   DA  DA  B . n 
A 1 7   DA  7   7   7   DA  DA  B . n 
A 1 8   DG  8   8   8   DG  DG  B . n 
A 1 9   DT  9   9   9   DT  DT  B . n 
A 1 10  DT  10  10  10  DT  DT  B . n 
A 1 11  DA  11  11  11  DA  DA  B . n 
A 1 12  DA  12  12  12  DA  DA  B . n 
A 1 13  DC  13  13  13  DC  DC  B . n 
A 1 14  DT  14  14  14  DT  DT  B . n 
A 1 15  DT  15  15  15  DT  DT  B . n 
A 1 16  DG  16  16  16  DG  DG  B . n 
A 1 17  DA  17  17  17  DA  DA  B . n 
A 1 18  DG  18  18  18  DG  DG  B . n 
A 1 19  DG  19  19  19  DG  DG  B . n 
A 1 20  DC  20  20  20  DC  DC  B . n 
B 2 1   MET 1   1   ?   ?   ?   A . n 
B 2 2   GLU 2   2   ?   ?   ?   A . n 
B 2 3   LYS 3   3   ?   ?   ?   A . n 
B 2 4   LYS 4   4   ?   ?   ?   A . n 
B 2 5   LEU 5   5   ?   ?   ?   A . n 
B 2 6   PRO 6   6   ?   ?   ?   A . n 
B 2 7   ARG 7   7   ?   ?   ?   A . n 
B 2 8   ILE 8   8   ?   ?   ?   A . n 
B 2 9   LYS 9   9   ?   ?   ?   A . n 
B 2 10  ALA 10  10  10  ALA ALA A . n 
B 2 11  LEU 11  11  11  LEU LEU A . n 
B 2 12  LEU 12  12  12  LEU LEU A . n 
B 2 13  THR 13  13  13  THR THR A . n 
B 2 14  PRO 14  14  14  PRO PRO A . n 
B 2 15  GLY 15  15  15  GLY GLY A . n 
B 2 16  GLU 16  16  16  GLU GLU A . n 
B 2 17  VAL 17  17  17  VAL VAL A . n 
B 2 18  ALA 18  18  18  ALA ALA A . n 
B 2 19  LYS 19  19  19  LYS ALA A . n 
B 2 20  ARG 20  20  20  ARG ARG A . n 
B 2 21  SER 21  21  21  SER SER A . n 
B 2 22  GLY 22  22  22  GLY GLY A . n 
B 2 23  VAL 23  23  23  VAL VAL A . n 
B 2 24  ALA 24  24  24  ALA ALA A . n 
B 2 25  VAL 25  25  25  VAL VAL A . n 
B 2 26  SER 26  26  26  SER SER A . n 
B 2 27  ALA 27  27  27  ALA ALA A . n 
B 2 28  LEU 28  28  28  LEU LEU A . n 
B 2 29  HIS 29  29  29  HIS HIS A . n 
B 2 30  PHE 30  30  30  PHE PHE A . n 
B 2 31  TYR 31  31  31  TYR TYR A . n 
B 2 32  GLU 32  32  32  GLU GLU A . n 
B 2 33  SER 33  33  33  SER SER A . n 
B 2 34  LYS 34  34  34  LYS LYS A . n 
B 2 35  GLY 35  35  35  GLY GLY A . n 
B 2 36  LEU 36  36  36  LEU LEU A . n 
B 2 37  ILE 37  37  37  ILE ILE A . n 
B 2 38  THR 38  38  38  THR THR A . n 
B 2 39  SER 39  39  39  SER SER A . n 
B 2 40  ILE 40  40  40  ILE ILE A . n 
B 2 41  ARG 41  41  41  ARG ARG A . n 
B 2 42  ASN 42  42  42  ASN ASN A . n 
B 2 43  SER 43  43  43  SER SER A . n 
B 2 44  GLY 44  44  44  GLY GLY A . n 
B 2 45  ASN 45  45  45  ASN ASN A . n 
B 2 46  GLN 46  46  46  GLN GLN A . n 
B 2 47  ARG 47  47  47  ARG ARG A . n 
B 2 48  ARG 48  48  48  ARG ARG A . n 
B 2 49  TYR 49  49  49  TYR TYR A . n 
B 2 50  LYS 50  50  50  LYS LYS A . n 
B 2 51  ARG 51  51  51  ARG ARG A . n 
B 2 52  ASP 52  52  52  ASP ASP A . n 
B 2 53  VAL 53  53  53  VAL VAL A . n 
B 2 54  LEU 54  54  54  LEU LEU A . n 
B 2 55  ARG 55  55  55  ARG ARG A . n 
B 2 56  TYR 56  56  56  TYR TYR A . n 
B 2 57  VAL 57  57  57  VAL VAL A . n 
B 2 58  ALA 58  58  58  ALA ALA A . n 
B 2 59  ILE 59  59  59  ILE ILE A . n 
B 2 60  ILE 60  60  60  ILE ILE A . n 
B 2 61  LYS 61  61  61  LYS LYS A . n 
B 2 62  ILE 62  62  62  ILE ILE A . n 
B 2 63  ALA 63  63  63  ALA ALA A . n 
B 2 64  GLN 64  64  64  GLN GLN A . n 
B 2 65  ARG 65  65  65  ARG ARG A . n 
B 2 66  ILE 66  66  66  ILE ILE A . n 
B 2 67  GLY 67  67  67  GLY GLY A . n 
B 2 68  ILE 68  68  68  ILE ILE A . n 
B 2 69  PRO 69  69  69  PRO PRO A . n 
B 2 70  LEU 70  70  70  LEU LEU A . n 
B 2 71  ALA 71  71  71  ALA ALA A . n 
B 2 72  THR 72  72  72  THR THR A . n 
B 2 73  ILE 73  73  73  ILE ILE A . n 
B 2 74  GLY 74  74  74  GLY GLY A . n 
B 2 75  GLU 75  75  75  GLU GLU A . n 
B 2 76  ALA 76  76  76  ALA ALA A . n 
B 2 77  PHE 77  77  77  PHE PHE A . n 
B 2 78  GLY 78  78  78  GLY GLY A . n 
B 2 79  VAL 79  79  79  VAL VAL A . n 
B 2 80  LEU 80  80  ?   ?   ?   A . n 
B 2 81  PRO 81  81  ?   ?   ?   A . n 
B 2 82  GLU 82  82  ?   ?   ?   A . n 
B 2 83  GLY 83  83  ?   ?   ?   A . n 
B 2 84  HIS 84  84  ?   ?   ?   A . n 
B 2 85  THR 85  85  85  THR ALA A . n 
B 2 86  LEU 86  86  86  LEU LEU A . n 
B 2 87  SER 87  87  87  SER SER A . n 
B 2 88  ALA 88  88  88  ALA ALA A . n 
B 2 89  LYS 89  89  89  LYS ALA A . n 
B 2 90  GLU 90  90  90  GLU ALA A . n 
B 2 91  TRP 91  91  91  TRP TRP A . n 
B 2 92  LYS 92  92  92  LYS ALA A . n 
B 2 93  GLN 93  93  93  GLN ALA A . n 
B 2 94  LEU 94  94  94  LEU LEU A . n 
B 2 95  SER 95  95  95  SER SER A . n 
B 2 96  SER 96  96  96  SER SER A . n 
B 2 97  GLN 97  97  97  GLN GLN A . n 
B 2 98  TRP 98  98  98  TRP TRP A . n 
B 2 99  ARG 99  99  99  ARG ARG A . n 
B 2 100 GLU 100 100 100 GLU GLU A . n 
B 2 101 GLU 101 101 101 GLU GLU A . n 
B 2 102 LEU 102 102 102 LEU LEU A . n 
B 2 103 ASP 103 103 103 ASP ASP A . n 
B 2 104 ARG 104 104 104 ARG ALA A . n 
B 2 105 ARG 105 105 105 ARG ARG A . n 
B 2 106 ILE 106 106 106 ILE ILE A . n 
B 2 107 HIS 107 107 107 HIS HIS A . n 
B 2 108 THR 108 108 108 THR THR A . n 
B 2 109 LEU 109 109 109 LEU LEU A . n 
B 2 110 VAL 110 110 110 VAL VAL A . n 
B 2 111 ALA 111 111 111 ALA ALA A . n 
B 2 112 LEU 112 112 112 LEU LEU A . n 
B 2 113 ARG 113 113 113 ARG ARG A . n 
B 2 114 ASP 114 114 114 ASP ASP A . n 
B 2 115 GLU 115 115 115 GLU GLU A . n 
B 2 116 LEU 116 116 116 LEU LEU A . n 
B 2 117 ASP 117 117 117 ASP ASP A . n 
B 2 118 GLY 118 118 118 GLY GLY A . n 
B 2 119 CYS 119 119 119 CYS CYS A . n 
B 2 120 ILE 120 120 120 ILE ILE A . n 
B 2 121 GLY 121 121 121 GLY GLY A . n 
B 2 122 CYS 122 122 122 CYS CYS A . n 
B 2 123 GLY 123 123 123 GLY GLY A . n 
B 2 124 CYS 124 124 124 CYS CYS A . n 
B 2 125 LEU 125 125 125 LEU LEU A . n 
B 2 126 SER 126 126 126 SER ALA A . n 
B 2 127 ARG 127 127 127 ARG ARG A . n 
B 2 128 SER 128 128 128 SER ALA A . n 
B 2 129 ASP 129 129 129 ASP ASP A . n 
B 2 130 CYS 130 130 130 CYS CYS A . n 
B 2 131 PRO 131 131 131 PRO PRO A . n 
B 2 132 LEU 132 132 132 LEU LEU A . n 
B 2 133 ARG 133 133 133 ARG ARG A . n 
B 2 134 ASN 134 134 134 ASN ASN A . n 
B 2 135 PRO 135 135 135 PRO PRO A . n 
B 2 136 GLY 136 136 ?   ?   ?   A . n 
B 2 137 ASP 137 137 ?   ?   ?   A . n 
B 2 138 ARG 138 138 ?   ?   ?   A . n 
B 2 139 LEU 139 139 ?   ?   ?   A . n 
B 2 140 GLY 140 140 ?   ?   ?   A . n 
B 2 141 GLU 141 141 ?   ?   ?   A . n 
B 2 142 GLU 142 142 ?   ?   ?   A . n 
B 2 143 GLY 143 143 ?   ?   ?   A . n 
B 2 144 THR 144 144 ?   ?   ?   A . n 
B 2 145 GLY 145 145 ?   ?   ?   A . n 
B 2 146 ALA 146 146 ?   ?   ?   A . n 
B 2 147 ARG 147 147 ?   ?   ?   A . n 
B 2 148 LEU 148 148 ?   ?   ?   A . n 
B 2 149 LEU 149 149 ?   ?   ?   A . n 
B 2 150 GLU 150 150 ?   ?   ?   A . n 
B 2 151 ASP 151 151 ?   ?   ?   A . n 
B 2 152 GLU 152 152 ?   ?   ?   A . n 
B 2 153 GLN 153 153 ?   ?   ?   A . n 
B 2 154 ASN 154 154 ?   ?   ?   A . n 
# 
loop_
_pdbx_nonpoly_scheme.asym_id 
_pdbx_nonpoly_scheme.entity_id 
_pdbx_nonpoly_scheme.mon_id 
_pdbx_nonpoly_scheme.ndb_seq_num 
_pdbx_nonpoly_scheme.pdb_seq_num 
_pdbx_nonpoly_scheme.auth_seq_num 
_pdbx_nonpoly_scheme.pdb_mon_id 
_pdbx_nonpoly_scheme.auth_mon_id 
_pdbx_nonpoly_scheme.pdb_strand_id 
_pdbx_nonpoly_scheme.pdb_ins_code 
C 3 FES 1  501 501 FES FES A . 
D 4 DTT 1  901 901 DTT DTT A . 
E 5 GOL 1  801 801 GOL GOL A . 
F 6 HOH 1  21  5   HOH HOH B . 
F 6 HOH 2  22  7   HOH HOH B . 
F 6 HOH 3  23  12  HOH HOH B . 
F 6 HOH 4  24  13  HOH HOH B . 
F 6 HOH 5  25  18  HOH HOH B . 
F 6 HOH 6  26  19  HOH HOH B . 
F 6 HOH 7  27  26  HOH HOH B . 
F 6 HOH 8  28  29  HOH HOH B . 
F 6 HOH 9  29  34  HOH HOH B . 
F 6 HOH 10 30  44  HOH HOH B . 
F 6 HOH 11 31  51  HOH HOH B . 
G 6 HOH 1  902 1   HOH HOH A . 
G 6 HOH 2  903 3   HOH HOH A . 
G 6 HOH 3  904 15  HOH HOH A . 
G 6 HOH 4  905 24  HOH HOH A . 
G 6 HOH 5  906 28  HOH HOH A . 
G 6 HOH 6  907 30  HOH HOH A . 
G 6 HOH 7  908 31  HOH HOH A . 
G 6 HOH 8  909 32  HOH HOH A . 
G 6 HOH 9  910 33  HOH HOH A . 
G 6 HOH 10 911 52  HOH HOH A . 
G 6 HOH 11 912 61  HOH HOH A . 
# 
loop_
_pdbx_unobs_or_zero_occ_atoms.id 
_pdbx_unobs_or_zero_occ_atoms.PDB_model_num 
_pdbx_unobs_or_zero_occ_atoms.polymer_flag 
_pdbx_unobs_or_zero_occ_atoms.occupancy_flag 
_pdbx_unobs_or_zero_occ_atoms.auth_asym_id 
_pdbx_unobs_or_zero_occ_atoms.auth_comp_id 
_pdbx_unobs_or_zero_occ_atoms.auth_seq_id 
_pdbx_unobs_or_zero_occ_atoms.PDB_ins_code 
_pdbx_unobs_or_zero_occ_atoms.auth_atom_id 
_pdbx_unobs_or_zero_occ_atoms.label_alt_id 
_pdbx_unobs_or_zero_occ_atoms.label_asym_id 
_pdbx_unobs_or_zero_occ_atoms.label_comp_id 
_pdbx_unobs_or_zero_occ_atoms.label_seq_id 
_pdbx_unobs_or_zero_occ_atoms.label_atom_id 
1  1 Y 1 A LYS 19  ? CG  ? B LYS 19  CG  
2  1 Y 1 A LYS 19  ? CD  ? B LYS 19  CD  
3  1 Y 1 A LYS 19  ? CE  ? B LYS 19  CE  
4  1 Y 1 A LYS 19  ? NZ  ? B LYS 19  NZ  
5  1 Y 1 A THR 85  ? OG1 ? B THR 85  OG1 
6  1 Y 1 A THR 85  ? CG2 ? B THR 85  CG2 
7  1 Y 1 A LYS 89  ? CG  ? B LYS 89  CG  
8  1 Y 1 A LYS 89  ? CD  ? B LYS 89  CD  
9  1 Y 1 A LYS 89  ? CE  ? B LYS 89  CE  
10 1 Y 1 A LYS 89  ? NZ  ? B LYS 89  NZ  
11 1 Y 1 A GLU 90  ? CG  ? B GLU 90  CG  
12 1 Y 1 A GLU 90  ? CD  ? B GLU 90  CD  
13 1 Y 1 A GLU 90  ? OE1 ? B GLU 90  OE1 
14 1 Y 1 A GLU 90  ? OE2 ? B GLU 90  OE2 
15 1 Y 1 A LYS 92  ? CG  ? B LYS 92  CG  
16 1 Y 1 A LYS 92  ? CD  ? B LYS 92  CD  
17 1 Y 1 A LYS 92  ? CE  ? B LYS 92  CE  
18 1 Y 1 A LYS 92  ? NZ  ? B LYS 92  NZ  
19 1 Y 1 A GLN 93  ? CG  ? B GLN 93  CG  
20 1 Y 1 A GLN 93  ? CD  ? B GLN 93  CD  
21 1 Y 1 A GLN 93  ? OE1 ? B GLN 93  OE1 
22 1 Y 1 A GLN 93  ? NE2 ? B GLN 93  NE2 
23 1 Y 1 A ARG 104 ? CG  ? B ARG 104 CG  
24 1 Y 1 A ARG 104 ? CD  ? B ARG 104 CD  
25 1 Y 1 A ARG 104 ? NE  ? B ARG 104 NE  
26 1 Y 1 A ARG 104 ? CZ  ? B ARG 104 CZ  
27 1 Y 1 A ARG 104 ? NH1 ? B ARG 104 NH1 
28 1 Y 1 A ARG 104 ? NH2 ? B ARG 104 NH2 
29 1 Y 1 A SER 126 ? OG  ? B SER 126 OG  
30 1 Y 1 A SER 128 ? OG  ? B SER 128 OG  
# 
loop_
_software.name 
_software.classification 
_software.version 
_software.citation_id 
_software.pdbx_ordinal 
CNS      refinement        1.1 ? 1 
HKL-2000 'data collection' .   ? 2 
HKL-2000 'data reduction'  .   ? 3 
HKL-2000 'data scaling'    .   ? 4 
SOLVE    phasing           .   ? 5 
# 
_cell.entry_id           2ZHG 
_cell.length_a           53.374 
_cell.length_b           53.374 
_cell.length_c           355.159 
_cell.angle_alpha        90.00 
_cell.angle_beta         90.00 
_cell.angle_gamma        120.00 
_cell.Z_PDB              12 
_cell.pdbx_unique_axis   ? 
_cell.length_a_esd       ? 
_cell.length_b_esd       ? 
_cell.length_c_esd       ? 
_cell.angle_alpha_esd    ? 
_cell.angle_beta_esd     ? 
_cell.angle_gamma_esd    ? 
# 
_symmetry.entry_id                         2ZHG 
_symmetry.space_group_name_H-M             'P 61 2 2' 
_symmetry.pdbx_full_space_group_name_H-M   ? 
_symmetry.cell_setting                     ? 
_symmetry.Int_Tables_number                178 
_symmetry.space_group_name_Hall            ? 
# 
_exptl.entry_id          2ZHG 
_exptl.method            'X-RAY DIFFRACTION' 
_exptl.crystals_number   8 
# 
_exptl_crystal.id                    1 
_exptl_crystal.density_meas          ? 
_exptl_crystal.density_Matthews      3.13 
_exptl_crystal.density_percent_sol   60.73 
_exptl_crystal.description           ? 
_exptl_crystal.F_000                 ? 
_exptl_crystal.preparation           ? 
# 
_exptl_crystal_grow.crystal_id      1 
_exptl_crystal_grow.method          'VAPOR DIFFUSION, SITTING DROP' 
_exptl_crystal_grow.temp            277 
_exptl_crystal_grow.temp_details    ? 
_exptl_crystal_grow.pH              6.8 
_exptl_crystal_grow.pdbx_details    
'50mM Bis-Tris pH 6.6-6.8, 0.3M K/Na tartrate, 15% (w/v) PEG 10000, VAPOR DIFFUSION, SITTING DROP, temperature 277K' 
_exptl_crystal_grow.pdbx_pH_range   . 
# 
loop_
_exptl_crystal_grow_comp.crystal_id 
_exptl_crystal_grow_comp.id 
_exptl_crystal_grow_comp.sol_id 
_exptl_crystal_grow_comp.name 
_exptl_crystal_grow_comp.volume 
_exptl_crystal_grow_comp.conc 
_exptl_crystal_grow_comp.details 
1 1 1 Bis-Tris        ? ? ? 
1 2 1 'K/Na tartrate' ? ? ? 
1 3 1 'PEG 10000'     ? ? ? 
1 4 1 HOH             ? ? ? 
1 5 2 Bis-Tris        ? ? ? 
1 6 2 'K/Na tartrate' ? ? ? 
1 7 2 'PEG 10000'     ? ? ? 
1 8 2 HOH             ? ? ? 
# 
_diffrn.id                     1 
_diffrn.ambient_temp           100 
_diffrn.ambient_temp_details   ? 
_diffrn.crystal_id             1 
# 
_diffrn_detector.diffrn_id              1 
_diffrn_detector.detector               CCD 
_diffrn_detector.type                   'ADSC QUANTUM 210' 
_diffrn_detector.pdbx_collection_date   2006-06-29 
_diffrn_detector.details                ? 
# 
_diffrn_radiation.diffrn_id                        1 
_diffrn_radiation.wavelength_id                    1 
_diffrn_radiation.pdbx_monochromatic_or_laue_m_l   M 
_diffrn_radiation.monochromator                    ? 
_diffrn_radiation.pdbx_diffrn_protocol             'SINGLE WAVELENGTH' 
_diffrn_radiation.pdbx_scattering_type             x-ray 
# 
_diffrn_radiation_wavelength.id           1 
_diffrn_radiation_wavelength.wavelength   1.0000 
_diffrn_radiation_wavelength.wt           1.0 
# 
_diffrn_source.diffrn_id                   1 
_diffrn_source.source                      SYNCHROTRON 
_diffrn_source.type                        'SPRING-8 BEAMLINE BL44B2' 
_diffrn_source.pdbx_synchrotron_site       SPring-8 
_diffrn_source.pdbx_synchrotron_beamline   BL44B2 
_diffrn_source.pdbx_wavelength             ? 
_diffrn_source.pdbx_wavelength_list        1.0000 
# 
_reflns.entry_id                     2ZHG 
_reflns.observed_criterion_sigma_I   -3 
_reflns.observed_criterion_sigma_F   0 
_reflns.d_resolution_low             50 
_reflns.d_resolution_high            2.80 
_reflns.number_obs                   7602 
_reflns.number_all                   7602 
_reflns.percent_possible_obs         91.1 
_reflns.pdbx_Rmerge_I_obs            0.104 
_reflns.pdbx_Rsym_value              ? 
_reflns.pdbx_netI_over_sigmaI        13.0 
_reflns.B_iso_Wilson_estimate        36.2 
_reflns.pdbx_redundancy              5.6 
_reflns.R_free_details               ? 
_reflns.pdbx_chi_squared             ? 
_reflns.pdbx_scaling_rejects         ? 
_reflns.pdbx_ordinal                 1 
_reflns.pdbx_diffrn_id               1 
# 
_reflns_shell.d_res_high             2.80 
_reflns_shell.d_res_low              2.93 
_reflns_shell.percent_possible_all   58.4 
_reflns_shell.Rmerge_I_obs           0.459 
_reflns_shell.pdbx_Rsym_value        ? 
_reflns_shell.meanI_over_sigI_obs    2.6 
_reflns_shell.pdbx_redundancy        ? 
_reflns_shell.percent_possible_obs   ? 
_reflns_shell.number_unique_all      ? 
_reflns_shell.number_measured_all    ? 
_reflns_shell.number_measured_obs    ? 
_reflns_shell.number_unique_obs      ? 
_reflns_shell.pdbx_chi_squared       ? 
_reflns_shell.pdbx_ordinal           1 
_reflns_shell.pdbx_diffrn_id         1 
# 
_refine.entry_id                                 2ZHG 
_refine.ls_number_reflns_obs                     7518 
_refine.ls_number_reflns_all                     ? 
_refine.pdbx_ls_sigma_I                          ? 
_refine.pdbx_ls_sigma_F                          0.0 
_refine.pdbx_data_cutoff_high_absF               1347236.98 
_refine.pdbx_data_cutoff_low_absF                0.000000 
_refine.pdbx_data_cutoff_high_rms_absF           ? 
_refine.ls_d_res_low                             19.94 
_refine.ls_d_res_high                            2.80 
_refine.ls_percent_reflns_obs                    91.6 
_refine.ls_R_factor_obs                          0.243 
_refine.ls_R_factor_all                          ? 
_refine.ls_R_factor_R_work                       0.243 
_refine.ls_R_factor_R_free                       0.281 
_refine.ls_R_factor_R_free_error                 0.013 
_refine.ls_R_factor_R_free_error_details         ? 
_refine.ls_percent_reflns_R_free                 6.1 
_refine.ls_number_reflns_R_free                  455 
_refine.ls_number_parameters                     ? 
_refine.ls_number_restraints                     ? 
_refine.occupancy_min                            ? 
_refine.occupancy_max                            ? 
_refine.correlation_coeff_Fo_to_Fc               ? 
_refine.correlation_coeff_Fo_to_Fc_free          ? 
_refine.B_iso_mean                               84.4 
_refine.aniso_B[1][1]                            21.81 
_refine.aniso_B[2][2]                            21.81 
_refine.aniso_B[3][3]                            -43.63 
_refine.aniso_B[1][2]                            23.10 
_refine.aniso_B[1][3]                            0.00 
_refine.aniso_B[2][3]                            0.00 
_refine.solvent_model_details                    'FLAT MODEL' 
_refine.solvent_model_param_ksol                 0.304542 
_refine.solvent_model_param_bsol                 44.5842 
_refine.pdbx_solvent_vdw_probe_radii             ? 
_refine.pdbx_solvent_ion_probe_radii             ? 
_refine.pdbx_solvent_shrinkage_radii             ? 
_refine.pdbx_ls_cross_valid_method               THROUGHOUT 
_refine.details                                  ? 
_refine.pdbx_starting_model                      ? 
_refine.pdbx_method_to_determine_struct          SAD 
_refine.pdbx_isotropic_thermal_model             isotropic 
_refine.pdbx_stereochemistry_target_values       'Engh & Huber' 
_refine.pdbx_stereochem_target_val_spec_case     ? 
_refine.pdbx_R_Free_selection_details            RANDOM 
_refine.pdbx_overall_ESU_R                       ? 
_refine.pdbx_overall_ESU_R_Free                  ? 
_refine.overall_SU_ML                            ? 
_refine.overall_SU_B                             ? 
_refine.ls_redundancy_reflns_obs                 ? 
_refine.overall_SU_R_Cruickshank_DPI             ? 
_refine.overall_SU_R_free                        ? 
_refine.ls_wR_factor_R_free                      ? 
_refine.ls_wR_factor_R_work                      ? 
_refine.overall_FOM_free_R_set                   ? 
_refine.overall_FOM_work_R_set                   ? 
_refine.pdbx_overall_phase_error                 ? 
_refine.pdbx_refine_id                           'X-RAY DIFFRACTION' 
_refine.pdbx_diffrn_id                           1 
_refine.pdbx_TLS_residual_ADP_flag               ? 
_refine.pdbx_overall_SU_R_free_Cruickshank_DPI   ? 
_refine.pdbx_overall_SU_R_Blow_DPI               ? 
_refine.pdbx_overall_SU_R_free_Blow_DPI          ? 
# 
_refine_analyze.entry_id                        2ZHG 
_refine_analyze.Luzzati_coordinate_error_obs    0.49 
_refine_analyze.Luzzati_sigma_a_obs             0.78 
_refine_analyze.Luzzati_d_res_low_obs           5.00 
_refine_analyze.Luzzati_coordinate_error_free   0.60 
_refine_analyze.Luzzati_sigma_a_free            0.83 
_refine_analyze.Luzzati_d_res_low_free          ? 
_refine_analyze.number_disordered_residues      ? 
_refine_analyze.occupancy_sum_hydrogen          ? 
_refine_analyze.occupancy_sum_non_hydrogen      ? 
_refine_analyze.pdbx_refine_id                  'X-RAY DIFFRACTION' 
# 
_refine_hist.pdbx_refine_id                   'X-RAY DIFFRACTION' 
_refine_hist.cycle_id                         LAST 
_refine_hist.pdbx_number_atoms_protein        914 
_refine_hist.pdbx_number_atoms_nucleic_acid   407 
_refine_hist.pdbx_number_atoms_ligand         18 
_refine_hist.number_atoms_solvent             22 
_refine_hist.number_atoms_total               1361 
_refine_hist.d_res_high                       2.80 
_refine_hist.d_res_low                        19.94 
# 
loop_
_refine_ls_restr.type 
_refine_ls_restr.dev_ideal 
_refine_ls_restr.dev_ideal_target 
_refine_ls_restr.weight 
_refine_ls_restr.number 
_refine_ls_restr.pdbx_refine_id 
_refine_ls_restr.pdbx_restraint_function 
c_bond_d                0.006 ?    ? ? 'X-RAY DIFFRACTION' ? 
c_bond_d_na             ?     ?    ? ? 'X-RAY DIFFRACTION' ? 
c_bond_d_prot           ?     ?    ? ? 'X-RAY DIFFRACTION' ? 
c_angle_d               ?     ?    ? ? 'X-RAY DIFFRACTION' ? 
c_angle_d_na            ?     ?    ? ? 'X-RAY DIFFRACTION' ? 
c_angle_d_prot          ?     ?    ? ? 'X-RAY DIFFRACTION' ? 
c_angle_deg             1.3   ?    ? ? 'X-RAY DIFFRACTION' ? 
c_angle_deg_na          ?     ?    ? ? 'X-RAY DIFFRACTION' ? 
c_angle_deg_prot        ?     ?    ? ? 'X-RAY DIFFRACTION' ? 
c_dihedral_angle_d      20.3  ?    ? ? 'X-RAY DIFFRACTION' ? 
c_dihedral_angle_d_na   ?     ?    ? ? 'X-RAY DIFFRACTION' ? 
c_dihedral_angle_d_prot ?     ?    ? ? 'X-RAY DIFFRACTION' ? 
c_improper_angle_d      1.31  ?    ? ? 'X-RAY DIFFRACTION' ? 
c_improper_angle_d_na   ?     ?    ? ? 'X-RAY DIFFRACTION' ? 
c_improper_angle_d_prot ?     ?    ? ? 'X-RAY DIFFRACTION' ? 
c_mcbond_it             9.92  1.50 ? ? 'X-RAY DIFFRACTION' ? 
c_mcangle_it            10.05 2.00 ? ? 'X-RAY DIFFRACTION' ? 
c_scbond_it             8.59  2.00 ? ? 'X-RAY DIFFRACTION' ? 
c_scangle_it            10.55 2.50 ? ? 'X-RAY DIFFRACTION' ? 
# 
_refine_ls_shell.pdbx_total_number_of_bins_used   6 
_refine_ls_shell.d_res_high                       2.80 
_refine_ls_shell.d_res_low                        2.97 
_refine_ls_shell.number_reflns_R_work             729 
_refine_ls_shell.R_factor_R_work                  0.451 
_refine_ls_shell.percent_reflns_obs               59.8 
_refine_ls_shell.R_factor_R_free                  0.471 
_refine_ls_shell.R_factor_R_free_error            0.066 
_refine_ls_shell.percent_reflns_R_free            6.5 
_refine_ls_shell.number_reflns_R_free             51 
_refine_ls_shell.number_reflns_all                ? 
_refine_ls_shell.R_factor_all                     ? 
_refine_ls_shell.number_reflns_obs                ? 
_refine_ls_shell.redundancy_reflns_obs            ? 
_refine_ls_shell.pdbx_refine_id                   'X-RAY DIFFRACTION' 
# 
loop_
_pdbx_xplor_file.serial_no 
_pdbx_xplor_file.param_file 
_pdbx_xplor_file.topol_file 
_pdbx_xplor_file.pdbx_refine_id 
1 protein_rep.param protein.top 'X-RAY DIFFRACTION' 
2 water_rep.param   water.top   'X-RAY DIFFRACTION' 
3 dna-rna_rep.param dna-rna.top 'X-RAY DIFFRACTION' 
4 li4.param         li4.top     'X-RAY DIFFRACTION' 
5 fes.par5          fes.top2    'X-RAY DIFFRACTION' 
# 
_struct.entry_id                  2ZHG 
_struct.title                     'Crystal structure of SoxR in complex with DNA' 
_struct.pdbx_model_details        ? 
_struct.pdbx_CASP_flag            ? 
_struct.pdbx_model_type_details   ? 
# 
_struct_keywords.entry_id        2ZHG 
_struct_keywords.pdbx_keywords   TRANSCRIPTION/DNA 
_struct_keywords.text            
;oxidative stress, MerR family, Activator, DNA-binding, Iron, Iron-sulfur, Metal-binding, Transcription, Transcription regulation, TRANSCRIPTION-DNA COMPLEX
;
# 
loop_
_struct_asym.id 
_struct_asym.pdbx_blank_PDB_chainid_flag 
_struct_asym.pdbx_modified 
_struct_asym.entity_id 
_struct_asym.details 
A N N 1 ? 
B N N 2 ? 
C N N 3 ? 
D N N 4 ? 
E N N 5 ? 
F N N 6 ? 
G N N 6 ? 
# 
loop_
_struct_ref.id 
_struct_ref.db_name 
_struct_ref.db_code 
_struct_ref.pdbx_db_accession 
_struct_ref.entity_id 
_struct_ref.pdbx_seq_one_letter_code 
_struct_ref.pdbx_align_begin 
_struct_ref.pdbx_db_isoform 
1 UNP SOXR_ECOLI P0ACS2 2 
;MEKKLPRIKALLTPGEVAKRSGVAVSALHFYESKGLITSIRNSGNQRRYKRDVLRYVAIIKIAQRIGIPLATIGEAFGVL
PEGHTLSAKEWKQLSSQWREELDRRIHTLVALRDELDGCIGCGCLSRSDCPLRNPGDRLGEEGTGARLLEDEQN
;
1 ? 
2 PDB 2ZHG       2ZHG   1 GCCTCAAGTTAACTTGAGGC ? ? 
# 
loop_
_struct_ref_seq.align_id 
_struct_ref_seq.ref_id 
_struct_ref_seq.pdbx_PDB_id_code 
_struct_ref_seq.pdbx_strand_id 
_struct_ref_seq.seq_align_beg 
_struct_ref_seq.pdbx_seq_align_beg_ins_code 
_struct_ref_seq.seq_align_end 
_struct_ref_seq.pdbx_seq_align_end_ins_code 
_struct_ref_seq.pdbx_db_accession 
_struct_ref_seq.db_align_beg 
_struct_ref_seq.pdbx_db_align_beg_ins_code 
_struct_ref_seq.db_align_end 
_struct_ref_seq.pdbx_db_align_end_ins_code 
_struct_ref_seq.pdbx_auth_seq_align_beg 
_struct_ref_seq.pdbx_auth_seq_align_end 
1 1 2ZHG A 1 ? 154 ? P0ACS2 1 ? 154 ? 1 154 
2 2 2ZHG B 1 ? 20  ? 2ZHG   1 ? 20  ? 1 20  
# 
_pdbx_struct_assembly.id                   1 
_pdbx_struct_assembly.details              author_and_software_defined_assembly 
_pdbx_struct_assembly.method_details       PISA 
_pdbx_struct_assembly.oligomeric_details   tetrameric 
_pdbx_struct_assembly.oligomeric_count     4 
# 
loop_
_pdbx_struct_assembly_prop.biol_id 
_pdbx_struct_assembly_prop.type 
_pdbx_struct_assembly_prop.value 
_pdbx_struct_assembly_prop.details 
1 'ABSA (A^2)' 9090  ? 
1 MORE         -85.2 ? 
1 'SSA (A^2)'  17490 ? 
# 
_pdbx_struct_assembly_gen.assembly_id       1 
_pdbx_struct_assembly_gen.oper_expression   1,2 
_pdbx_struct_assembly_gen.asym_id_list      A,B,C,D,E,F,G 
# 
loop_
_pdbx_struct_oper_list.id 
_pdbx_struct_oper_list.type 
_pdbx_struct_oper_list.name 
_pdbx_struct_oper_list.symmetry_operation 
_pdbx_struct_oper_list.matrix[1][1] 
_pdbx_struct_oper_list.matrix[1][2] 
_pdbx_struct_oper_list.matrix[1][3] 
_pdbx_struct_oper_list.vector[1] 
_pdbx_struct_oper_list.matrix[2][1] 
_pdbx_struct_oper_list.matrix[2][2] 
_pdbx_struct_oper_list.matrix[2][3] 
_pdbx_struct_oper_list.vector[2] 
_pdbx_struct_oper_list.matrix[3][1] 
_pdbx_struct_oper_list.matrix[3][2] 
_pdbx_struct_oper_list.matrix[3][3] 
_pdbx_struct_oper_list.vector[3] 
1 'identity operation'         1_555  x,y,z        1.0000000000  0.0000000000 0.0000000000  0.0000000000   0.0000000000 1.0000000000 0.0000000000  0.0000000000 0.0000000000  0.0000000000  1.0000000000  0.0000000000  
2 'crystal symmetry operation' 10_554 -y,-x,-z-1/6 -0.9642073690 0.1923182349 -0.1825317673 -22.5975625545 0.1923182349 0.0333496716 -0.9807657702 2.3993049239 -0.1825317673 -0.9807657702 -0.0691423025 -1.9032091494 
# 
_struct_biol.id        1 
_struct_biol.details   ? 
# 
loop_
_struct_conf.conf_type_id 
_struct_conf.id 
_struct_conf.pdbx_PDB_helix_id 
_struct_conf.beg_label_comp_id 
_struct_conf.beg_label_asym_id 
_struct_conf.beg_label_seq_id 
_struct_conf.pdbx_beg_PDB_ins_code 
_struct_conf.end_label_comp_id 
_struct_conf.end_label_asym_id 
_struct_conf.end_label_seq_id 
_struct_conf.pdbx_end_PDB_ins_code 
_struct_conf.beg_auth_comp_id 
_struct_conf.beg_auth_asym_id 
_struct_conf.beg_auth_seq_id 
_struct_conf.end_auth_comp_id 
_struct_conf.end_auth_asym_id 
_struct_conf.end_auth_seq_id 
_struct_conf.pdbx_PDB_helix_class 
_struct_conf.details 
_struct_conf.pdbx_PDB_helix_length 
HELX_P HELX_P1 1 THR B 13  ? GLY B 22  ? THR A 13  GLY A 22  1 ? 10 
HELX_P HELX_P2 2 ALA B 24  ? LYS B 34  ? ALA A 24  LYS A 34  1 ? 11 
HELX_P HELX_P3 3 ASP B 52  ? GLY B 67  ? ASP A 52  GLY A 67  1 ? 16 
HELX_P HELX_P4 4 PRO B 69  ? GLY B 78  ? PRO A 69  GLY A 78  1 ? 10 
HELX_P HELX_P5 5 SER B 87  ? ILE B 120 ? SER A 87  ILE A 120 1 ? 34 
HELX_P HELX_P6 6 SER B 126 ? CYS B 130 ? SER A 126 CYS A 130 5 ? 5  
# 
_struct_conf_type.id          HELX_P 
_struct_conf_type.criteria    ? 
_struct_conf_type.reference   ? 
# 
loop_
_struct_conn.id 
_struct_conn.conn_type_id 
_struct_conn.pdbx_leaving_atom_flag 
_struct_conn.pdbx_PDB_id 
_struct_conn.ptnr1_label_asym_id 
_struct_conn.ptnr1_label_comp_id 
_struct_conn.ptnr1_label_seq_id 
_struct_conn.ptnr1_label_atom_id 
_struct_conn.pdbx_ptnr1_label_alt_id 
_struct_conn.pdbx_ptnr1_PDB_ins_code 
_struct_conn.pdbx_ptnr1_standard_comp_id 
_struct_conn.ptnr1_symmetry 
_struct_conn.ptnr2_label_asym_id 
_struct_conn.ptnr2_label_comp_id 
_struct_conn.ptnr2_label_seq_id 
_struct_conn.ptnr2_label_atom_id 
_struct_conn.pdbx_ptnr2_label_alt_id 
_struct_conn.pdbx_ptnr2_PDB_ins_code 
_struct_conn.ptnr1_auth_asym_id 
_struct_conn.ptnr1_auth_comp_id 
_struct_conn.ptnr1_auth_seq_id 
_struct_conn.ptnr2_auth_asym_id 
_struct_conn.ptnr2_auth_comp_id 
_struct_conn.ptnr2_auth_seq_id 
_struct_conn.ptnr2_symmetry 
_struct_conn.pdbx_ptnr3_label_atom_id 
_struct_conn.pdbx_ptnr3_label_seq_id 
_struct_conn.pdbx_ptnr3_label_comp_id 
_struct_conn.pdbx_ptnr3_label_asym_id 
_struct_conn.pdbx_ptnr3_label_alt_id 
_struct_conn.pdbx_ptnr3_PDB_ins_code 
_struct_conn.details 
_struct_conn.pdbx_dist_value 
_struct_conn.pdbx_value_order 
_struct_conn.pdbx_role 
metalc1  metalc ? ? B CYS 119 SG ? ? ? 1_555 C FES .  FE2 ? ? A CYS 119 A FES 501 1_555  ? ? ? ? ? ? ?            2.270 ? ? 
metalc2  metalc ? ? B CYS 122 SG ? ? ? 1_555 C FES .  FE1 ? ? A CYS 122 A FES 501 1_555  ? ? ? ? ? ? ?            2.238 ? ? 
metalc3  metalc ? ? B CYS 124 SG ? ? ? 1_555 C FES .  FE1 ? ? A CYS 124 A FES 501 1_555  ? ? ? ? ? ? ?            2.287 ? ? 
metalc4  metalc ? ? B CYS 130 SG ? ? ? 1_555 C FES .  FE2 ? ? A CYS 130 A FES 501 1_555  ? ? ? ? ? ? ?            2.284 ? ? 
hydrog1  hydrog ? ? A DG  1   N1 ? ? ? 1_555 A DC  20 N3  ? ? B DG  1   B DC  20  10_554 ? ? ? ? ? ? WATSON-CRICK ?     ? ? 
hydrog2  hydrog ? ? A DG  1   N2 ? ? ? 1_555 A DC  20 O2  ? ? B DG  1   B DC  20  10_554 ? ? ? ? ? ? WATSON-CRICK ?     ? ? 
hydrog3  hydrog ? ? A DG  1   O6 ? ? ? 1_555 A DC  20 N4  ? ? B DG  1   B DC  20  10_554 ? ? ? ? ? ? WATSON-CRICK ?     ? ? 
hydrog4  hydrog ? ? A DC  2   N3 ? ? ? 1_555 A DG  19 N1  ? ? B DC  2   B DG  19  10_554 ? ? ? ? ? ? WATSON-CRICK ?     ? ? 
hydrog5  hydrog ? ? A DC  2   N4 ? ? ? 1_555 A DG  19 O6  ? ? B DC  2   B DG  19  10_554 ? ? ? ? ? ? WATSON-CRICK ?     ? ? 
hydrog6  hydrog ? ? A DC  2   O2 ? ? ? 1_555 A DG  19 N2  ? ? B DC  2   B DG  19  10_554 ? ? ? ? ? ? WATSON-CRICK ?     ? ? 
hydrog7  hydrog ? ? A DC  3   N3 ? ? ? 1_555 A DG  18 N1  ? ? B DC  3   B DG  18  10_554 ? ? ? ? ? ? WATSON-CRICK ?     ? ? 
hydrog8  hydrog ? ? A DC  3   N4 ? ? ? 1_555 A DG  18 O6  ? ? B DC  3   B DG  18  10_554 ? ? ? ? ? ? WATSON-CRICK ?     ? ? 
hydrog9  hydrog ? ? A DC  3   O2 ? ? ? 1_555 A DG  18 N2  ? ? B DC  3   B DG  18  10_554 ? ? ? ? ? ? WATSON-CRICK ?     ? ? 
hydrog10 hydrog ? ? A DT  4   N3 ? ? ? 1_555 A DA  17 N1  ? ? B DT  4   B DA  17  10_554 ? ? ? ? ? ? WATSON-CRICK ?     ? ? 
hydrog11 hydrog ? ? A DT  4   O4 ? ? ? 1_555 A DA  17 N6  ? ? B DT  4   B DA  17  10_554 ? ? ? ? ? ? WATSON-CRICK ?     ? ? 
hydrog12 hydrog ? ? A DC  5   N3 ? ? ? 1_555 A DG  16 N1  ? ? B DC  5   B DG  16  10_554 ? ? ? ? ? ? WATSON-CRICK ?     ? ? 
hydrog13 hydrog ? ? A DC  5   N4 ? ? ? 1_555 A DG  16 O6  ? ? B DC  5   B DG  16  10_554 ? ? ? ? ? ? WATSON-CRICK ?     ? ? 
hydrog14 hydrog ? ? A DC  5   O2 ? ? ? 1_555 A DG  16 N2  ? ? B DC  5   B DG  16  10_554 ? ? ? ? ? ? WATSON-CRICK ?     ? ? 
hydrog15 hydrog ? ? A DA  6   N1 ? ? ? 1_555 A DT  15 N3  ? ? B DA  6   B DT  15  10_554 ? ? ? ? ? ? WATSON-CRICK ?     ? ? 
hydrog16 hydrog ? ? A DA  6   N6 ? ? ? 1_555 A DT  15 O4  ? ? B DA  6   B DT  15  10_554 ? ? ? ? ? ? WATSON-CRICK ?     ? ? 
hydrog17 hydrog ? ? A DA  7   N1 ? ? ? 1_555 A DT  14 N3  ? ? B DA  7   B DT  14  10_554 ? ? ? ? ? ? WATSON-CRICK ?     ? ? 
hydrog18 hydrog ? ? A DA  7   N6 ? ? ? 1_555 A DT  14 O4  ? ? B DA  7   B DT  14  10_554 ? ? ? ? ? ? WATSON-CRICK ?     ? ? 
hydrog19 hydrog ? ? A DG  8   N1 ? ? ? 1_555 A DC  13 N3  ? ? B DG  8   B DC  13  10_554 ? ? ? ? ? ? WATSON-CRICK ?     ? ? 
hydrog20 hydrog ? ? A DG  8   N2 ? ? ? 1_555 A DC  13 O2  ? ? B DG  8   B DC  13  10_554 ? ? ? ? ? ? WATSON-CRICK ?     ? ? 
hydrog21 hydrog ? ? A DG  8   O6 ? ? ? 1_555 A DC  13 N4  ? ? B DG  8   B DC  13  10_554 ? ? ? ? ? ? WATSON-CRICK ?     ? ? 
hydrog22 hydrog ? ? A DT  9   N3 ? ? ? 1_555 A DA  12 N1  ? ? B DT  9   B DA  12  10_554 ? ? ? ? ? ? WATSON-CRICK ?     ? ? 
hydrog23 hydrog ? ? A DT  9   O4 ? ? ? 1_555 A DA  12 N6  ? ? B DT  9   B DA  12  10_554 ? ? ? ? ? ? WATSON-CRICK ?     ? ? 
hydrog24 hydrog ? ? A DT  10  N3 ? ? ? 1_555 A DA  11 N1  ? ? B DT  10  B DA  11  10_554 ? ? ? ? ? ? 'DT-DA PAIR' ?     ? ? 
hydrog25 hydrog ? ? A DA  11  N1 ? ? ? 1_555 A DT  10 N3  ? ? B DA  11  B DT  10  10_554 ? ? ? ? ? ? 'DA-DT PAIR' ?     ? ? 
hydrog26 hydrog ? ? A DA  12  N1 ? ? ? 1_555 A DT  9  N3  ? ? B DA  12  B DT  9   10_554 ? ? ? ? ? ? WATSON-CRICK ?     ? ? 
hydrog27 hydrog ? ? A DA  12  N6 ? ? ? 1_555 A DT  9  O4  ? ? B DA  12  B DT  9   10_554 ? ? ? ? ? ? WATSON-CRICK ?     ? ? 
hydrog28 hydrog ? ? A DC  13  N3 ? ? ? 1_555 A DG  8  N1  ? ? B DC  13  B DG  8   10_554 ? ? ? ? ? ? WATSON-CRICK ?     ? ? 
hydrog29 hydrog ? ? A DC  13  N4 ? ? ? 1_555 A DG  8  O6  ? ? B DC  13  B DG  8   10_554 ? ? ? ? ? ? WATSON-CRICK ?     ? ? 
hydrog30 hydrog ? ? A DC  13  O2 ? ? ? 1_555 A DG  8  N2  ? ? B DC  13  B DG  8   10_554 ? ? ? ? ? ? WATSON-CRICK ?     ? ? 
hydrog31 hydrog ? ? A DT  14  N3 ? ? ? 1_555 A DA  7  N1  ? ? B DT  14  B DA  7   10_554 ? ? ? ? ? ? WATSON-CRICK ?     ? ? 
hydrog32 hydrog ? ? A DT  14  O4 ? ? ? 1_555 A DA  7  N6  ? ? B DT  14  B DA  7   10_554 ? ? ? ? ? ? WATSON-CRICK ?     ? ? 
hydrog33 hydrog ? ? A DT  15  N3 ? ? ? 1_555 A DA  6  N1  ? ? B DT  15  B DA  6   10_554 ? ? ? ? ? ? WATSON-CRICK ?     ? ? 
hydrog34 hydrog ? ? A DT  15  O4 ? ? ? 1_555 A DA  6  N6  ? ? B DT  15  B DA  6   10_554 ? ? ? ? ? ? WATSON-CRICK ?     ? ? 
hydrog35 hydrog ? ? A DG  16  N1 ? ? ? 1_555 A DC  5  N3  ? ? B DG  16  B DC  5   10_554 ? ? ? ? ? ? WATSON-CRICK ?     ? ? 
hydrog36 hydrog ? ? A DG  16  N2 ? ? ? 1_555 A DC  5  O2  ? ? B DG  16  B DC  5   10_554 ? ? ? ? ? ? WATSON-CRICK ?     ? ? 
hydrog37 hydrog ? ? A DG  16  O6 ? ? ? 1_555 A DC  5  N4  ? ? B DG  16  B DC  5   10_554 ? ? ? ? ? ? WATSON-CRICK ?     ? ? 
hydrog38 hydrog ? ? A DA  17  N1 ? ? ? 1_555 A DT  4  N3  ? ? B DA  17  B DT  4   10_554 ? ? ? ? ? ? WATSON-CRICK ?     ? ? 
hydrog39 hydrog ? ? A DA  17  N6 ? ? ? 1_555 A DT  4  O4  ? ? B DA  17  B DT  4   10_554 ? ? ? ? ? ? WATSON-CRICK ?     ? ? 
hydrog40 hydrog ? ? A DG  18  N1 ? ? ? 1_555 A DC  3  N3  ? ? B DG  18  B DC  3   10_554 ? ? ? ? ? ? WATSON-CRICK ?     ? ? 
hydrog41 hydrog ? ? A DG  18  N2 ? ? ? 1_555 A DC  3  O2  ? ? B DG  18  B DC  3   10_554 ? ? ? ? ? ? WATSON-CRICK ?     ? ? 
hydrog42 hydrog ? ? A DG  18  O6 ? ? ? 1_555 A DC  3  N4  ? ? B DG  18  B DC  3   10_554 ? ? ? ? ? ? WATSON-CRICK ?     ? ? 
hydrog43 hydrog ? ? A DG  19  N1 ? ? ? 1_555 A DC  2  N3  ? ? B DG  19  B DC  2   10_554 ? ? ? ? ? ? WATSON-CRICK ?     ? ? 
hydrog44 hydrog ? ? A DG  19  N2 ? ? ? 1_555 A DC  2  O2  ? ? B DG  19  B DC  2   10_554 ? ? ? ? ? ? WATSON-CRICK ?     ? ? 
hydrog45 hydrog ? ? A DG  19  O6 ? ? ? 1_555 A DC  2  N4  ? ? B DG  19  B DC  2   10_554 ? ? ? ? ? ? WATSON-CRICK ?     ? ? 
hydrog46 hydrog ? ? A DC  20  N3 ? ? ? 1_555 A DG  1  N1  ? ? B DC  20  B DG  1   10_554 ? ? ? ? ? ? WATSON-CRICK ?     ? ? 
hydrog47 hydrog ? ? A DC  20  N4 ? ? ? 1_555 A DG  1  O6  ? ? B DC  20  B DG  1   10_554 ? ? ? ? ? ? WATSON-CRICK ?     ? ? 
hydrog48 hydrog ? ? A DC  20  O2 ? ? ? 1_555 A DG  1  N2  ? ? B DC  20  B DG  1   10_554 ? ? ? ? ? ? WATSON-CRICK ?     ? ? 
# 
loop_
_struct_conn_type.id 
_struct_conn_type.criteria 
_struct_conn_type.reference 
metalc ? ? 
hydrog ? ? 
# 
loop_
_pdbx_struct_conn_angle.id 
_pdbx_struct_conn_angle.ptnr1_label_atom_id 
_pdbx_struct_conn_angle.ptnr1_label_alt_id 
_pdbx_struct_conn_angle.ptnr1_label_asym_id 
_pdbx_struct_conn_angle.ptnr1_label_comp_id 
_pdbx_struct_conn_angle.ptnr1_label_seq_id 
_pdbx_struct_conn_angle.ptnr1_auth_atom_id 
_pdbx_struct_conn_angle.ptnr1_auth_asym_id 
_pdbx_struct_conn_angle.ptnr1_auth_comp_id 
_pdbx_struct_conn_angle.ptnr1_auth_seq_id 
_pdbx_struct_conn_angle.ptnr1_PDB_ins_code 
_pdbx_struct_conn_angle.ptnr1_symmetry 
_pdbx_struct_conn_angle.ptnr2_label_atom_id 
_pdbx_struct_conn_angle.ptnr2_label_alt_id 
_pdbx_struct_conn_angle.ptnr2_label_asym_id 
_pdbx_struct_conn_angle.ptnr2_label_comp_id 
_pdbx_struct_conn_angle.ptnr2_label_seq_id 
_pdbx_struct_conn_angle.ptnr2_auth_atom_id 
_pdbx_struct_conn_angle.ptnr2_auth_asym_id 
_pdbx_struct_conn_angle.ptnr2_auth_comp_id 
_pdbx_struct_conn_angle.ptnr2_auth_seq_id 
_pdbx_struct_conn_angle.ptnr2_PDB_ins_code 
_pdbx_struct_conn_angle.ptnr2_symmetry 
_pdbx_struct_conn_angle.ptnr3_label_atom_id 
_pdbx_struct_conn_angle.ptnr3_label_alt_id 
_pdbx_struct_conn_angle.ptnr3_label_asym_id 
_pdbx_struct_conn_angle.ptnr3_label_comp_id 
_pdbx_struct_conn_angle.ptnr3_label_seq_id 
_pdbx_struct_conn_angle.ptnr3_auth_atom_id 
_pdbx_struct_conn_angle.ptnr3_auth_asym_id 
_pdbx_struct_conn_angle.ptnr3_auth_comp_id 
_pdbx_struct_conn_angle.ptnr3_auth_seq_id 
_pdbx_struct_conn_angle.ptnr3_PDB_ins_code 
_pdbx_struct_conn_angle.ptnr3_symmetry 
_pdbx_struct_conn_angle.value 
_pdbx_struct_conn_angle.value_esd 
1  SG ? B CYS 119 ? A CYS 119 ? 1_555 FE2 ? C FES . ? A FES 501 ? 1_555 S1 ? C FES .   ? A FES 501 ? 1_555 97.9  ? 
2  SG ? B CYS 119 ? A CYS 119 ? 1_555 FE2 ? C FES . ? A FES 501 ? 1_555 S2 ? C FES .   ? A FES 501 ? 1_555 127.9 ? 
3  S1 ? C FES .   ? A FES 501 ? 1_555 FE2 ? C FES . ? A FES 501 ? 1_555 S2 ? C FES .   ? A FES 501 ? 1_555 103.8 ? 
4  SG ? B CYS 119 ? A CYS 119 ? 1_555 FE2 ? C FES . ? A FES 501 ? 1_555 SG ? B CYS 130 ? A CYS 130 ? 1_555 102.9 ? 
5  S1 ? C FES .   ? A FES 501 ? 1_555 FE2 ? C FES . ? A FES 501 ? 1_555 SG ? B CYS 130 ? A CYS 130 ? 1_555 128.0 ? 
6  S2 ? C FES .   ? A FES 501 ? 1_555 FE2 ? C FES . ? A FES 501 ? 1_555 SG ? B CYS 130 ? A CYS 130 ? 1_555 99.8  ? 
7  SG ? B CYS 122 ? A CYS 122 ? 1_555 FE1 ? C FES . ? A FES 501 ? 1_555 S1 ? C FES .   ? A FES 501 ? 1_555 100.1 ? 
8  SG ? B CYS 122 ? A CYS 122 ? 1_555 FE1 ? C FES . ? A FES 501 ? 1_555 S2 ? C FES .   ? A FES 501 ? 1_555 129.7 ? 
9  S1 ? C FES .   ? A FES 501 ? 1_555 FE1 ? C FES . ? A FES 501 ? 1_555 S2 ? C FES .   ? A FES 501 ? 1_555 103.7 ? 
10 SG ? B CYS 122 ? A CYS 122 ? 1_555 FE1 ? C FES . ? A FES 501 ? 1_555 SG ? B CYS 124 ? A CYS 124 ? 1_555 100.3 ? 
11 S1 ? C FES .   ? A FES 501 ? 1_555 FE1 ? C FES . ? A FES 501 ? 1_555 SG ? B CYS 124 ? A CYS 124 ? 1_555 129.9 ? 
12 S2 ? C FES .   ? A FES 501 ? 1_555 FE1 ? C FES . ? A FES 501 ? 1_555 SG ? B CYS 124 ? A CYS 124 ? 1_555 97.3  ? 
# 
_struct_sheet.id               A 
_struct_sheet.type             ? 
_struct_sheet.number_strands   2 
_struct_sheet.details          ? 
# 
_struct_sheet_order.sheet_id     A 
_struct_sheet_order.range_id_1   1 
_struct_sheet_order.range_id_2   2 
_struct_sheet_order.offset       ? 
_struct_sheet_order.sense        anti-parallel 
# 
loop_
_struct_sheet_range.sheet_id 
_struct_sheet_range.id 
_struct_sheet_range.beg_label_comp_id 
_struct_sheet_range.beg_label_asym_id 
_struct_sheet_range.beg_label_seq_id 
_struct_sheet_range.pdbx_beg_PDB_ins_code 
_struct_sheet_range.end_label_comp_id 
_struct_sheet_range.end_label_asym_id 
_struct_sheet_range.end_label_seq_id 
_struct_sheet_range.pdbx_end_PDB_ins_code 
_struct_sheet_range.beg_auth_comp_id 
_struct_sheet_range.beg_auth_asym_id 
_struct_sheet_range.beg_auth_seq_id 
_struct_sheet_range.end_auth_comp_id 
_struct_sheet_range.end_auth_asym_id 
_struct_sheet_range.end_auth_seq_id 
A 1 ILE B 40 ? ARG B 41 ? ILE A 40 ARG A 41 
A 2 ARG B 47 ? ARG B 48 ? ARG A 47 ARG A 48 
# 
_pdbx_struct_sheet_hbond.sheet_id                A 
_pdbx_struct_sheet_hbond.range_id_1              1 
_pdbx_struct_sheet_hbond.range_id_2              2 
_pdbx_struct_sheet_hbond.range_1_label_atom_id   N 
_pdbx_struct_sheet_hbond.range_1_label_comp_id   ILE 
_pdbx_struct_sheet_hbond.range_1_label_asym_id   B 
_pdbx_struct_sheet_hbond.range_1_label_seq_id    40 
_pdbx_struct_sheet_hbond.range_1_PDB_ins_code    ? 
_pdbx_struct_sheet_hbond.range_1_auth_atom_id    N 
_pdbx_struct_sheet_hbond.range_1_auth_comp_id    ILE 
_pdbx_struct_sheet_hbond.range_1_auth_asym_id    A 
_pdbx_struct_sheet_hbond.range_1_auth_seq_id     40 
_pdbx_struct_sheet_hbond.range_2_label_atom_id   O 
_pdbx_struct_sheet_hbond.range_2_label_comp_id   ARG 
_pdbx_struct_sheet_hbond.range_2_label_asym_id   B 
_pdbx_struct_sheet_hbond.range_2_label_seq_id    48 
_pdbx_struct_sheet_hbond.range_2_PDB_ins_code    ? 
_pdbx_struct_sheet_hbond.range_2_auth_atom_id    O 
_pdbx_struct_sheet_hbond.range_2_auth_comp_id    ARG 
_pdbx_struct_sheet_hbond.range_2_auth_asym_id    A 
_pdbx_struct_sheet_hbond.range_2_auth_seq_id     48 
# 
loop_
_struct_site.id 
_struct_site.pdbx_evidence_code 
_struct_site.pdbx_auth_asym_id 
_struct_site.pdbx_auth_comp_id 
_struct_site.pdbx_auth_seq_id 
_struct_site.pdbx_auth_ins_code 
_struct_site.pdbx_num_residues 
_struct_site.details 
AC1 Software A FES 501 ? 6 'BINDING SITE FOR RESIDUE FES A 501' 
AC2 Software A DTT 901 ? 1 'BINDING SITE FOR RESIDUE DTT A 901' 
AC3 Software A GOL 801 ? 4 'BINDING SITE FOR RESIDUE GOL A 801' 
# 
loop_
_struct_site_gen.id 
_struct_site_gen.site_id 
_struct_site_gen.pdbx_num_res 
_struct_site_gen.label_comp_id 
_struct_site_gen.label_asym_id 
_struct_site_gen.label_seq_id 
_struct_site_gen.pdbx_auth_ins_code 
_struct_site_gen.auth_comp_id 
_struct_site_gen.auth_asym_id 
_struct_site_gen.auth_seq_id 
_struct_site_gen.label_atom_id 
_struct_site_gen.label_alt_id 
_struct_site_gen.symmetry 
_struct_site_gen.details 
1  AC1 6 CYS B 119 ? CYS A 119 . ? 1_555  ? 
2  AC1 6 CYS B 122 ? CYS A 122 . ? 1_555  ? 
3  AC1 6 GLY B 123 ? GLY A 123 . ? 1_555  ? 
4  AC1 6 CYS B 124 ? CYS A 124 . ? 1_555  ? 
5  AC1 6 LEU B 125 ? LEU A 125 . ? 1_555  ? 
6  AC1 6 CYS B 130 ? CYS A 130 . ? 1_555  ? 
7  AC2 1 HIS B 107 ? HIS A 107 . ? 1_555  ? 
8  AC3 4 ARG B 20  ? ARG A 20  . ? 10_554 ? 
9  AC3 4 LEU B 54  ? LEU A 54  . ? 10_554 ? 
10 AC3 4 ARG B 127 ? ARG A 127 . ? 1_555  ? 
11 AC3 4 ARG B 133 ? ARG A 133 . ? 1_555  ? 
# 
_pdbx_validate_rmsd_angle.id                         1 
_pdbx_validate_rmsd_angle.PDB_model_num              1 
_pdbx_validate_rmsd_angle.auth_atom_id_1             "O4'" 
_pdbx_validate_rmsd_angle.auth_asym_id_1             B 
_pdbx_validate_rmsd_angle.auth_comp_id_1             DG 
_pdbx_validate_rmsd_angle.auth_seq_id_1              19 
_pdbx_validate_rmsd_angle.PDB_ins_code_1             ? 
_pdbx_validate_rmsd_angle.label_alt_id_1             ? 
_pdbx_validate_rmsd_angle.auth_atom_id_2             "C1'" 
_pdbx_validate_rmsd_angle.auth_asym_id_2             B 
_pdbx_validate_rmsd_angle.auth_comp_id_2             DG 
_pdbx_validate_rmsd_angle.auth_seq_id_2              19 
_pdbx_validate_rmsd_angle.PDB_ins_code_2             ? 
_pdbx_validate_rmsd_angle.label_alt_id_2             ? 
_pdbx_validate_rmsd_angle.auth_atom_id_3             N9 
_pdbx_validate_rmsd_angle.auth_asym_id_3             B 
_pdbx_validate_rmsd_angle.auth_comp_id_3             DG 
_pdbx_validate_rmsd_angle.auth_seq_id_3              19 
_pdbx_validate_rmsd_angle.PDB_ins_code_3             ? 
_pdbx_validate_rmsd_angle.label_alt_id_3             ? 
_pdbx_validate_rmsd_angle.angle_value                110.16 
_pdbx_validate_rmsd_angle.angle_target_value         108.30 
_pdbx_validate_rmsd_angle.angle_deviation            1.86 
_pdbx_validate_rmsd_angle.angle_standard_deviation   0.30 
_pdbx_validate_rmsd_angle.linker_flag                N 
# 
loop_
_pdbx_validate_torsion.id 
_pdbx_validate_torsion.PDB_model_num 
_pdbx_validate_torsion.auth_comp_id 
_pdbx_validate_torsion.auth_asym_id 
_pdbx_validate_torsion.auth_seq_id 
_pdbx_validate_torsion.PDB_ins_code 
_pdbx_validate_torsion.label_alt_id 
_pdbx_validate_torsion.phi 
_pdbx_validate_torsion.psi 
1 1 ASN A 45  ? ? 56.63   -0.87  
2 1 ARG A 51  ? ? -12.48  -49.61 
3 1 ASP A 52  ? ? -37.09  -35.39 
4 1 CYS A 122 ? ? -103.95 -97.50 
5 1 SER A 128 ? ? -73.99  22.17  
6 1 ASP A 129 ? ? -154.60 0.32   
7 1 LEU A 132 ? ? -32.57  -34.61 
# 
loop_
_pdbx_validate_planes.id 
_pdbx_validate_planes.PDB_model_num 
_pdbx_validate_planes.auth_comp_id 
_pdbx_validate_planes.auth_asym_id 
_pdbx_validate_planes.auth_seq_id 
_pdbx_validate_planes.PDB_ins_code 
_pdbx_validate_planes.label_alt_id 
_pdbx_validate_planes.rmsd 
_pdbx_validate_planes.type 
1 1 DG B 1  ? ? 0.061 'SIDE CHAIN' 
2 1 DC B 2  ? ? 0.075 'SIDE CHAIN' 
3 1 DG B 19 ? ? 0.083 'SIDE CHAIN' 
# 
loop_
_pdbx_unobs_or_zero_occ_residues.id 
_pdbx_unobs_or_zero_occ_residues.PDB_model_num 
_pdbx_unobs_or_zero_occ_residues.polymer_flag 
_pdbx_unobs_or_zero_occ_residues.occupancy_flag 
_pdbx_unobs_or_zero_occ_residues.auth_asym_id 
_pdbx_unobs_or_zero_occ_residues.auth_comp_id 
_pdbx_unobs_or_zero_occ_residues.auth_seq_id 
_pdbx_unobs_or_zero_occ_residues.PDB_ins_code 
_pdbx_unobs_or_zero_occ_residues.label_asym_id 
_pdbx_unobs_or_zero_occ_residues.label_comp_id 
_pdbx_unobs_or_zero_occ_residues.label_seq_id 
1  1 Y 1 A MET 1   ? B MET 1   
2  1 Y 1 A GLU 2   ? B GLU 2   
3  1 Y 1 A LYS 3   ? B LYS 3   
4  1 Y 1 A LYS 4   ? B LYS 4   
5  1 Y 1 A LEU 5   ? B LEU 5   
6  1 Y 1 A PRO 6   ? B PRO 6   
7  1 Y 1 A ARG 7   ? B ARG 7   
8  1 Y 1 A ILE 8   ? B ILE 8   
9  1 Y 1 A LYS 9   ? B LYS 9   
10 1 Y 1 A LEU 80  ? B LEU 80  
11 1 Y 1 A PRO 81  ? B PRO 81  
12 1 Y 1 A GLU 82  ? B GLU 82  
13 1 Y 1 A GLY 83  ? B GLY 83  
14 1 Y 1 A HIS 84  ? B HIS 84  
15 1 Y 1 A GLY 136 ? B GLY 136 
16 1 Y 1 A ASP 137 ? B ASP 137 
17 1 Y 1 A ARG 138 ? B ARG 138 
18 1 Y 1 A LEU 139 ? B LEU 139 
19 1 Y 1 A GLY 140 ? B GLY 140 
20 1 Y 1 A GLU 141 ? B GLU 141 
21 1 Y 1 A GLU 142 ? B GLU 142 
22 1 Y 1 A GLY 143 ? B GLY 143 
23 1 Y 1 A THR 144 ? B THR 144 
24 1 Y 1 A GLY 145 ? B GLY 145 
25 1 Y 1 A ALA 146 ? B ALA 146 
26 1 Y 1 A ARG 147 ? B ARG 147 
27 1 Y 1 A LEU 148 ? B LEU 148 
28 1 Y 1 A LEU 149 ? B LEU 149 
29 1 Y 1 A GLU 150 ? B GLU 150 
30 1 Y 1 A ASP 151 ? B ASP 151 
31 1 Y 1 A GLU 152 ? B GLU 152 
32 1 Y 1 A GLN 153 ? B GLN 153 
33 1 Y 1 A ASN 154 ? B ASN 154 
# 
loop_
_chem_comp_atom.comp_id 
_chem_comp_atom.atom_id 
_chem_comp_atom.type_symbol 
_chem_comp_atom.pdbx_aromatic_flag 
_chem_comp_atom.pdbx_stereo_config 
_chem_comp_atom.pdbx_ordinal 
ALA N      N  N N 1   
ALA CA     C  N S 2   
ALA C      C  N N 3   
ALA O      O  N N 4   
ALA CB     C  N N 5   
ALA OXT    O  N N 6   
ALA H      H  N N 7   
ALA H2     H  N N 8   
ALA HA     H  N N 9   
ALA HB1    H  N N 10  
ALA HB2    H  N N 11  
ALA HB3    H  N N 12  
ALA HXT    H  N N 13  
ARG N      N  N N 14  
ARG CA     C  N S 15  
ARG C      C  N N 16  
ARG O      O  N N 17  
ARG CB     C  N N 18  
ARG CG     C  N N 19  
ARG CD     C  N N 20  
ARG NE     N  N N 21  
ARG CZ     C  N N 22  
ARG NH1    N  N N 23  
ARG NH2    N  N N 24  
ARG OXT    O  N N 25  
ARG H      H  N N 26  
ARG H2     H  N N 27  
ARG HA     H  N N 28  
ARG HB2    H  N N 29  
ARG HB3    H  N N 30  
ARG HG2    H  N N 31  
ARG HG3    H  N N 32  
ARG HD2    H  N N 33  
ARG HD3    H  N N 34  
ARG HE     H  N N 35  
ARG HH11   H  N N 36  
ARG HH12   H  N N 37  
ARG HH21   H  N N 38  
ARG HH22   H  N N 39  
ARG HXT    H  N N 40  
ASN N      N  N N 41  
ASN CA     C  N S 42  
ASN C      C  N N 43  
ASN O      O  N N 44  
ASN CB     C  N N 45  
ASN CG     C  N N 46  
ASN OD1    O  N N 47  
ASN ND2    N  N N 48  
ASN OXT    O  N N 49  
ASN H      H  N N 50  
ASN H2     H  N N 51  
ASN HA     H  N N 52  
ASN HB2    H  N N 53  
ASN HB3    H  N N 54  
ASN HD21   H  N N 55  
ASN HD22   H  N N 56  
ASN HXT    H  N N 57  
ASP N      N  N N 58  
ASP CA     C  N S 59  
ASP C      C  N N 60  
ASP O      O  N N 61  
ASP CB     C  N N 62  
ASP CG     C  N N 63  
ASP OD1    O  N N 64  
ASP OD2    O  N N 65  
ASP OXT    O  N N 66  
ASP H      H  N N 67  
ASP H2     H  N N 68  
ASP HA     H  N N 69  
ASP HB2    H  N N 70  
ASP HB3    H  N N 71  
ASP HD2    H  N N 72  
ASP HXT    H  N N 73  
CYS N      N  N N 74  
CYS CA     C  N R 75  
CYS C      C  N N 76  
CYS O      O  N N 77  
CYS CB     C  N N 78  
CYS SG     S  N N 79  
CYS OXT    O  N N 80  
CYS H      H  N N 81  
CYS H2     H  N N 82  
CYS HA     H  N N 83  
CYS HB2    H  N N 84  
CYS HB3    H  N N 85  
CYS HG     H  N N 86  
CYS HXT    H  N N 87  
DA  OP3    O  N N 88  
DA  P      P  N N 89  
DA  OP1    O  N N 90  
DA  OP2    O  N N 91  
DA  "O5'"  O  N N 92  
DA  "C5'"  C  N N 93  
DA  "C4'"  C  N R 94  
DA  "O4'"  O  N N 95  
DA  "C3'"  C  N S 96  
DA  "O3'"  O  N N 97  
DA  "C2'"  C  N N 98  
DA  "C1'"  C  N R 99  
DA  N9     N  Y N 100 
DA  C8     C  Y N 101 
DA  N7     N  Y N 102 
DA  C5     C  Y N 103 
DA  C6     C  Y N 104 
DA  N6     N  N N 105 
DA  N1     N  Y N 106 
DA  C2     C  Y N 107 
DA  N3     N  Y N 108 
DA  C4     C  Y N 109 
DA  HOP3   H  N N 110 
DA  HOP2   H  N N 111 
DA  "H5'"  H  N N 112 
DA  "H5''" H  N N 113 
DA  "H4'"  H  N N 114 
DA  "H3'"  H  N N 115 
DA  "HO3'" H  N N 116 
DA  "H2'"  H  N N 117 
DA  "H2''" H  N N 118 
DA  "H1'"  H  N N 119 
DA  H8     H  N N 120 
DA  H61    H  N N 121 
DA  H62    H  N N 122 
DA  H2     H  N N 123 
DC  OP3    O  N N 124 
DC  P      P  N N 125 
DC  OP1    O  N N 126 
DC  OP2    O  N N 127 
DC  "O5'"  O  N N 128 
DC  "C5'"  C  N N 129 
DC  "C4'"  C  N R 130 
DC  "O4'"  O  N N 131 
DC  "C3'"  C  N S 132 
DC  "O3'"  O  N N 133 
DC  "C2'"  C  N N 134 
DC  "C1'"  C  N R 135 
DC  N1     N  N N 136 
DC  C2     C  N N 137 
DC  O2     O  N N 138 
DC  N3     N  N N 139 
DC  C4     C  N N 140 
DC  N4     N  N N 141 
DC  C5     C  N N 142 
DC  C6     C  N N 143 
DC  HOP3   H  N N 144 
DC  HOP2   H  N N 145 
DC  "H5'"  H  N N 146 
DC  "H5''" H  N N 147 
DC  "H4'"  H  N N 148 
DC  "H3'"  H  N N 149 
DC  "HO3'" H  N N 150 
DC  "H2'"  H  N N 151 
DC  "H2''" H  N N 152 
DC  "H1'"  H  N N 153 
DC  H41    H  N N 154 
DC  H42    H  N N 155 
DC  H5     H  N N 156 
DC  H6     H  N N 157 
DG  OP3    O  N N 158 
DG  P      P  N N 159 
DG  OP1    O  N N 160 
DG  OP2    O  N N 161 
DG  "O5'"  O  N N 162 
DG  "C5'"  C  N N 163 
DG  "C4'"  C  N R 164 
DG  "O4'"  O  N N 165 
DG  "C3'"  C  N S 166 
DG  "O3'"  O  N N 167 
DG  "C2'"  C  N N 168 
DG  "C1'"  C  N R 169 
DG  N9     N  Y N 170 
DG  C8     C  Y N 171 
DG  N7     N  Y N 172 
DG  C5     C  Y N 173 
DG  C6     C  N N 174 
DG  O6     O  N N 175 
DG  N1     N  N N 176 
DG  C2     C  N N 177 
DG  N2     N  N N 178 
DG  N3     N  N N 179 
DG  C4     C  Y N 180 
DG  HOP3   H  N N 181 
DG  HOP2   H  N N 182 
DG  "H5'"  H  N N 183 
DG  "H5''" H  N N 184 
DG  "H4'"  H  N N 185 
DG  "H3'"  H  N N 186 
DG  "HO3'" H  N N 187 
DG  "H2'"  H  N N 188 
DG  "H2''" H  N N 189 
DG  "H1'"  H  N N 190 
DG  H8     H  N N 191 
DG  H1     H  N N 192 
DG  H21    H  N N 193 
DG  H22    H  N N 194 
DT  OP3    O  N N 195 
DT  P      P  N N 196 
DT  OP1    O  N N 197 
DT  OP2    O  N N 198 
DT  "O5'"  O  N N 199 
DT  "C5'"  C  N N 200 
DT  "C4'"  C  N R 201 
DT  "O4'"  O  N N 202 
DT  "C3'"  C  N S 203 
DT  "O3'"  O  N N 204 
DT  "C2'"  C  N N 205 
DT  "C1'"  C  N R 206 
DT  N1     N  N N 207 
DT  C2     C  N N 208 
DT  O2     O  N N 209 
DT  N3     N  N N 210 
DT  C4     C  N N 211 
DT  O4     O  N N 212 
DT  C5     C  N N 213 
DT  C7     C  N N 214 
DT  C6     C  N N 215 
DT  HOP3   H  N N 216 
DT  HOP2   H  N N 217 
DT  "H5'"  H  N N 218 
DT  "H5''" H  N N 219 
DT  "H4'"  H  N N 220 
DT  "H3'"  H  N N 221 
DT  "HO3'" H  N N 222 
DT  "H2'"  H  N N 223 
DT  "H2''" H  N N 224 
DT  "H1'"  H  N N 225 
DT  H3     H  N N 226 
DT  H71    H  N N 227 
DT  H72    H  N N 228 
DT  H73    H  N N 229 
DT  H6     H  N N 230 
DTT S1     S  N N 231 
DTT C1     C  N N 232 
DTT C2     C  N R 233 
DTT O2     O  N N 234 
DTT C3     C  N R 235 
DTT O3     O  N N 236 
DTT C4     C  N N 237 
DTT S4     S  N N 238 
DTT HS1    H  N N 239 
DTT H11    H  N N 240 
DTT H12    H  N N 241 
DTT H2     H  N N 242 
DTT HO2    H  N N 243 
DTT H3     H  N N 244 
DTT HO3    H  N N 245 
DTT H41    H  N N 246 
DTT H42    H  N N 247 
DTT HS2    H  N N 248 
FES FE1    FE N N 249 
FES FE2    FE N N 250 
FES S1     S  N N 251 
FES S2     S  N N 252 
GLN N      N  N N 253 
GLN CA     C  N S 254 
GLN C      C  N N 255 
GLN O      O  N N 256 
GLN CB     C  N N 257 
GLN CG     C  N N 258 
GLN CD     C  N N 259 
GLN OE1    O  N N 260 
GLN NE2    N  N N 261 
GLN OXT    O  N N 262 
GLN H      H  N N 263 
GLN H2     H  N N 264 
GLN HA     H  N N 265 
GLN HB2    H  N N 266 
GLN HB3    H  N N 267 
GLN HG2    H  N N 268 
GLN HG3    H  N N 269 
GLN HE21   H  N N 270 
GLN HE22   H  N N 271 
GLN HXT    H  N N 272 
GLU N      N  N N 273 
GLU CA     C  N S 274 
GLU C      C  N N 275 
GLU O      O  N N 276 
GLU CB     C  N N 277 
GLU CG     C  N N 278 
GLU CD     C  N N 279 
GLU OE1    O  N N 280 
GLU OE2    O  N N 281 
GLU OXT    O  N N 282 
GLU H      H  N N 283 
GLU H2     H  N N 284 
GLU HA     H  N N 285 
GLU HB2    H  N N 286 
GLU HB3    H  N N 287 
GLU HG2    H  N N 288 
GLU HG3    H  N N 289 
GLU HE2    H  N N 290 
GLU HXT    H  N N 291 
GLY N      N  N N 292 
GLY CA     C  N N 293 
GLY C      C  N N 294 
GLY O      O  N N 295 
GLY OXT    O  N N 296 
GLY H      H  N N 297 
GLY H2     H  N N 298 
GLY HA2    H  N N 299 
GLY HA3    H  N N 300 
GLY HXT    H  N N 301 
GOL C1     C  N N 302 
GOL O1     O  N N 303 
GOL C2     C  N N 304 
GOL O2     O  N N 305 
GOL C3     C  N N 306 
GOL O3     O  N N 307 
GOL H11    H  N N 308 
GOL H12    H  N N 309 
GOL HO1    H  N N 310 
GOL H2     H  N N 311 
GOL HO2    H  N N 312 
GOL H31    H  N N 313 
GOL H32    H  N N 314 
GOL HO3    H  N N 315 
HIS N      N  N N 316 
HIS CA     C  N S 317 
HIS C      C  N N 318 
HIS O      O  N N 319 
HIS CB     C  N N 320 
HIS CG     C  Y N 321 
HIS ND1    N  Y N 322 
HIS CD2    C  Y N 323 
HIS CE1    C  Y N 324 
HIS NE2    N  Y N 325 
HIS OXT    O  N N 326 
HIS H      H  N N 327 
HIS H2     H  N N 328 
HIS HA     H  N N 329 
HIS HB2    H  N N 330 
HIS HB3    H  N N 331 
HIS HD1    H  N N 332 
HIS HD2    H  N N 333 
HIS HE1    H  N N 334 
HIS HE2    H  N N 335 
HIS HXT    H  N N 336 
HOH O      O  N N 337 
HOH H1     H  N N 338 
HOH H2     H  N N 339 
ILE N      N  N N 340 
ILE CA     C  N S 341 
ILE C      C  N N 342 
ILE O      O  N N 343 
ILE CB     C  N S 344 
ILE CG1    C  N N 345 
ILE CG2    C  N N 346 
ILE CD1    C  N N 347 
ILE OXT    O  N N 348 
ILE H      H  N N 349 
ILE H2     H  N N 350 
ILE HA     H  N N 351 
ILE HB     H  N N 352 
ILE HG12   H  N N 353 
ILE HG13   H  N N 354 
ILE HG21   H  N N 355 
ILE HG22   H  N N 356 
ILE HG23   H  N N 357 
ILE HD11   H  N N 358 
ILE HD12   H  N N 359 
ILE HD13   H  N N 360 
ILE HXT    H  N N 361 
LEU N      N  N N 362 
LEU CA     C  N S 363 
LEU C      C  N N 364 
LEU O      O  N N 365 
LEU CB     C  N N 366 
LEU CG     C  N N 367 
LEU CD1    C  N N 368 
LEU CD2    C  N N 369 
LEU OXT    O  N N 370 
LEU H      H  N N 371 
LEU H2     H  N N 372 
LEU HA     H  N N 373 
LEU HB2    H  N N 374 
LEU HB3    H  N N 375 
LEU HG     H  N N 376 
LEU HD11   H  N N 377 
LEU HD12   H  N N 378 
LEU HD13   H  N N 379 
LEU HD21   H  N N 380 
LEU HD22   H  N N 381 
LEU HD23   H  N N 382 
LEU HXT    H  N N 383 
LYS N      N  N N 384 
LYS CA     C  N S 385 
LYS C      C  N N 386 
LYS O      O  N N 387 
LYS CB     C  N N 388 
LYS CG     C  N N 389 
LYS CD     C  N N 390 
LYS CE     C  N N 391 
LYS NZ     N  N N 392 
LYS OXT    O  N N 393 
LYS H      H  N N 394 
LYS H2     H  N N 395 
LYS HA     H  N N 396 
LYS HB2    H  N N 397 
LYS HB3    H  N N 398 
LYS HG2    H  N N 399 
LYS HG3    H  N N 400 
LYS HD2    H  N N 401 
LYS HD3    H  N N 402 
LYS HE2    H  N N 403 
LYS HE3    H  N N 404 
LYS HZ1    H  N N 405 
LYS HZ2    H  N N 406 
LYS HZ3    H  N N 407 
LYS HXT    H  N N 408 
MET N      N  N N 409 
MET CA     C  N S 410 
MET C      C  N N 411 
MET O      O  N N 412 
MET CB     C  N N 413 
MET CG     C  N N 414 
MET SD     S  N N 415 
MET CE     C  N N 416 
MET OXT    O  N N 417 
MET H      H  N N 418 
MET H2     H  N N 419 
MET HA     H  N N 420 
MET HB2    H  N N 421 
MET HB3    H  N N 422 
MET HG2    H  N N 423 
MET HG3    H  N N 424 
MET HE1    H  N N 425 
MET HE2    H  N N 426 
MET HE3    H  N N 427 
MET HXT    H  N N 428 
PHE N      N  N N 429 
PHE CA     C  N S 430 
PHE C      C  N N 431 
PHE O      O  N N 432 
PHE CB     C  N N 433 
PHE CG     C  Y N 434 
PHE CD1    C  Y N 435 
PHE CD2    C  Y N 436 
PHE CE1    C  Y N 437 
PHE CE2    C  Y N 438 
PHE CZ     C  Y N 439 
PHE OXT    O  N N 440 
PHE H      H  N N 441 
PHE H2     H  N N 442 
PHE HA     H  N N 443 
PHE HB2    H  N N 444 
PHE HB3    H  N N 445 
PHE HD1    H  N N 446 
PHE HD2    H  N N 447 
PHE HE1    H  N N 448 
PHE HE2    H  N N 449 
PHE HZ     H  N N 450 
PHE HXT    H  N N 451 
PRO N      N  N N 452 
PRO CA     C  N S 453 
PRO C      C  N N 454 
PRO O      O  N N 455 
PRO CB     C  N N 456 
PRO CG     C  N N 457 
PRO CD     C  N N 458 
PRO OXT    O  N N 459 
PRO H      H  N N 460 
PRO HA     H  N N 461 
PRO HB2    H  N N 462 
PRO HB3    H  N N 463 
PRO HG2    H  N N 464 
PRO HG3    H  N N 465 
PRO HD2    H  N N 466 
PRO HD3    H  N N 467 
PRO HXT    H  N N 468 
SER N      N  N N 469 
SER CA     C  N S 470 
SER C      C  N N 471 
SER O      O  N N 472 
SER CB     C  N N 473 
SER OG     O  N N 474 
SER OXT    O  N N 475 
SER H      H  N N 476 
SER H2     H  N N 477 
SER HA     H  N N 478 
SER HB2    H  N N 479 
SER HB3    H  N N 480 
SER HG     H  N N 481 
SER HXT    H  N N 482 
THR N      N  N N 483 
THR CA     C  N S 484 
THR C      C  N N 485 
THR O      O  N N 486 
THR CB     C  N R 487 
THR OG1    O  N N 488 
THR CG2    C  N N 489 
THR OXT    O  N N 490 
THR H      H  N N 491 
THR H2     H  N N 492 
THR HA     H  N N 493 
THR HB     H  N N 494 
THR HG1    H  N N 495 
THR HG21   H  N N 496 
THR HG22   H  N N 497 
THR HG23   H  N N 498 
THR HXT    H  N N 499 
TRP N      N  N N 500 
TRP CA     C  N S 501 
TRP C      C  N N 502 
TRP O      O  N N 503 
TRP CB     C  N N 504 
TRP CG     C  Y N 505 
TRP CD1    C  Y N 506 
TRP CD2    C  Y N 507 
TRP NE1    N  Y N 508 
TRP CE2    C  Y N 509 
TRP CE3    C  Y N 510 
TRP CZ2    C  Y N 511 
TRP CZ3    C  Y N 512 
TRP CH2    C  Y N 513 
TRP OXT    O  N N 514 
TRP H      H  N N 515 
TRP H2     H  N N 516 
TRP HA     H  N N 517 
TRP HB2    H  N N 518 
TRP HB3    H  N N 519 
TRP HD1    H  N N 520 
TRP HE1    H  N N 521 
TRP HE3    H  N N 522 
TRP HZ2    H  N N 523 
TRP HZ3    H  N N 524 
TRP HH2    H  N N 525 
TRP HXT    H  N N 526 
TYR N      N  N N 527 
TYR CA     C  N S 528 
TYR C      C  N N 529 
TYR O      O  N N 530 
TYR CB     C  N N 531 
TYR CG     C  Y N 532 
TYR CD1    C  Y N 533 
TYR CD2    C  Y N 534 
TYR CE1    C  Y N 535 
TYR CE2    C  Y N 536 
TYR CZ     C  Y N 537 
TYR OH     O  N N 538 
TYR OXT    O  N N 539 
TYR H      H  N N 540 
TYR H2     H  N N 541 
TYR HA     H  N N 542 
TYR HB2    H  N N 543 
TYR HB3    H  N N 544 
TYR HD1    H  N N 545 
TYR HD2    H  N N 546 
TYR HE1    H  N N 547 
TYR HE2    H  N N 548 
TYR HH     H  N N 549 
TYR HXT    H  N N 550 
VAL N      N  N N 551 
VAL CA     C  N S 552 
VAL C      C  N N 553 
VAL O      O  N N 554 
VAL CB     C  N N 555 
VAL CG1    C  N N 556 
VAL CG2    C  N N 557 
VAL OXT    O  N N 558 
VAL H      H  N N 559 
VAL H2     H  N N 560 
VAL HA     H  N N 561 
VAL HB     H  N N 562 
VAL HG11   H  N N 563 
VAL HG12   H  N N 564 
VAL HG13   H  N N 565 
VAL HG21   H  N N 566 
VAL HG22   H  N N 567 
VAL HG23   H  N N 568 
VAL HXT    H  N N 569 
# 
loop_
_chem_comp_bond.comp_id 
_chem_comp_bond.atom_id_1 
_chem_comp_bond.atom_id_2 
_chem_comp_bond.value_order 
_chem_comp_bond.pdbx_aromatic_flag 
_chem_comp_bond.pdbx_stereo_config 
_chem_comp_bond.pdbx_ordinal 
ALA N     CA     sing N N 1   
ALA N     H      sing N N 2   
ALA N     H2     sing N N 3   
ALA CA    C      sing N N 4   
ALA CA    CB     sing N N 5   
ALA CA    HA     sing N N 6   
ALA C     O      doub N N 7   
ALA C     OXT    sing N N 8   
ALA CB    HB1    sing N N 9   
ALA CB    HB2    sing N N 10  
ALA CB    HB3    sing N N 11  
ALA OXT   HXT    sing N N 12  
ARG N     CA     sing N N 13  
ARG N     H      sing N N 14  
ARG N     H2     sing N N 15  
ARG CA    C      sing N N 16  
ARG CA    CB     sing N N 17  
ARG CA    HA     sing N N 18  
ARG C     O      doub N N 19  
ARG C     OXT    sing N N 20  
ARG CB    CG     sing N N 21  
ARG CB    HB2    sing N N 22  
ARG CB    HB3    sing N N 23  
ARG CG    CD     sing N N 24  
ARG CG    HG2    sing N N 25  
ARG CG    HG3    sing N N 26  
ARG CD    NE     sing N N 27  
ARG CD    HD2    sing N N 28  
ARG CD    HD3    sing N N 29  
ARG NE    CZ     sing N N 30  
ARG NE    HE     sing N N 31  
ARG CZ    NH1    sing N N 32  
ARG CZ    NH2    doub N N 33  
ARG NH1   HH11   sing N N 34  
ARG NH1   HH12   sing N N 35  
ARG NH2   HH21   sing N N 36  
ARG NH2   HH22   sing N N 37  
ARG OXT   HXT    sing N N 38  
ASN N     CA     sing N N 39  
ASN N     H      sing N N 40  
ASN N     H2     sing N N 41  
ASN CA    C      sing N N 42  
ASN CA    CB     sing N N 43  
ASN CA    HA     sing N N 44  
ASN C     O      doub N N 45  
ASN C     OXT    sing N N 46  
ASN CB    CG     sing N N 47  
ASN CB    HB2    sing N N 48  
ASN CB    HB3    sing N N 49  
ASN CG    OD1    doub N N 50  
ASN CG    ND2    sing N N 51  
ASN ND2   HD21   sing N N 52  
ASN ND2   HD22   sing N N 53  
ASN OXT   HXT    sing N N 54  
ASP N     CA     sing N N 55  
ASP N     H      sing N N 56  
ASP N     H2     sing N N 57  
ASP CA    C      sing N N 58  
ASP CA    CB     sing N N 59  
ASP CA    HA     sing N N 60  
ASP C     O      doub N N 61  
ASP C     OXT    sing N N 62  
ASP CB    CG     sing N N 63  
ASP CB    HB2    sing N N 64  
ASP CB    HB3    sing N N 65  
ASP CG    OD1    doub N N 66  
ASP CG    OD2    sing N N 67  
ASP OD2   HD2    sing N N 68  
ASP OXT   HXT    sing N N 69  
CYS N     CA     sing N N 70  
CYS N     H      sing N N 71  
CYS N     H2     sing N N 72  
CYS CA    C      sing N N 73  
CYS CA    CB     sing N N 74  
CYS CA    HA     sing N N 75  
CYS C     O      doub N N 76  
CYS C     OXT    sing N N 77  
CYS CB    SG     sing N N 78  
CYS CB    HB2    sing N N 79  
CYS CB    HB3    sing N N 80  
CYS SG    HG     sing N N 81  
CYS OXT   HXT    sing N N 82  
DA  OP3   P      sing N N 83  
DA  OP3   HOP3   sing N N 84  
DA  P     OP1    doub N N 85  
DA  P     OP2    sing N N 86  
DA  P     "O5'"  sing N N 87  
DA  OP2   HOP2   sing N N 88  
DA  "O5'" "C5'"  sing N N 89  
DA  "C5'" "C4'"  sing N N 90  
DA  "C5'" "H5'"  sing N N 91  
DA  "C5'" "H5''" sing N N 92  
DA  "C4'" "O4'"  sing N N 93  
DA  "C4'" "C3'"  sing N N 94  
DA  "C4'" "H4'"  sing N N 95  
DA  "O4'" "C1'"  sing N N 96  
DA  "C3'" "O3'"  sing N N 97  
DA  "C3'" "C2'"  sing N N 98  
DA  "C3'" "H3'"  sing N N 99  
DA  "O3'" "HO3'" sing N N 100 
DA  "C2'" "C1'"  sing N N 101 
DA  "C2'" "H2'"  sing N N 102 
DA  "C2'" "H2''" sing N N 103 
DA  "C1'" N9     sing N N 104 
DA  "C1'" "H1'"  sing N N 105 
DA  N9    C8     sing Y N 106 
DA  N9    C4     sing Y N 107 
DA  C8    N7     doub Y N 108 
DA  C8    H8     sing N N 109 
DA  N7    C5     sing Y N 110 
DA  C5    C6     sing Y N 111 
DA  C5    C4     doub Y N 112 
DA  C6    N6     sing N N 113 
DA  C6    N1     doub Y N 114 
DA  N6    H61    sing N N 115 
DA  N6    H62    sing N N 116 
DA  N1    C2     sing Y N 117 
DA  C2    N3     doub Y N 118 
DA  C2    H2     sing N N 119 
DA  N3    C4     sing Y N 120 
DC  OP3   P      sing N N 121 
DC  OP3   HOP3   sing N N 122 
DC  P     OP1    doub N N 123 
DC  P     OP2    sing N N 124 
DC  P     "O5'"  sing N N 125 
DC  OP2   HOP2   sing N N 126 
DC  "O5'" "C5'"  sing N N 127 
DC  "C5'" "C4'"  sing N N 128 
DC  "C5'" "H5'"  sing N N 129 
DC  "C5'" "H5''" sing N N 130 
DC  "C4'" "O4'"  sing N N 131 
DC  "C4'" "C3'"  sing N N 132 
DC  "C4'" "H4'"  sing N N 133 
DC  "O4'" "C1'"  sing N N 134 
DC  "C3'" "O3'"  sing N N 135 
DC  "C3'" "C2'"  sing N N 136 
DC  "C3'" "H3'"  sing N N 137 
DC  "O3'" "HO3'" sing N N 138 
DC  "C2'" "C1'"  sing N N 139 
DC  "C2'" "H2'"  sing N N 140 
DC  "C2'" "H2''" sing N N 141 
DC  "C1'" N1     sing N N 142 
DC  "C1'" "H1'"  sing N N 143 
DC  N1    C2     sing N N 144 
DC  N1    C6     sing N N 145 
DC  C2    O2     doub N N 146 
DC  C2    N3     sing N N 147 
DC  N3    C4     doub N N 148 
DC  C4    N4     sing N N 149 
DC  C4    C5     sing N N 150 
DC  N4    H41    sing N N 151 
DC  N4    H42    sing N N 152 
DC  C5    C6     doub N N 153 
DC  C5    H5     sing N N 154 
DC  C6    H6     sing N N 155 
DG  OP3   P      sing N N 156 
DG  OP3   HOP3   sing N N 157 
DG  P     OP1    doub N N 158 
DG  P     OP2    sing N N 159 
DG  P     "O5'"  sing N N 160 
DG  OP2   HOP2   sing N N 161 
DG  "O5'" "C5'"  sing N N 162 
DG  "C5'" "C4'"  sing N N 163 
DG  "C5'" "H5'"  sing N N 164 
DG  "C5'" "H5''" sing N N 165 
DG  "C4'" "O4'"  sing N N 166 
DG  "C4'" "C3'"  sing N N 167 
DG  "C4'" "H4'"  sing N N 168 
DG  "O4'" "C1'"  sing N N 169 
DG  "C3'" "O3'"  sing N N 170 
DG  "C3'" "C2'"  sing N N 171 
DG  "C3'" "H3'"  sing N N 172 
DG  "O3'" "HO3'" sing N N 173 
DG  "C2'" "C1'"  sing N N 174 
DG  "C2'" "H2'"  sing N N 175 
DG  "C2'" "H2''" sing N N 176 
DG  "C1'" N9     sing N N 177 
DG  "C1'" "H1'"  sing N N 178 
DG  N9    C8     sing Y N 179 
DG  N9    C4     sing Y N 180 
DG  C8    N7     doub Y N 181 
DG  C8    H8     sing N N 182 
DG  N7    C5     sing Y N 183 
DG  C5    C6     sing N N 184 
DG  C5    C4     doub Y N 185 
DG  C6    O6     doub N N 186 
DG  C6    N1     sing N N 187 
DG  N1    C2     sing N N 188 
DG  N1    H1     sing N N 189 
DG  C2    N2     sing N N 190 
DG  C2    N3     doub N N 191 
DG  N2    H21    sing N N 192 
DG  N2    H22    sing N N 193 
DG  N3    C4     sing N N 194 
DT  OP3   P      sing N N 195 
DT  OP3   HOP3   sing N N 196 
DT  P     OP1    doub N N 197 
DT  P     OP2    sing N N 198 
DT  P     "O5'"  sing N N 199 
DT  OP2   HOP2   sing N N 200 
DT  "O5'" "C5'"  sing N N 201 
DT  "C5'" "C4'"  sing N N 202 
DT  "C5'" "H5'"  sing N N 203 
DT  "C5'" "H5''" sing N N 204 
DT  "C4'" "O4'"  sing N N 205 
DT  "C4'" "C3'"  sing N N 206 
DT  "C4'" "H4'"  sing N N 207 
DT  "O4'" "C1'"  sing N N 208 
DT  "C3'" "O3'"  sing N N 209 
DT  "C3'" "C2'"  sing N N 210 
DT  "C3'" "H3'"  sing N N 211 
DT  "O3'" "HO3'" sing N N 212 
DT  "C2'" "C1'"  sing N N 213 
DT  "C2'" "H2'"  sing N N 214 
DT  "C2'" "H2''" sing N N 215 
DT  "C1'" N1     sing N N 216 
DT  "C1'" "H1'"  sing N N 217 
DT  N1    C2     sing N N 218 
DT  N1    C6     sing N N 219 
DT  C2    O2     doub N N 220 
DT  C2    N3     sing N N 221 
DT  N3    C4     sing N N 222 
DT  N3    H3     sing N N 223 
DT  C4    O4     doub N N 224 
DT  C4    C5     sing N N 225 
DT  C5    C7     sing N N 226 
DT  C5    C6     doub N N 227 
DT  C7    H71    sing N N 228 
DT  C7    H72    sing N N 229 
DT  C7    H73    sing N N 230 
DT  C6    H6     sing N N 231 
DTT S1    C1     sing N N 232 
DTT S1    HS1    sing N N 233 
DTT C1    C2     sing N N 234 
DTT C1    H11    sing N N 235 
DTT C1    H12    sing N N 236 
DTT C2    O2     sing N N 237 
DTT C2    C3     sing N N 238 
DTT C2    H2     sing N N 239 
DTT O2    HO2    sing N N 240 
DTT C3    O3     sing N N 241 
DTT C3    C4     sing N N 242 
DTT C3    H3     sing N N 243 
DTT O3    HO3    sing N N 244 
DTT C4    S4     sing N N 245 
DTT C4    H41    sing N N 246 
DTT C4    H42    sing N N 247 
DTT S4    HS2    sing N N 248 
FES FE1   S1     sing N N 249 
FES FE1   S2     sing N N 250 
FES FE2   S1     sing N N 251 
FES FE2   S2     sing N N 252 
GLN N     CA     sing N N 253 
GLN N     H      sing N N 254 
GLN N     H2     sing N N 255 
GLN CA    C      sing N N 256 
GLN CA    CB     sing N N 257 
GLN CA    HA     sing N N 258 
GLN C     O      doub N N 259 
GLN C     OXT    sing N N 260 
GLN CB    CG     sing N N 261 
GLN CB    HB2    sing N N 262 
GLN CB    HB3    sing N N 263 
GLN CG    CD     sing N N 264 
GLN CG    HG2    sing N N 265 
GLN CG    HG3    sing N N 266 
GLN CD    OE1    doub N N 267 
GLN CD    NE2    sing N N 268 
GLN NE2   HE21   sing N N 269 
GLN NE2   HE22   sing N N 270 
GLN OXT   HXT    sing N N 271 
GLU N     CA     sing N N 272 
GLU N     H      sing N N 273 
GLU N     H2     sing N N 274 
GLU CA    C      sing N N 275 
GLU CA    CB     sing N N 276 
GLU CA    HA     sing N N 277 
GLU C     O      doub N N 278 
GLU C     OXT    sing N N 279 
GLU CB    CG     sing N N 280 
GLU CB    HB2    sing N N 281 
GLU CB    HB3    sing N N 282 
GLU CG    CD     sing N N 283 
GLU CG    HG2    sing N N 284 
GLU CG    HG3    sing N N 285 
GLU CD    OE1    doub N N 286 
GLU CD    OE2    sing N N 287 
GLU OE2   HE2    sing N N 288 
GLU OXT   HXT    sing N N 289 
GLY N     CA     sing N N 290 
GLY N     H      sing N N 291 
GLY N     H2     sing N N 292 
GLY CA    C      sing N N 293 
GLY CA    HA2    sing N N 294 
GLY CA    HA3    sing N N 295 
GLY C     O      doub N N 296 
GLY C     OXT    sing N N 297 
GLY OXT   HXT    sing N N 298 
GOL C1    O1     sing N N 299 
GOL C1    C2     sing N N 300 
GOL C1    H11    sing N N 301 
GOL C1    H12    sing N N 302 
GOL O1    HO1    sing N N 303 
GOL C2    O2     sing N N 304 
GOL C2    C3     sing N N 305 
GOL C2    H2     sing N N 306 
GOL O2    HO2    sing N N 307 
GOL C3    O3     sing N N 308 
GOL C3    H31    sing N N 309 
GOL C3    H32    sing N N 310 
GOL O3    HO3    sing N N 311 
HIS N     CA     sing N N 312 
HIS N     H      sing N N 313 
HIS N     H2     sing N N 314 
HIS CA    C      sing N N 315 
HIS CA    CB     sing N N 316 
HIS CA    HA     sing N N 317 
HIS C     O      doub N N 318 
HIS C     OXT    sing N N 319 
HIS CB    CG     sing N N 320 
HIS CB    HB2    sing N N 321 
HIS CB    HB3    sing N N 322 
HIS CG    ND1    sing Y N 323 
HIS CG    CD2    doub Y N 324 
HIS ND1   CE1    doub Y N 325 
HIS ND1   HD1    sing N N 326 
HIS CD2   NE2    sing Y N 327 
HIS CD2   HD2    sing N N 328 
HIS CE1   NE2    sing Y N 329 
HIS CE1   HE1    sing N N 330 
HIS NE2   HE2    sing N N 331 
HIS OXT   HXT    sing N N 332 
HOH O     H1     sing N N 333 
HOH O     H2     sing N N 334 
ILE N     CA     sing N N 335 
ILE N     H      sing N N 336 
ILE N     H2     sing N N 337 
ILE CA    C      sing N N 338 
ILE CA    CB     sing N N 339 
ILE CA    HA     sing N N 340 
ILE C     O      doub N N 341 
ILE C     OXT    sing N N 342 
ILE CB    CG1    sing N N 343 
ILE CB    CG2    sing N N 344 
ILE CB    HB     sing N N 345 
ILE CG1   CD1    sing N N 346 
ILE CG1   HG12   sing N N 347 
ILE CG1   HG13   sing N N 348 
ILE CG2   HG21   sing N N 349 
ILE CG2   HG22   sing N N 350 
ILE CG2   HG23   sing N N 351 
ILE CD1   HD11   sing N N 352 
ILE CD1   HD12   sing N N 353 
ILE CD1   HD13   sing N N 354 
ILE OXT   HXT    sing N N 355 
LEU N     CA     sing N N 356 
LEU N     H      sing N N 357 
LEU N     H2     sing N N 358 
LEU CA    C      sing N N 359 
LEU CA    CB     sing N N 360 
LEU CA    HA     sing N N 361 
LEU C     O      doub N N 362 
LEU C     OXT    sing N N 363 
LEU CB    CG     sing N N 364 
LEU CB    HB2    sing N N 365 
LEU CB    HB3    sing N N 366 
LEU CG    CD1    sing N N 367 
LEU CG    CD2    sing N N 368 
LEU CG    HG     sing N N 369 
LEU CD1   HD11   sing N N 370 
LEU CD1   HD12   sing N N 371 
LEU CD1   HD13   sing N N 372 
LEU CD2   HD21   sing N N 373 
LEU CD2   HD22   sing N N 374 
LEU CD2   HD23   sing N N 375 
LEU OXT   HXT    sing N N 376 
LYS N     CA     sing N N 377 
LYS N     H      sing N N 378 
LYS N     H2     sing N N 379 
LYS CA    C      sing N N 380 
LYS CA    CB     sing N N 381 
LYS CA    HA     sing N N 382 
LYS C     O      doub N N 383 
LYS C     OXT    sing N N 384 
LYS CB    CG     sing N N 385 
LYS CB    HB2    sing N N 386 
LYS CB    HB3    sing N N 387 
LYS CG    CD     sing N N 388 
LYS CG    HG2    sing N N 389 
LYS CG    HG3    sing N N 390 
LYS CD    CE     sing N N 391 
LYS CD    HD2    sing N N 392 
LYS CD    HD3    sing N N 393 
LYS CE    NZ     sing N N 394 
LYS CE    HE2    sing N N 395 
LYS CE    HE3    sing N N 396 
LYS NZ    HZ1    sing N N 397 
LYS NZ    HZ2    sing N N 398 
LYS NZ    HZ3    sing N N 399 
LYS OXT   HXT    sing N N 400 
MET N     CA     sing N N 401 
MET N     H      sing N N 402 
MET N     H2     sing N N 403 
MET CA    C      sing N N 404 
MET CA    CB     sing N N 405 
MET CA    HA     sing N N 406 
MET C     O      doub N N 407 
MET C     OXT    sing N N 408 
MET CB    CG     sing N N 409 
MET CB    HB2    sing N N 410 
MET CB    HB3    sing N N 411 
MET CG    SD     sing N N 412 
MET CG    HG2    sing N N 413 
MET CG    HG3    sing N N 414 
MET SD    CE     sing N N 415 
MET CE    HE1    sing N N 416 
MET CE    HE2    sing N N 417 
MET CE    HE3    sing N N 418 
MET OXT   HXT    sing N N 419 
PHE N     CA     sing N N 420 
PHE N     H      sing N N 421 
PHE N     H2     sing N N 422 
PHE CA    C      sing N N 423 
PHE CA    CB     sing N N 424 
PHE CA    HA     sing N N 425 
PHE C     O      doub N N 426 
PHE C     OXT    sing N N 427 
PHE CB    CG     sing N N 428 
PHE CB    HB2    sing N N 429 
PHE CB    HB3    sing N N 430 
PHE CG    CD1    doub Y N 431 
PHE CG    CD2    sing Y N 432 
PHE CD1   CE1    sing Y N 433 
PHE CD1   HD1    sing N N 434 
PHE CD2   CE2    doub Y N 435 
PHE CD2   HD2    sing N N 436 
PHE CE1   CZ     doub Y N 437 
PHE CE1   HE1    sing N N 438 
PHE CE2   CZ     sing Y N 439 
PHE CE2   HE2    sing N N 440 
PHE CZ    HZ     sing N N 441 
PHE OXT   HXT    sing N N 442 
PRO N     CA     sing N N 443 
PRO N     CD     sing N N 444 
PRO N     H      sing N N 445 
PRO CA    C      sing N N 446 
PRO CA    CB     sing N N 447 
PRO CA    HA     sing N N 448 
PRO C     O      doub N N 449 
PRO C     OXT    sing N N 450 
PRO CB    CG     sing N N 451 
PRO CB    HB2    sing N N 452 
PRO CB    HB3    sing N N 453 
PRO CG    CD     sing N N 454 
PRO CG    HG2    sing N N 455 
PRO CG    HG3    sing N N 456 
PRO CD    HD2    sing N N 457 
PRO CD    HD3    sing N N 458 
PRO OXT   HXT    sing N N 459 
SER N     CA     sing N N 460 
SER N     H      sing N N 461 
SER N     H2     sing N N 462 
SER CA    C      sing N N 463 
SER CA    CB     sing N N 464 
SER CA    HA     sing N N 465 
SER C     O      doub N N 466 
SER C     OXT    sing N N 467 
SER CB    OG     sing N N 468 
SER CB    HB2    sing N N 469 
SER CB    HB3    sing N N 470 
SER OG    HG     sing N N 471 
SER OXT   HXT    sing N N 472 
THR N     CA     sing N N 473 
THR N     H      sing N N 474 
THR N     H2     sing N N 475 
THR CA    C      sing N N 476 
THR CA    CB     sing N N 477 
THR CA    HA     sing N N 478 
THR C     O      doub N N 479 
THR C     OXT    sing N N 480 
THR CB    OG1    sing N N 481 
THR CB    CG2    sing N N 482 
THR CB    HB     sing N N 483 
THR OG1   HG1    sing N N 484 
THR CG2   HG21   sing N N 485 
THR CG2   HG22   sing N N 486 
THR CG2   HG23   sing N N 487 
THR OXT   HXT    sing N N 488 
TRP N     CA     sing N N 489 
TRP N     H      sing N N 490 
TRP N     H2     sing N N 491 
TRP CA    C      sing N N 492 
TRP CA    CB     sing N N 493 
TRP CA    HA     sing N N 494 
TRP C     O      doub N N 495 
TRP C     OXT    sing N N 496 
TRP CB    CG     sing N N 497 
TRP CB    HB2    sing N N 498 
TRP CB    HB3    sing N N 499 
TRP CG    CD1    doub Y N 500 
TRP CG    CD2    sing Y N 501 
TRP CD1   NE1    sing Y N 502 
TRP CD1   HD1    sing N N 503 
TRP CD2   CE2    doub Y N 504 
TRP CD2   CE3    sing Y N 505 
TRP NE1   CE2    sing Y N 506 
TRP NE1   HE1    sing N N 507 
TRP CE2   CZ2    sing Y N 508 
TRP CE3   CZ3    doub Y N 509 
TRP CE3   HE3    sing N N 510 
TRP CZ2   CH2    doub Y N 511 
TRP CZ2   HZ2    sing N N 512 
TRP CZ3   CH2    sing Y N 513 
TRP CZ3   HZ3    sing N N 514 
TRP CH2   HH2    sing N N 515 
TRP OXT   HXT    sing N N 516 
TYR N     CA     sing N N 517 
TYR N     H      sing N N 518 
TYR N     H2     sing N N 519 
TYR CA    C      sing N N 520 
TYR CA    CB     sing N N 521 
TYR CA    HA     sing N N 522 
TYR C     O      doub N N 523 
TYR C     OXT    sing N N 524 
TYR CB    CG     sing N N 525 
TYR CB    HB2    sing N N 526 
TYR CB    HB3    sing N N 527 
TYR CG    CD1    doub Y N 528 
TYR CG    CD2    sing Y N 529 
TYR CD1   CE1    sing Y N 530 
TYR CD1   HD1    sing N N 531 
TYR CD2   CE2    doub Y N 532 
TYR CD2   HD2    sing N N 533 
TYR CE1   CZ     doub Y N 534 
TYR CE1   HE1    sing N N 535 
TYR CE2   CZ     sing Y N 536 
TYR CE2   HE2    sing N N 537 
TYR CZ    OH     sing N N 538 
TYR OH    HH     sing N N 539 
TYR OXT   HXT    sing N N 540 
VAL N     CA     sing N N 541 
VAL N     H      sing N N 542 
VAL N     H2     sing N N 543 
VAL CA    C      sing N N 544 
VAL CA    CB     sing N N 545 
VAL CA    HA     sing N N 546 
VAL C     O      doub N N 547 
VAL C     OXT    sing N N 548 
VAL CB    CG1    sing N N 549 
VAL CB    CG2    sing N N 550 
VAL CB    HB     sing N N 551 
VAL CG1   HG11   sing N N 552 
VAL CG1   HG12   sing N N 553 
VAL CG1   HG13   sing N N 554 
VAL CG2   HG21   sing N N 555 
VAL CG2   HG22   sing N N 556 
VAL CG2   HG23   sing N N 557 
VAL OXT   HXT    sing N N 558 
# 
loop_
_ndb_struct_conf_na.entry_id 
_ndb_struct_conf_na.feature 
2ZHG 'double helix'        
2ZHG 'b-form double helix' 
# 
loop_
_ndb_struct_na_base_pair.model_number 
_ndb_struct_na_base_pair.i_label_asym_id 
_ndb_struct_na_base_pair.i_label_comp_id 
_ndb_struct_na_base_pair.i_label_seq_id 
_ndb_struct_na_base_pair.i_symmetry 
_ndb_struct_na_base_pair.j_label_asym_id 
_ndb_struct_na_base_pair.j_label_comp_id 
_ndb_struct_na_base_pair.j_label_seq_id 
_ndb_struct_na_base_pair.j_symmetry 
_ndb_struct_na_base_pair.shear 
_ndb_struct_na_base_pair.stretch 
_ndb_struct_na_base_pair.stagger 
_ndb_struct_na_base_pair.buckle 
_ndb_struct_na_base_pair.propeller 
_ndb_struct_na_base_pair.opening 
_ndb_struct_na_base_pair.pair_number 
_ndb_struct_na_base_pair.pair_name 
_ndb_struct_na_base_pair.i_auth_asym_id 
_ndb_struct_na_base_pair.i_auth_seq_id 
_ndb_struct_na_base_pair.i_PDB_ins_code 
_ndb_struct_na_base_pair.j_auth_asym_id 
_ndb_struct_na_base_pair.j_auth_seq_id 
_ndb_struct_na_base_pair.j_PDB_ins_code 
_ndb_struct_na_base_pair.hbond_type_28 
_ndb_struct_na_base_pair.hbond_type_12 
1 A DG 1  1_555 A DC 20 10_554 -0.763 -0.168 -0.486 -1.191 -2.384  -2.270  1  B_DG1:DC20_B  B 1  ? B 20 ? 19 1 
1 A DC 2  1_555 A DG 19 10_554 -0.440 -0.148 -0.719 4.013  -0.598  -10.238 2  B_DC2:DG19_B  B 2  ? B 19 ? 19 1 
1 A DC 3  1_555 A DG 18 10_554 -0.256 -0.053 -0.319 -5.665 -0.895  1.453   3  B_DC3:DG18_B  B 3  ? B 18 ? 19 1 
1 A DT 4  1_555 A DA 17 10_554 -0.216 -0.256 -0.215 -0.302 -6.186  2.682   4  B_DT4:DA17_B  B 4  ? B 17 ? 20 1 
1 A DC 5  1_555 A DG 16 10_554 -0.214 -0.003 -0.184 4.687  -7.483  5.622   5  B_DC5:DG16_B  B 5  ? B 16 ? 19 1 
1 A DA 6  1_555 A DT 15 10_554 0.043  -0.134 0.014  5.015  -6.782  -0.709  6  B_DA6:DT15_B  B 6  ? B 15 ? 20 1 
1 A DA 7  1_555 A DT 14 10_554 -0.025 -0.207 -0.175 5.794  -12.427 -0.867  7  B_DA7:DT14_B  B 7  ? B 14 ? 20 1 
1 A DG 8  1_555 A DC 13 10_554 -1.037 -0.267 0.025  -3.474 -9.444  -2.098  8  B_DG8:DC13_B  B 8  ? B 13 ? 19 1 
1 A DT 9  1_555 A DA 12 10_554 -0.444 -0.091 -0.047 0.927  -1.502  6.886   9  B_DT9:DA12_B  B 9  ? B 12 ? 20 1 
1 A DT 10 1_555 A DA 11 10_554 -1.424 -0.058 0.544  -5.230 -0.987  22.956  10 B_DT10:DA11_B B 10 ? B 11 ? ?  ? 
1 A DA 11 1_555 A DT 10 10_554 1.424  -0.058 0.544  5.230  -0.987  22.956  11 B_DA11:DT10_B B 11 ? B 10 ? ?  ? 
1 A DA 12 1_555 A DT 9  10_554 0.444  -0.091 -0.047 -0.927 -1.503  6.886   12 B_DA12:DT9_B  B 12 ? B 9  ? 20 1 
1 A DC 13 1_555 A DG 8  10_554 1.037  -0.267 0.025  3.474  -9.444  -2.098  13 B_DC13:DG8_B  B 13 ? B 8  ? 19 1 
1 A DT 14 1_555 A DA 7  10_554 0.025  -0.207 -0.175 -5.794 -12.427 -0.867  14 B_DT14:DA7_B  B 14 ? B 7  ? 20 1 
1 A DT 15 1_555 A DA 6  10_554 -0.043 -0.134 0.014  -5.015 -6.782  -0.709  15 B_DT15:DA6_B  B 15 ? B 6  ? 20 1 
1 A DG 16 1_555 A DC 5  10_554 0.214  -0.003 -0.184 -4.687 -7.483  5.622   16 B_DG16:DC5_B  B 16 ? B 5  ? 19 1 
1 A DA 17 1_555 A DT 4  10_554 0.216  -0.256 -0.215 0.302  -6.186  2.682   17 B_DA17:DT4_B  B 17 ? B 4  ? 20 1 
1 A DG 18 1_555 A DC 3  10_554 0.256  -0.053 -0.319 5.665  -0.895  1.454   18 B_DG18:DC3_B  B 18 ? B 3  ? 19 1 
1 A DG 19 1_555 A DC 2  10_554 0.440  -0.148 -0.719 -4.013 -0.598  -10.238 19 B_DG19:DC2_B  B 19 ? B 2  ? 19 1 
1 A DC 20 1_555 A DG 1  10_554 0.763  -0.168 -0.486 1.191  -2.384  -2.270  20 B_DC20:DG1_B  B 20 ? B 1  ? 19 1 
# 
loop_
_ndb_struct_na_base_pair_step.model_number 
_ndb_struct_na_base_pair_step.i_label_asym_id_1 
_ndb_struct_na_base_pair_step.i_label_comp_id_1 
_ndb_struct_na_base_pair_step.i_label_seq_id_1 
_ndb_struct_na_base_pair_step.i_symmetry_1 
_ndb_struct_na_base_pair_step.j_label_asym_id_1 
_ndb_struct_na_base_pair_step.j_label_comp_id_1 
_ndb_struct_na_base_pair_step.j_label_seq_id_1 
_ndb_struct_na_base_pair_step.j_symmetry_1 
_ndb_struct_na_base_pair_step.i_label_asym_id_2 
_ndb_struct_na_base_pair_step.i_label_comp_id_2 
_ndb_struct_na_base_pair_step.i_label_seq_id_2 
_ndb_struct_na_base_pair_step.i_symmetry_2 
_ndb_struct_na_base_pair_step.j_label_asym_id_2 
_ndb_struct_na_base_pair_step.j_label_comp_id_2 
_ndb_struct_na_base_pair_step.j_label_seq_id_2 
_ndb_struct_na_base_pair_step.j_symmetry_2 
_ndb_struct_na_base_pair_step.shift 
_ndb_struct_na_base_pair_step.slide 
_ndb_struct_na_base_pair_step.rise 
_ndb_struct_na_base_pair_step.tilt 
_ndb_struct_na_base_pair_step.roll 
_ndb_struct_na_base_pair_step.twist 
_ndb_struct_na_base_pair_step.x_displacement 
_ndb_struct_na_base_pair_step.y_displacement 
_ndb_struct_na_base_pair_step.helical_rise 
_ndb_struct_na_base_pair_step.inclination 
_ndb_struct_na_base_pair_step.tip 
_ndb_struct_na_base_pair_step.helical_twist 
_ndb_struct_na_base_pair_step.step_number 
_ndb_struct_na_base_pair_step.step_name 
_ndb_struct_na_base_pair_step.i_auth_asym_id_1 
_ndb_struct_na_base_pair_step.i_auth_seq_id_1 
_ndb_struct_na_base_pair_step.i_PDB_ins_code_1 
_ndb_struct_na_base_pair_step.j_auth_asym_id_1 
_ndb_struct_na_base_pair_step.j_auth_seq_id_1 
_ndb_struct_na_base_pair_step.j_PDB_ins_code_1 
_ndb_struct_na_base_pair_step.i_auth_asym_id_2 
_ndb_struct_na_base_pair_step.i_auth_seq_id_2 
_ndb_struct_na_base_pair_step.i_PDB_ins_code_2 
_ndb_struct_na_base_pair_step.j_auth_asym_id_2 
_ndb_struct_na_base_pair_step.j_auth_seq_id_2 
_ndb_struct_na_base_pair_step.j_PDB_ins_code_2 
1 A DG 1  1_555 A DC 20 10_554 A DC 2  1_555 A DG 19 10_554 -0.248 -0.847 3.199 -0.956 2.978  33.577 -1.928 0.277  3.120 5.141  
1.650  33.718 1  BB_DG1DC2:DG19DC20_BB   B 1  ? B 20 ? B 2  ? B 19 ? 
1 A DC 2  1_555 A DG 19 10_554 A DC 3  1_555 A DG 18 10_554 0.051  -1.301 3.484 -3.694 11.937 31.032 -4.233 -0.699 2.785 21.263 
6.580  33.396 2  BB_DC2DC3:DG18DG19_BB   B 2  ? B 19 ? B 3  ? B 18 ? 
1 A DC 3  1_555 A DG 18 10_554 A DT 4  1_555 A DA 17 10_554 -0.409 -0.666 3.207 0.785  8.816  29.609 -2.880 0.913  2.883 16.785 
-1.494 30.875 3  BB_DC3DT4:DA17DG18_BB   B 3  ? B 18 ? B 4  ? B 17 ? 
1 A DT 4  1_555 A DA 17 10_554 A DC 5  1_555 A DG 16 10_554 0.569  0.197  3.218 1.130  4.761  31.223 -0.514 -0.838 3.230 8.778  
-2.084 31.594 4  BB_DT4DC5:DG16DA17_BB   B 4  ? B 17 ? B 5  ? B 16 ? 
1 A DC 5  1_555 A DG 16 10_554 A DA 6  1_555 A DT 15 10_554 -0.652 -0.018 3.329 -1.214 0.760  36.223 -0.138 0.874  3.347 1.221  
1.952  36.250 5  BB_DC5DA6:DT15DG16_BB   B 5  ? B 16 ? B 6  ? B 15 ? 
1 A DA 6  1_555 A DT 15 10_554 A DA 7  1_555 A DT 14 10_554 0.552  -0.616 3.224 3.438  -1.099 33.094 -0.893 -0.393 3.281 -1.922 
-6.012 33.285 6  BB_DA6DA7:DT14DT15_BB   B 6  ? B 15 ? B 7  ? B 14 ? 
1 A DA 7  1_555 A DT 14 10_554 A DG 8  1_555 A DC 13 10_554 0.148  -0.733 3.476 -4.481 1.035  34.883 -1.376 -0.950 3.409 1.717  
7.435  35.176 7  BB_DA7DG8:DC13DT14_BB   B 7  ? B 14 ? B 8  ? B 13 ? 
1 A DG 8  1_555 A DC 13 10_554 A DT 9  1_555 A DA 12 10_554 -0.543 -1.215 3.188 -0.544 4.633  27.085 -3.635 1.017  2.953 9.800  
1.151  27.476 8  BB_DG8DT9:DA12DC13_BB   B 8  ? B 13 ? B 9  ? B 12 ? 
1 A DT 9  1_555 A DA 12 10_554 A DT 10 1_555 A DA 11 10_554 0.111  0.338  3.634 -4.240 19.173 22.173 -4.050 -1.259 2.942 40.995 
9.066  29.537 9  BB_DT9DT10:DA11DA12_BB  B 9  ? B 12 ? B 10 ? B 11 ? 
1 A DT 10 1_555 A DA 11 10_554 A DA 11 1_555 A DT 10 10_554 0.000  1.186  3.119 0.000  13.467 43.861 0.342  0.000  3.326 17.544 
0.000  45.784 10 BB_DT10DA11:DT10DA11_BB B 10 ? B 11 ? B 11 ? B 10 ? 
1 A DA 11 1_555 A DT 10 10_554 A DA 12 1_555 A DT 9  10_554 -0.111 0.338  3.634 4.240  19.173 22.173 -4.050 1.259  2.942 40.995 
-9.066 29.537 11 BB_DA11DA12:DT9DT10_BB  B 11 ? B 10 ? B 12 ? B 9  ? 
1 A DA 12 1_555 A DT 9  10_554 A DC 13 1_555 A DG 8  10_554 0.543  -1.215 3.188 0.544  4.633  27.085 -3.635 -1.017 2.953 9.800  
-1.151 27.476 12 BB_DA12DC13:DG8DT9_BB   B 12 ? B 9  ? B 13 ? B 8  ? 
1 A DC 13 1_555 A DG 8  10_554 A DT 14 1_555 A DA 7  10_554 -0.148 -0.733 3.476 4.481  1.035  34.883 -1.376 0.950  3.409 1.717  
-7.435 35.176 13 BB_DC13DT14:DA7DG8_BB   B 13 ? B 8  ? B 14 ? B 7  ? 
1 A DT 14 1_555 A DA 7  10_554 A DT 15 1_555 A DA 6  10_554 -0.552 -0.616 3.224 -3.438 -1.099 33.094 -0.893 0.393  3.281 -1.922 
6.012  33.285 14 BB_DT14DT15:DA6DA7_BB   B 14 ? B 7  ? B 15 ? B 6  ? 
1 A DT 15 1_555 A DA 6  10_554 A DG 16 1_555 A DC 5  10_554 0.652  -0.018 3.329 1.214  0.759  36.223 -0.138 -0.874 3.347 1.221  
-1.952 36.250 15 BB_DT15DG16:DC5DA6_BB   B 15 ? B 6  ? B 16 ? B 5  ? 
1 A DG 16 1_555 A DC 5  10_554 A DA 17 1_555 A DT 4  10_554 -0.569 0.197  3.218 -1.130 4.761  31.223 -0.514 0.838  3.230 8.778  
2.084  31.594 16 BB_DG16DA17:DT4DC5_BB   B 16 ? B 5  ? B 17 ? B 4  ? 
1 A DA 17 1_555 A DT 4  10_554 A DG 18 1_555 A DC 3  10_554 0.409  -0.666 3.207 -0.785 8.816  29.609 -2.880 -0.913 2.883 16.785 
1.494  30.875 17 BB_DA17DG18:DC3DT4_BB   B 17 ? B 4  ? B 18 ? B 3  ? 
1 A DG 18 1_555 A DC 3  10_554 A DG 19 1_555 A DC 2  10_554 -0.051 -1.301 3.484 3.694  11.937 31.031 -4.233 0.699  2.785 21.263 
-6.580 33.396 18 BB_DG18DG19:DC2DC3_BB   B 18 ? B 3  ? B 19 ? B 2  ? 
1 A DG 19 1_555 A DC 2  10_554 A DC 20 1_555 A DG 1  10_554 0.248  -0.847 3.199 0.956  2.978  33.577 -1.928 -0.277 3.120 5.141  
-1.650 33.718 19 BB_DG19DC20:DG1DC2_BB   B 19 ? B 2  ? B 20 ? B 1  ? 
# 
_atom_sites.entry_id                    2ZHG 
_atom_sites.fract_transf_matrix[1][1]   -0.01107122 
_atom_sites.fract_transf_matrix[1][2]   -0.01786325 
_atom_sites.fract_transf_matrix[1][3]   -0.00513592 
_atom_sites.fract_transf_matrix[2][1]   -0.00817693 
_atom_sites.fract_transf_matrix[2][2]   -0.00231235 
_atom_sites.fract_transf_matrix[2][3]   -0.01989525 
_atom_sites.fract_transf_matrix[3][1]   0.00238654 
_atom_sites.fract_transf_matrix[3][2]   -0.00123849 
_atom_sites.fract_transf_matrix[3][3]   -0.00083692 
_atom_sites.fract_transf_vector[1]      0.233233 
_atom_sites.fract_transf_vector[2]      -0.450319 
_atom_sites.fract_transf_vector[3]      -0.055690 
# 
loop_
_atom_type.symbol 
C  
FE 
N  
O  
P  
S  
# 
loop_
_atom_site.group_PDB 
_atom_site.id 
_atom_site.type_symbol 
_atom_site.label_atom_id 
_atom_site.label_alt_id 
_atom_site.label_comp_id 
_atom_site.label_asym_id 
_atom_site.label_entity_id 
_atom_site.label_seq_id 
_atom_site.pdbx_PDB_ins_code 
_atom_site.Cartn_x 
_atom_site.Cartn_y 
_atom_site.Cartn_z 
_atom_site.occupancy 
_atom_site.B_iso_or_equiv 
_atom_site.pdbx_formal_charge 
_atom_site.auth_seq_id 
_atom_site.auth_comp_id 
_atom_site.auth_asym_id 
_atom_site.auth_atom_id 
_atom_site.pdbx_PDB_model_num 
ATOM   1    O  "O5'" . DG  A 1 1   ? -29.750 30.345  -1.766  1.00 124.76 ? 1   DG  B "O5'" 1 
ATOM   2    C  "C5'" . DG  A 1 1   ? -30.991 30.202  -1.066  1.00 119.61 ? 1   DG  B "C5'" 1 
ATOM   3    C  "C4'" . DG  A 1 1   ? -32.014 29.524  -1.947  1.00 116.68 ? 1   DG  B "C4'" 1 
ATOM   4    O  "O4'" . DG  A 1 1   ? -32.414 30.485  -2.952  1.00 110.48 ? 1   DG  B "O4'" 1 
ATOM   5    C  "C3'" . DG  A 1 1   ? -31.459 28.311  -2.699  1.00 107.95 ? 1   DG  B "C3'" 1 
ATOM   6    O  "O3'" . DG  A 1 1   ? -32.383 27.223  -2.769  1.00 113.20 ? 1   DG  B "O3'" 1 
ATOM   7    C  "C2'" . DG  A 1 1   ? -31.160 28.838  -4.085  1.00 107.13 ? 1   DG  B "C2'" 1 
ATOM   8    C  "C1'" . DG  A 1 1   ? -32.070 30.047  -4.256  1.00 102.48 ? 1   DG  B "C1'" 1 
ATOM   9    N  N9    . DG  A 1 1   ? -31.329 31.119  -4.903  1.00 98.26  ? 1   DG  B N9    1 
ATOM   10   C  C8    . DG  A 1 1   ? -30.201 31.744  -4.415  1.00 88.81  ? 1   DG  B C8    1 
ATOM   11   N  N7    . DG  A 1 1   ? -29.655 32.564  -5.270  1.00 82.00  ? 1   DG  B N7    1 
ATOM   12   C  C5    . DG  A 1 1   ? -30.490 32.507  -6.380  1.00 89.10  ? 1   DG  B C5    1 
ATOM   13   C  C6    . DG  A 1 1   ? -30.392 33.162  -7.644  1.00 85.39  ? 1   DG  B C6    1 
ATOM   14   O  O6    . DG  A 1 1   ? -29.502 33.923  -8.053  1.00 75.15  ? 1   DG  B O6    1 
ATOM   15   N  N1    . DG  A 1 1   ? -31.466 32.837  -8.473  1.00 84.03  ? 1   DG  B N1    1 
ATOM   16   C  C2    . DG  A 1 1   ? -32.493 31.984  -8.141  1.00 88.18  ? 1   DG  B C2    1 
ATOM   17   N  N2    . DG  A 1 1   ? -33.446 31.813  -9.069  1.00 84.97  ? 1   DG  B N2    1 
ATOM   18   N  N3    . DG  A 1 1   ? -32.583 31.347  -6.978  1.00 95.23  ? 1   DG  B N3    1 
ATOM   19   C  C4    . DG  A 1 1   ? -31.553 31.655  -6.153  1.00 90.73  ? 1   DG  B C4    1 
ATOM   20   P  P     . DC  A 1 2   ? -31.941 25.874  -3.513  1.00 102.24 ? 2   DC  B P     1 
ATOM   21   O  OP1   . DC  A 1 2   ? -32.747 24.728  -3.016  1.00 95.56  ? 2   DC  B OP1   1 
ATOM   22   O  OP2   . DC  A 1 2   ? -30.461 25.819  -3.459  1.00 92.83  ? 2   DC  B OP2   1 
ATOM   23   O  "O5'" . DC  A 1 2   ? -32.330 26.162  -5.019  1.00 98.52  ? 2   DC  B "O5'" 1 
ATOM   24   C  "C5'" . DC  A 1 2   ? -33.685 26.362  -5.396  1.00 91.59  ? 2   DC  B "C5'" 1 
ATOM   25   C  "C4'" . DC  A 1 2   ? -33.777 26.351  -6.899  1.00 86.68  ? 2   DC  B "C4'" 1 
ATOM   26   O  "O4'" . DC  A 1 2   ? -33.274 27.608  -7.431  1.00 79.82  ? 2   DC  B "O4'" 1 
ATOM   27   C  "C3'" . DC  A 1 2   ? -32.852 25.261  -7.437  1.00 83.72  ? 2   DC  B "C3'" 1 
ATOM   28   O  "O3'" . DC  A 1 2   ? -33.417 24.508  -8.501  1.00 77.01  ? 2   DC  B "O3'" 1 
ATOM   29   C  "C2'" . DC  A 1 2   ? -31.653 26.024  -7.951  1.00 84.04  ? 2   DC  B "C2'" 1 
ATOM   30   C  "C1'" . DC  A 1 2   ? -32.261 27.339  -8.379  1.00 77.27  ? 2   DC  B "C1'" 1 
ATOM   31   N  N1    . DC  A 1 2   ? -31.261 28.410  -8.329  1.00 72.73  ? 2   DC  B N1    1 
ATOM   32   C  C2    . DC  A 1 2   ? -31.092 29.216  -9.447  1.00 73.68  ? 2   DC  B C2    1 
ATOM   33   O  O2    . DC  A 1 2   ? -31.898 29.114  -10.380 1.00 73.68  ? 2   DC  B O2    1 
ATOM   34   N  N3    . DC  A 1 2   ? -30.058 30.092  -9.481  1.00 70.39  ? 2   DC  B N3    1 
ATOM   35   C  C4    . DC  A 1 2   ? -29.230 30.184  -8.438  1.00 71.98  ? 2   DC  B C4    1 
ATOM   36   N  N4    . DC  A 1 2   ? -28.183 31.004  -8.538  1.00 75.39  ? 2   DC  B N4    1 
ATOM   37   C  C5    . DC  A 1 2   ? -29.432 29.430  -7.249  1.00 74.86  ? 2   DC  B C5    1 
ATOM   38   C  C6    . DC  A 1 2   ? -30.456 28.567  -7.236  1.00 78.60  ? 2   DC  B C6    1 
ATOM   39   P  P     . DC  A 1 3   ? -32.461 23.538  -9.351  1.00 73.22  ? 3   DC  B P     1 
ATOM   40   O  OP1   . DC  A 1 3   ? -33.216 22.343  -9.793  1.00 72.44  ? 3   DC  B OP1   1 
ATOM   41   O  OP2   . DC  A 1 3   ? -31.207 23.367  -8.583  1.00 67.33  ? 3   DC  B OP2   1 
ATOM   42   O  "O5'" . DC  A 1 3   ? -32.107 24.432  -10.615 1.00 75.63  ? 3   DC  B "O5'" 1 
ATOM   43   C  "C5'" . DC  A 1 3   ? -33.134 24.926  -11.470 1.00 79.35  ? 3   DC  B "C5'" 1 
ATOM   44   C  "C4'" . DC  A 1 3   ? -32.598 25.052  -12.873 1.00 80.16  ? 3   DC  B "C4'" 1 
ATOM   45   O  "O4'" . DC  A 1 3   ? -31.837 26.284  -12.945 1.00 74.43  ? 3   DC  B "O4'" 1 
ATOM   46   C  "C3'" . DC  A 1 3   ? -31.628 23.910  -13.185 1.00 77.03  ? 3   DC  B "C3'" 1 
ATOM   47   O  "O3'" . DC  A 1 3   ? -31.801 23.306  -14.458 1.00 73.26  ? 3   DC  B "O3'" 1 
ATOM   48   C  "C2'" . DC  A 1 3   ? -30.260 24.548  -13.104 1.00 75.25  ? 3   DC  B "C2'" 1 
ATOM   49   C  "C1'" . DC  A 1 3   ? -30.508 26.023  -13.347 1.00 71.13  ? 3   DC  B "C1'" 1 
ATOM   50   N  N1    . DC  A 1 3   ? -29.618 26.797  -12.484 1.00 75.88  ? 3   DC  B N1    1 
ATOM   51   C  C2    . DC  A 1 3   ? -28.729 27.687  -13.067 1.00 80.96  ? 3   DC  B C2    1 
ATOM   52   O  O2    . DC  A 1 3   ? -28.813 27.903  -14.290 1.00 81.49  ? 3   DC  B O2    1 
ATOM   53   N  N3    . DC  A 1 3   ? -27.807 28.301  -12.286 1.00 77.50  ? 3   DC  B N3    1 
ATOM   54   C  C4    . DC  A 1 3   ? -27.775 28.055  -10.974 1.00 75.53  ? 3   DC  B C4    1 
ATOM   55   N  N4    . DC  A 1 3   ? -26.827 28.645  -10.248 1.00 74.76  ? 3   DC  B N4    1 
ATOM   56   C  C5    . DC  A 1 3   ? -28.715 27.191  -10.348 1.00 73.92  ? 3   DC  B C5    1 
ATOM   57   C  C6    . DC  A 1 3   ? -29.615 26.594  -11.132 1.00 73.88  ? 3   DC  B C6    1 
ATOM   58   P  P     . DT  A 1 4   ? -30.762 22.173  -14.920 1.00 77.64  ? 4   DT  B P     1 
ATOM   59   O  OP1   . DT  A 1 4   ? -31.433 21.290  -15.913 1.00 78.17  ? 4   DT  B OP1   1 
ATOM   60   O  OP2   . DT  A 1 4   ? -30.167 21.578  -13.700 1.00 55.70  ? 4   DT  B OP2   1 
ATOM   61   O  "O5'" . DT  A 1 4   ? -29.642 23.028  -15.657 1.00 75.44  ? 4   DT  B "O5'" 1 
ATOM   62   C  "C5'" . DT  A 1 4   ? -30.025 24.009  -16.618 1.00 77.78  ? 4   DT  B "C5'" 1 
ATOM   63   C  "C4'" . DT  A 1 4   ? -28.883 24.317  -17.555 1.00 73.90  ? 4   DT  B "C4'" 1 
ATOM   64   O  "O4'" . DT  A 1 4   ? -28.027 25.340  -17.005 1.00 75.09  ? 4   DT  B "O4'" 1 
ATOM   65   C  "C3'" . DT  A 1 4   ? -27.985 23.134  -17.903 1.00 72.87  ? 4   DT  B "C3'" 1 
ATOM   66   O  "O3'" . DT  A 1 4   ? -27.693 23.142  -19.298 1.00 84.83  ? 4   DT  B "O3'" 1 
ATOM   67   C  "C2'" . DT  A 1 4   ? -26.732 23.371  -17.080 1.00 59.72  ? 4   DT  B "C2'" 1 
ATOM   68   C  "C1'" . DT  A 1 4   ? -26.688 24.879  -16.887 1.00 63.03  ? 4   DT  B "C1'" 1 
ATOM   69   N  N1    . DT  A 1 4   ? -26.218 25.256  -15.541 1.00 71.76  ? 4   DT  B N1    1 
ATOM   70   C  C2    . DT  A 1 4   ? -25.234 26.210  -15.403 1.00 70.46  ? 4   DT  B C2    1 
ATOM   71   O  O2    . DT  A 1 4   ? -24.715 26.781  -16.346 1.00 75.14  ? 4   DT  B O2    1 
ATOM   72   N  N3    . DT  A 1 4   ? -24.876 26.470  -14.104 1.00 72.20  ? 4   DT  B N3    1 
ATOM   73   C  C4    . DT  A 1 4   ? -25.393 25.887  -12.959 1.00 67.85  ? 4   DT  B C4    1 
ATOM   74   O  O4    . DT  A 1 4   ? -24.969 26.225  -11.856 1.00 68.70  ? 4   DT  B O4    1 
ATOM   75   C  C5    . DT  A 1 4   ? -26.422 24.897  -13.185 1.00 64.13  ? 4   DT  B C5    1 
ATOM   76   C  C7    . DT  A 1 4   ? -27.041 24.205  -12.016 1.00 55.42  ? 4   DT  B C7    1 
ATOM   77   C  C6    . DT  A 1 4   ? -26.777 24.640  -14.442 1.00 62.54  ? 4   DT  B C6    1 
ATOM   78   P  P     . DC  A 1 5   ? -26.920 21.901  -19.959 1.00 85.89  ? 5   DC  B P     1 
ATOM   79   O  OP1   . DC  A 1 5   ? -27.365 21.771  -21.372 1.00 83.99  ? 5   DC  B OP1   1 
ATOM   80   O  OP2   . DC  A 1 5   ? -27.029 20.734  -19.043 1.00 85.14  ? 5   DC  B OP2   1 
ATOM   81   O  "O5'" . DC  A 1 5   ? -25.417 22.405  -19.962 1.00 87.15  ? 5   DC  B "O5'" 1 
ATOM   82   C  "C5'" . DC  A 1 5   ? -25.090 23.684  -20.492 1.00 76.53  ? 5   DC  B "C5'" 1 
ATOM   83   C  "C4'" . DC  A 1 5   ? -23.632 23.972  -20.246 1.00 93.93  ? 5   DC  B "C4'" 1 
ATOM   84   O  "O4'" . DC  A 1 5   ? -23.426 24.404  -18.879 1.00 94.00  ? 5   DC  B "O4'" 1 
ATOM   85   C  "C3'" . DC  A 1 5   ? -22.750 22.737  -20.438 1.00 79.65  ? 5   DC  B "C3'" 1 
ATOM   86   O  "O3'" . DC  A 1 5   ? -21.516 23.135  -21.030 1.00 101.18 ? 5   DC  B "O3'" 1 
ATOM   87   C  "C2'" . DC  A 1 5   ? -22.519 22.257  -19.019 1.00 88.14  ? 5   DC  B "C2'" 1 
ATOM   88   C  "C1'" . DC  A 1 5   ? -22.442 23.575  -18.281 1.00 87.19  ? 5   DC  B "C1'" 1 
ATOM   89   N  N1    . DC  A 1 5   ? -22.714 23.492  -16.842 1.00 84.27  ? 5   DC  B N1    1 
ATOM   90   C  C2    . DC  A 1 5   ? -22.016 24.345  -15.983 1.00 84.70  ? 5   DC  B C2    1 
ATOM   91   O  O2    . DC  A 1 5   ? -21.227 25.172  -16.473 1.00 86.17  ? 5   DC  B O2    1 
ATOM   92   N  N3    . DC  A 1 5   ? -22.218 24.252  -14.649 1.00 75.51  ? 5   DC  B N3    1 
ATOM   93   C  C4    . DC  A 1 5   ? -23.086 23.363  -14.170 1.00 58.95  ? 5   DC  B C4    1 
ATOM   94   N  N4    . DC  A 1 5   ? -23.242 23.297  -12.852 1.00 69.17  ? 5   DC  B N4    1 
ATOM   95   C  C5    . DC  A 1 5   ? -23.831 22.498  -15.024 1.00 75.71  ? 5   DC  B C5    1 
ATOM   96   C  C6    . DC  A 1 5   ? -23.617 22.595  -16.340 1.00 68.02  ? 5   DC  B C6    1 
ATOM   97   P  P     . DA  A 1 6   ? -20.425 22.030  -21.439 1.00 102.39 ? 6   DA  B P     1 
ATOM   98   O  OP1   . DA  A 1 6   ? -20.557 21.740  -22.890 1.00 89.12  ? 6   DA  B OP1   1 
ATOM   99   O  OP2   . DA  A 1 6   ? -20.444 20.913  -20.463 1.00 98.57  ? 6   DA  B OP2   1 
ATOM   100  O  "O5'" . DA  A 1 6   ? -19.070 22.818  -21.215 1.00 97.40  ? 6   DA  B "O5'" 1 
ATOM   101  C  "C5'" . DA  A 1 6   ? -19.070 24.238  -21.148 1.00 98.31  ? 6   DA  B "C5'" 1 
ATOM   102  C  "C4'" . DA  A 1 6   ? -17.890 24.689  -20.328 1.00 99.05  ? 6   DA  B "C4'" 1 
ATOM   103  O  "O4'" . DA  A 1 6   ? -18.205 24.632  -18.918 1.00 92.50  ? 6   DA  B "O4'" 1 
ATOM   104  C  "C3'" . DA  A 1 6   ? -16.704 23.756  -20.536 1.00 100.44 ? 6   DA  B "C3'" 1 
ATOM   105  O  "O3'" . DA  A 1 6   ? -15.496 24.509  -20.577 1.00 105.72 ? 6   DA  B "O3'" 1 
ATOM   106  C  "C2'" . DA  A 1 6   ? -16.773 22.825  -19.336 1.00 75.02  ? 6   DA  B "C2'" 1 
ATOM   107  C  "C1'" . DA  A 1 6   ? -17.325 23.732  -18.257 1.00 74.52  ? 6   DA  B "C1'" 1 
ATOM   108  N  N9    . DA  A 1 6   ? -18.091 23.056  -17.212 1.00 80.17  ? 6   DA  B N9    1 
ATOM   109  C  C8    . DA  A 1 6   ? -19.039 22.064  -17.349 1.00 76.37  ? 6   DA  B C8    1 
ATOM   110  N  N7    . DA  A 1 6   ? -19.582 21.691  -16.213 1.00 72.87  ? 6   DA  B N7    1 
ATOM   111  C  C5    . DA  A 1 6   ? -18.943 22.482  -15.262 1.00 70.32  ? 6   DA  B C5    1 
ATOM   112  C  C6    . DA  A 1 6   ? -19.070 22.573  -13.861 1.00 61.40  ? 6   DA  B C6    1 
ATOM   113  N  N6    . DA  A 1 6   ? -19.915 21.837  -13.143 1.00 64.19  ? 6   DA  B N6    1 
ATOM   114  N  N1    . DA  A 1 6   ? -18.285 23.461  -13.216 1.00 49.04  ? 6   DA  B N1    1 
ATOM   115  C  C2    . DA  A 1 6   ? -17.433 24.201  -13.936 1.00 66.36  ? 6   DA  B C2    1 
ATOM   116  N  N3    . DA  A 1 6   ? -17.221 24.209  -15.253 1.00 65.77  ? 6   DA  B N3    1 
ATOM   117  C  C4    . DA  A 1 6   ? -18.019 23.317  -15.865 1.00 72.95  ? 6   DA  B C4    1 
ATOM   118  P  P     . DA  A 1 7   ? -14.096 23.751  -20.732 1.00 101.12 ? 7   DA  B P     1 
ATOM   119  O  OP1   . DA  A 1 7   ? -13.205 24.622  -21.540 1.00 105.12 ? 7   DA  B OP1   1 
ATOM   120  O  OP2   . DA  A 1 7   ? -14.380 22.362  -21.181 1.00 90.73  ? 7   DA  B OP2   1 
ATOM   121  O  "O5'" . DA  A 1 7   ? -13.570 23.730  -19.235 1.00 94.69  ? 7   DA  B "O5'" 1 
ATOM   122  C  "C5'" . DA  A 1 7   ? -13.664 24.910  -18.444 1.00 88.86  ? 7   DA  B "C5'" 1 
ATOM   123  C  "C4'" . DA  A 1 7   ? -13.152 24.649  -17.050 1.00 91.16  ? 7   DA  B "C4'" 1 
ATOM   124  O  "O4'" . DA  A 1 7   ? -14.150 24.012  -16.212 1.00 92.62  ? 7   DA  B "O4'" 1 
ATOM   125  C  "C3'" . DA  A 1 7   ? -11.910 23.762  -16.989 1.00 91.21  ? 7   DA  B "C3'" 1 
ATOM   126  O  "O3'" . DA  A 1 7   ? -11.039 24.317  -16.009 1.00 96.05  ? 7   DA  B "O3'" 1 
ATOM   127  C  "C2'" . DA  A 1 7   ? -12.466 22.427  -16.523 1.00 86.28  ? 7   DA  B "C2'" 1 
ATOM   128  C  "C1'" . DA  A 1 7   ? -13.563 22.888  -15.579 1.00 87.52  ? 7   DA  B "C1'" 1 
ATOM   129  N  N9    . DA  A 1 7   ? -14.617 21.916  -15.289 1.00 76.51  ? 7   DA  B N9    1 
ATOM   130  C  C8    . DA  A 1 7   ? -15.226 21.007  -16.123 1.00 76.39  ? 7   DA  B C8    1 
ATOM   131  N  N7    . DA  A 1 7   ? -16.119 20.257  -15.524 1.00 69.08  ? 7   DA  B N7    1 
ATOM   132  C  C5    . DA  A 1 7   ? -16.103 20.707  -14.208 1.00 66.75  ? 7   DA  B C5    1 
ATOM   133  C  C6    . DA  A 1 7   ? -16.822 20.317  -13.062 1.00 66.28  ? 7   DA  B C6    1 
ATOM   134  N  N6    . DA  A 1 7   ? -17.732 19.340  -13.054 1.00 50.16  ? 7   DA  B N6    1 
ATOM   135  N  N1    . DA  A 1 7   ? -16.570 20.975  -11.907 1.00 60.83  ? 7   DA  B N1    1 
ATOM   136  C  C2    . DA  A 1 7   ? -15.655 21.953  -11.913 1.00 69.54  ? 7   DA  B C2    1 
ATOM   137  N  N3    . DA  A 1 7   ? -14.914 22.408  -12.922 1.00 70.28  ? 7   DA  B N3    1 
ATOM   138  C  C4    . DA  A 1 7   ? -15.190 21.733  -14.055 1.00 74.75  ? 7   DA  B C4    1 
ATOM   139  P  P     . DG  A 1 8   ? -9.568  23.722  -15.812 1.00 84.68  ? 8   DG  B P     1 
ATOM   140  O  OP1   . DG  A 1 8   ? -8.597  24.795  -16.138 1.00 101.55 ? 8   DG  B OP1   1 
ATOM   141  O  OP2   . DG  A 1 8   ? -9.492  22.416  -16.522 1.00 94.50  ? 8   DG  B OP2   1 
ATOM   142  O  "O5'" . DG  A 1 8   ? -9.522  23.491  -14.243 1.00 81.67  ? 8   DG  B "O5'" 1 
ATOM   143  C  "C5'" . DG  A 1 8   ? -9.991  24.502  -13.362 1.00 67.07  ? 8   DG  B "C5'" 1 
ATOM   144  C  "C4'" . DG  A 1 8   ? -10.184 23.928  -11.981 1.00 88.35  ? 8   DG  B "C4'" 1 
ATOM   145  O  "O4'" . DG  A 1 8   ? -11.380 23.105  -11.932 1.00 88.26  ? 8   DG  B "O4'" 1 
ATOM   146  C  "C3'" . DG  A 1 8   ? -9.027  23.022  -11.554 1.00 80.90  ? 8   DG  B "C3'" 1 
ATOM   147  O  "O3'" . DG  A 1 8   ? -8.706  23.232  -10.178 1.00 96.60  ? 8   DG  B "O3'" 1 
ATOM   148  C  "C2'" . DG  A 1 8   ? -9.590  21.628  -11.741 1.00 93.85  ? 8   DG  B "C2'" 1 
ATOM   149  C  "C1'" . DG  A 1 8   ? -11.039 21.847  -11.372 1.00 83.66  ? 8   DG  B "C1'" 1 
ATOM   150  N  N9    . DG  A 1 8   ? -11.940 20.828  -11.903 1.00 73.91  ? 8   DG  B N9    1 
ATOM   151  C  C8    . DG  A 1 8   ? -12.092 20.442  -13.213 1.00 71.25  ? 8   DG  B C8    1 
ATOM   152  N  N7    . DG  A 1 8   ? -12.946 19.462  -13.360 1.00 64.83  ? 8   DG  B N7    1 
ATOM   153  C  C5    . DG  A 1 8   ? -13.391 19.200  -12.070 1.00 68.95  ? 8   DG  B C5    1 
ATOM   154  C  C6    . DG  A 1 8   ? -14.327 18.236  -11.589 1.00 60.84  ? 8   DG  B C6    1 
ATOM   155  O  O6    . DG  A 1 8   ? -14.977 17.405  -12.231 1.00 54.45  ? 8   DG  B O6    1 
ATOM   156  N  N1    . DG  A 1 8   ? -14.468 18.307  -10.207 1.00 57.90  ? 8   DG  B N1    1 
ATOM   157  C  C2    . DG  A 1 8   ? -13.809 19.193  -9.389  1.00 63.01  ? 8   DG  B C2    1 
ATOM   158  N  N2    . DG  A 1 8   ? -14.075 19.099  -8.076  1.00 61.79  ? 8   DG  B N2    1 
ATOM   159  N  N3    . DG  A 1 8   ? -12.949 20.101  -9.824  1.00 64.91  ? 8   DG  B N3    1 
ATOM   160  C  C4    . DG  A 1 8   ? -12.785 20.043  -11.160 1.00 67.10  ? 8   DG  B C4    1 
ATOM   161  P  P     . DT  A 1 9   ? -7.568  22.333  -9.481  1.00 101.74 ? 9   DT  B P     1 
ATOM   162  O  OP1   . DT  A 1 9   ? -6.919  23.194  -8.457  1.00 96.38  ? 9   DT  B OP1   1 
ATOM   163  O  OP2   . DT  A 1 9   ? -6.735  21.645  -10.506 1.00 71.79  ? 9   DT  B OP2   1 
ATOM   164  O  "O5'" . DT  A 1 9   ? -8.407  21.218  -8.723  1.00 100.52 ? 9   DT  B "O5'" 1 
ATOM   165  C  "C5'" . DT  A 1 9   ? -9.121  21.534  -7.534  1.00 96.29  ? 9   DT  B "C5'" 1 
ATOM   166  C  "C4'" . DT  A 1 9   ? -9.205  20.309  -6.659  1.00 93.18  ? 9   DT  B "C4'" 1 
ATOM   167  O  "O4'" . DT  A 1 9   ? -10.236 19.428  -7.165  1.00 86.41  ? 9   DT  B "O4'" 1 
ATOM   168  C  "C3'" . DT  A 1 9   ? -7.904  19.508  -6.680  1.00 88.17  ? 9   DT  B "C3'" 1 
ATOM   169  O  "O3'" . DT  A 1 9   ? -7.587  19.011  -5.382  1.00 94.96  ? 9   DT  B "O3'" 1 
ATOM   170  C  "C2'" . DT  A 1 9   ? -8.203  18.377  -7.645  1.00 87.42  ? 9   DT  B "C2'" 1 
ATOM   171  C  "C1'" . DT  A 1 9   ? -9.685  18.153  -7.436  1.00 79.34  ? 9   DT  B "C1'" 1 
ATOM   172  N  N1    . DT  A 1 9   ? -10.386 17.600  -8.608  1.00 73.58  ? 9   DT  B N1    1 
ATOM   173  C  C2    . DT  A 1 9   ? -11.382 16.677  -8.381  1.00 73.99  ? 9   DT  B C2    1 
ATOM   174  O  O2    . DT  A 1 9   ? -11.748 16.351  -7.264  1.00 77.14  ? 9   DT  B O2    1 
ATOM   175  N  N3    . DT  A 1 9   ? -11.955 16.165  -9.513  1.00 64.57  ? 9   DT  B N3    1 
ATOM   176  C  C4    . DT  A 1 9   ? -11.618 16.449  -10.818 1.00 71.21  ? 9   DT  B C4    1 
ATOM   177  O  O4    . DT  A 1 9   ? -12.203 15.885  -11.734 1.00 67.49  ? 9   DT  B O4    1 
ATOM   178  C  C5    . DT  A 1 9   ? -10.578 17.435  -10.987 1.00 69.77  ? 9   DT  B C5    1 
ATOM   179  C  C7    . DT  A 1 9   ? -10.166 17.813  -12.373 1.00 64.10  ? 9   DT  B C7    1 
ATOM   180  C  C6    . DT  A 1 9   ? -10.012 17.949  -9.887  1.00 67.91  ? 9   DT  B C6    1 
ATOM   181  P  P     . DT  A 1 10  ? -6.142  18.362  -5.112  1.00 103.83 ? 10  DT  B P     1 
ATOM   182  O  OP1   . DT  A 1 10  ? -5.638  18.940  -3.834  1.00 95.18  ? 10  DT  B OP1   1 
ATOM   183  O  OP2   . DT  A 1 10  ? -5.301  18.422  -6.341  1.00 76.96  ? 10  DT  B OP2   1 
ATOM   184  O  "O5'" . DT  A 1 10  ? -6.491  16.837  -4.857  1.00 97.01  ? 10  DT  B "O5'" 1 
ATOM   185  C  "C5'" . DT  A 1 10  ? -7.326  16.464  -3.770  1.00 88.51  ? 10  DT  B "C5'" 1 
ATOM   186  C  "C4'" . DT  A 1 10  ? -7.363  14.963  -3.661  1.00 82.94  ? 10  DT  B "C4'" 1 
ATOM   187  O  "O4'" . DT  A 1 10  ? -8.174  14.433  -4.735  1.00 79.27  ? 10  DT  B "O4'" 1 
ATOM   188  C  "C3'" . DT  A 1 10  ? -5.980  14.345  -3.825  1.00 78.00  ? 10  DT  B "C3'" 1 
ATOM   189  O  "O3'" . DT  A 1 10  ? -5.822  13.246  -2.938  1.00 75.32  ? 10  DT  B "O3'" 1 
ATOM   190  C  "C2'" . DT  A 1 10  ? -5.957  13.895  -5.274  1.00 77.84  ? 10  DT  B "C2'" 1 
ATOM   191  C  "C1'" . DT  A 1 10  ? -7.410  13.547  -5.532  1.00 78.07  ? 10  DT  B "C1'" 1 
ATOM   192  N  N1    . DT  A 1 10  ? -7.842  13.721  -6.927  1.00 81.03  ? 10  DT  B N1    1 
ATOM   193  C  C2    . DT  A 1 10  ? -8.751  12.823  -7.427  1.00 81.25  ? 10  DT  B C2    1 
ATOM   194  O  O2    . DT  A 1 10  ? -9.198  11.898  -6.772  1.00 80.31  ? 10  DT  B O2    1 
ATOM   195  N  N3    . DT  A 1 10  ? -9.122  13.048  -8.732  1.00 84.01  ? 10  DT  B N3    1 
ATOM   196  C  C4    . DT  A 1 10  ? -8.678  14.060  -9.567  1.00 84.93  ? 10  DT  B C4    1 
ATOM   197  O  O4    . DT  A 1 10  ? -9.101  14.133  -10.724 1.00 74.70  ? 10  DT  B O4    1 
ATOM   198  C  C5    . DT  A 1 10  ? -7.717  14.967  -8.974  1.00 82.86  ? 10  DT  B C5    1 
ATOM   199  C  C7    . DT  A 1 10  ? -7.175  16.092  -9.798  1.00 84.01  ? 10  DT  B C7    1 
ATOM   200  C  C6    . DT  A 1 10  ? -7.353  14.755  -7.700  1.00 83.10  ? 10  DT  B C6    1 
ATOM   201  P  P     . DA  A 1 11  ? -4.515  12.333  -3.051  1.00 82.42  ? 11  DA  B P     1 
ATOM   202  O  OP1   . DA  A 1 11  ? -4.218  11.748  -1.715  1.00 65.78  ? 11  DA  B OP1   1 
ATOM   203  O  OP2   . DA  A 1 11  ? -3.488  13.157  -3.745  1.00 63.92  ? 11  DA  B OP2   1 
ATOM   204  O  "O5'" . DA  A 1 11  ? -4.984  11.175  -4.036  1.00 66.81  ? 11  DA  B "O5'" 1 
ATOM   205  C  "C5'" . DA  A 1 11  ? -6.045  10.299  -3.668  1.00 62.96  ? 11  DA  B "C5'" 1 
ATOM   206  C  "C4'" . DA  A 1 11  ? -5.959  9.027   -4.474  1.00 61.85  ? 11  DA  B "C4'" 1 
ATOM   207  O  "O4'" . DA  A 1 11  ? -6.428  9.261   -5.823  1.00 64.39  ? 11  DA  B "O4'" 1 
ATOM   208  C  "C3'" . DA  A 1 11  ? -4.527  8.522   -4.601  1.00 62.84  ? 11  DA  B "C3'" 1 
ATOM   209  O  "O3'" . DA  A 1 11  ? -4.475  7.104   -4.519  1.00 60.88  ? 11  DA  B "O3'" 1 
ATOM   210  C  "C2'" . DA  A 1 11  ? -4.088  9.007   -5.969  1.00 71.19  ? 11  DA  B "C2'" 1 
ATOM   211  C  "C1'" . DA  A 1 11  ? -5.384  9.068   -6.763  1.00 75.96  ? 11  DA  B "C1'" 1 
ATOM   212  N  N9    . DA  A 1 11  ? -5.415  10.197  -7.691  1.00 85.51  ? 11  DA  B N9    1 
ATOM   213  C  C8    . DA  A 1 11  ? -4.659  11.344  -7.621  1.00 89.62  ? 11  DA  B C8    1 
ATOM   214  N  N7    . DA  A 1 11  ? -4.864  12.176  -8.611  1.00 82.78  ? 11  DA  B N7    1 
ATOM   215  C  C5    . DA  A 1 11  ? -5.827  11.542  -9.381  1.00 85.17  ? 11  DA  B C5    1 
ATOM   216  C  C6    . DA  A 1 11  ? -6.458  11.903  -10.579 1.00 88.09  ? 11  DA  B C6    1 
ATOM   217  N  N6    . DA  A 1 11  ? -6.195  13.034  -11.243 1.00 83.85  ? 11  DA  B N6    1 
ATOM   218  N  N1    . DA  A 1 11  ? -7.377  11.050  -11.086 1.00 90.46  ? 11  DA  B N1    1 
ATOM   219  C  C2    . DA  A 1 11  ? -7.629  9.909   -10.423 1.00 85.46  ? 11  DA  B C2    1 
ATOM   220  N  N3    . DA  A 1 11  ? -7.094  9.456   -9.291  1.00 79.23  ? 11  DA  B N3    1 
ATOM   221  C  C4    . DA  A 1 11  ? -6.188  10.329  -8.817  1.00 85.89  ? 11  DA  B C4    1 
ATOM   222  P  P     . DA  A 1 12  ? -3.076  6.386   -4.221  1.00 61.56  ? 12  DA  B P     1 
ATOM   223  O  OP1   . DA  A 1 12  ? -3.316  5.309   -3.230  1.00 68.48  ? 12  DA  B OP1   1 
ATOM   224  O  OP2   . DA  A 1 12  ? -2.056  7.432   -3.947  1.00 79.34  ? 12  DA  B OP2   1 
ATOM   225  O  "O5'" . DA  A 1 12  ? -2.713  5.707   -5.604  1.00 54.98  ? 12  DA  B "O5'" 1 
ATOM   226  C  "C5'" . DA  A 1 12  ? -3.611  4.800   -6.212  1.00 51.97  ? 12  DA  B "C5'" 1 
ATOM   227  C  "C4'" . DA  A 1 12  ? -3.274  4.662   -7.674  1.00 55.33  ? 12  DA  B "C4'" 1 
ATOM   228  O  "O4'" . DA  A 1 12  ? -3.682  5.852   -8.396  1.00 55.46  ? 12  DA  B "O4'" 1 
ATOM   229  C  "C3'" . DA  A 1 12  ? -1.779  4.490   -7.952  1.00 50.91  ? 12  DA  B "C3'" 1 
ATOM   230  O  "O3'" . DA  A 1 12  ? -1.598  3.535   -8.996  1.00 53.91  ? 12  DA  B "O3'" 1 
ATOM   231  C  "C2'" . DA  A 1 12  ? -1.375  5.854   -8.477  1.00 58.88  ? 12  DA  B "C2'" 1 
ATOM   232  C  "C1'" . DA  A 1 12  ? -2.619  6.203   -9.254  1.00 54.65  ? 12  DA  B "C1'" 1 
ATOM   233  N  N9    . DA  A 1 12  ? -2.765  7.606   -9.638  1.00 59.85  ? 12  DA  B N9    1 
ATOM   234  C  C8    . DA  A 1 12  ? -2.193  8.712   -9.071  1.00 70.05  ? 12  DA  B C8    1 
ATOM   235  N  N7    . DA  A 1 12  ? -2.473  9.829   -9.701  1.00 71.70  ? 12  DA  B N7    1 
ATOM   236  C  C5    . DA  A 1 12  ? -3.295  9.428   -10.741 1.00 64.52  ? 12  DA  B C5    1 
ATOM   237  C  C6    . DA  A 1 12  ? -3.922  10.135  -11.784 1.00 65.22  ? 12  DA  B C6    1 
ATOM   238  N  N6    . DA  A 1 12  ? -3.791  11.453  -11.966 1.00 71.99  ? 12  DA  B N6    1 
ATOM   239  N  N1    . DA  A 1 12  ? -4.688  9.436   -12.648 1.00 61.92  ? 12  DA  B N1    1 
ATOM   240  C  C2    . DA  A 1 12  ? -4.801  8.112   -12.475 1.00 68.00  ? 12  DA  B C2    1 
ATOM   241  N  N3    . DA  A 1 12  ? -4.251  7.334   -11.548 1.00 67.87  ? 12  DA  B N3    1 
ATOM   242  C  C4    . DA  A 1 12  ? -3.502  8.060   -10.704 1.00 65.16  ? 12  DA  B C4    1 
ATOM   243  P  P     . DC  A 1 13  ? -0.326  2.559   -8.978  1.00 63.32  ? 13  DC  B P     1 
ATOM   244  O  OP1   . DC  A 1 13  ? -0.744  1.338   -9.716  1.00 57.44  ? 13  DC  B OP1   1 
ATOM   245  O  OP2   . DC  A 1 13  ? 0.167   2.453   -7.580  1.00 59.93  ? 13  DC  B OP2   1 
ATOM   246  O  "O5'" . DC  A 1 13  ? 0.775   3.304   -9.859  1.00 57.82  ? 13  DC  B "O5'" 1 
ATOM   247  C  "C5'" . DC  A 1 13  ? 0.456   4.504   -10.544 1.00 53.77  ? 13  DC  B "C5'" 1 
ATOM   248  C  "C4'" . DC  A 1 13  ? -0.408  4.199   -11.744 1.00 55.28  ? 13  DC  B "C4'" 1 
ATOM   249  O  "O4'" . DC  A 1 13  ? -1.269  5.346   -11.923 1.00 55.95  ? 13  DC  B "O4'" 1 
ATOM   250  C  "C3'" . DC  A 1 13  ? 0.356   3.991   -13.055 1.00 55.61  ? 13  DC  B "C3'" 1 
ATOM   251  O  "O3'" . DC  A 1 13  ? -0.104  2.880   -13.840 1.00 59.78  ? 13  DC  B "O3'" 1 
ATOM   252  C  "C2'" . DC  A 1 13  ? 0.129   5.282   -13.811 1.00 70.38  ? 13  DC  B "C2'" 1 
ATOM   253  C  "C1'" . DC  A 1 13  ? -1.152  5.856   -13.233 1.00 65.68  ? 13  DC  B "C1'" 1 
ATOM   254  N  N1    . DC  A 1 13  ? -1.063  7.317   -13.141 1.00 66.84  ? 13  DC  B N1    1 
ATOM   255  C  C2    . DC  A 1 13  ? -1.772  8.086   -14.062 1.00 64.65  ? 13  DC  B C2    1 
ATOM   256  O  O2    . DC  A 1 13  ? -2.532  7.511   -14.854 1.00 71.41  ? 13  DC  B O2    1 
ATOM   257  N  N3    . DC  A 1 13  ? -1.614  9.432   -14.065 1.00 66.22  ? 13  DC  B N3    1 
ATOM   258  C  C4    . DC  A 1 13  ? -0.797  10.006  -13.178 1.00 66.34  ? 13  DC  B C4    1 
ATOM   259  N  N4    . DC  A 1 13  ? -0.636  11.330  -13.241 1.00 62.61  ? 13  DC  B N4    1 
ATOM   260  C  C5    . DC  A 1 13  ? -0.102  9.245   -12.189 1.00 65.50  ? 13  DC  B C5    1 
ATOM   261  C  C6    . DC  A 1 13  ? -0.267  7.916   -12.204 1.00 60.78  ? 13  DC  B C6    1 
ATOM   262  P  P     . DT  A 1 14  ? 0.718   2.442   -15.170 1.00 68.07  ? 14  DT  B P     1 
ATOM   263  O  OP1   . DT  A 1 14  ? 0.609   0.969   -15.358 1.00 63.27  ? 14  DT  B OP1   1 
ATOM   264  O  OP2   . DT  A 1 14  ? 2.063   3.074   -15.187 1.00 61.91  ? 14  DT  B OP2   1 
ATOM   265  O  "O5'" . DT  A 1 14  ? -0.103  3.136   -16.339 1.00 70.79  ? 14  DT  B "O5'" 1 
ATOM   266  C  "C5'" . DT  A 1 14  ? -1.505  2.934   -16.440 1.00 67.14  ? 14  DT  B "C5'" 1 
ATOM   267  C  "C4'" . DT  A 1 14  ? -2.040  3.621   -17.671 1.00 67.49  ? 14  DT  B "C4'" 1 
ATOM   268  O  "O4'" . DT  A 1 14  ? -1.991  5.057   -17.512 1.00 67.95  ? 14  DT  B "O4'" 1 
ATOM   269  C  "C3'" . DT  A 1 14  ? -1.275  3.312   -18.951 1.00 70.51  ? 14  DT  B "C3'" 1 
ATOM   270  O  "O3'" . DT  A 1 14  ? -2.227  3.199   -20.012 1.00 82.15  ? 14  DT  B "O3'" 1 
ATOM   271  C  "C2'" . DT  A 1 14  ? -0.363  4.518   -19.117 1.00 67.84  ? 14  DT  B "C2'" 1 
ATOM   272  C  "C1'" . DT  A 1 14  ? -1.196  5.646   -18.528 1.00 69.51  ? 14  DT  B "C1'" 1 
ATOM   273  N  N1    . DT  A 1 14  ? -0.444  6.751   -17.901 1.00 70.73  ? 14  DT  B N1    1 
ATOM   274  C  C2    . DT  A 1 14  ? -0.702  8.033   -18.328 1.00 72.48  ? 14  DT  B C2    1 
ATOM   275  O  O2    . DT  A 1 14  ? -1.449  8.294   -19.256 1.00 75.18  ? 14  DT  B O2    1 
ATOM   276  N  N3    . DT  A 1 14  ? -0.040  9.009   -17.629 1.00 73.58  ? 14  DT  B N3    1 
ATOM   277  C  C4    . DT  A 1 14  ? 0.847   8.835   -16.586 1.00 73.37  ? 14  DT  B C4    1 
ATOM   278  O  O4    . DT  A 1 14  ? 1.325   9.811   -16.017 1.00 72.79  ? 14  DT  B O4    1 
ATOM   279  C  C5    . DT  A 1 14  ? 1.123   7.466   -16.238 1.00 70.19  ? 14  DT  B C5    1 
ATOM   280  C  C7    . DT  A 1 14  ? 2.135   7.183   -15.174 1.00 68.63  ? 14  DT  B C7    1 
ATOM   281  C  C6    . DT  A 1 14  ? 0.465   6.503   -16.895 1.00 70.46  ? 14  DT  B C6    1 
ATOM   282  P  P     . DT  A 1 15  ? -1.751  2.792   -21.489 1.00 85.48  ? 15  DT  B P     1 
ATOM   283  O  OP1   . DT  A 1 15  ? -2.871  2.046   -22.117 1.00 88.98  ? 15  DT  B OP1   1 
ATOM   284  O  OP2   . DT  A 1 15  ? -0.402  2.181   -21.428 1.00 83.94  ? 15  DT  B OP2   1 
ATOM   285  O  "O5'" . DT  A 1 15  ? -1.637  4.202   -22.214 1.00 80.99  ? 15  DT  B "O5'" 1 
ATOM   286  C  "C5'" . DT  A 1 15  ? -2.725  5.115   -22.152 1.00 75.36  ? 15  DT  B "C5'" 1 
ATOM   287  C  "C4'" . DT  A 1 15  ? -2.509  6.262   -23.108 1.00 78.54  ? 15  DT  B "C4'" 1 
ATOM   288  O  "O4'" . DT  A 1 15  ? -1.882  7.382   -22.449 1.00 74.96  ? 15  DT  B "O4'" 1 
ATOM   289  C  "C3'" . DT  A 1 15  ? -1.666  5.955   -24.343 1.00 83.45  ? 15  DT  B "C3'" 1 
ATOM   290  O  "O3'" . DT  A 1 15  ? -2.292  6.579   -25.470 1.00 91.42  ? 15  DT  B "O3'" 1 
ATOM   291  C  "C2'" . DT  A 1 15  ? -0.329  6.597   -24.011 1.00 67.22  ? 15  DT  B "C2'" 1 
ATOM   292  C  "C1'" . DT  A 1 15  ? -0.744  7.802   -23.182 1.00 66.71  ? 15  DT  B "C1'" 1 
ATOM   293  N  N1    . DT  A 1 15  ? 0.251   8.242   -22.202 1.00 61.07  ? 15  DT  B N1    1 
ATOM   294  C  C2    . DT  A 1 15  ? 0.512   9.592   -22.046 1.00 60.24  ? 15  DT  B C2    1 
ATOM   295  O  O2    . DT  A 1 15  ? -0.004  10.464  -22.729 1.00 67.71  ? 15  DT  B O2    1 
ATOM   296  N  N3    . DT  A 1 15  ? 1.407   9.885   -21.043 1.00 62.05  ? 15  DT  B N3    1 
ATOM   297  C  C4    . DT  A 1 15  ? 2.064   8.982   -20.222 1.00 62.69  ? 15  DT  B C4    1 
ATOM   298  O  O4    . DT  A 1 15  ? 2.827   9.385   -19.354 1.00 52.39  ? 15  DT  B O4    1 
ATOM   299  C  C5    . DT  A 1 15  ? 1.766   7.587   -20.475 1.00 65.67  ? 15  DT  B C5    1 
ATOM   300  C  C7    . DT  A 1 15  ? 2.442   6.535   -19.660 1.00 66.96  ? 15  DT  B C7    1 
ATOM   301  C  C6    . DT  A 1 15  ? 0.891   7.295   -21.441 1.00 62.00  ? 15  DT  B C6    1 
ATOM   302  P  P     . DG  A 1 16  ? -1.548  6.617   -26.891 1.00 88.54  ? 16  DG  B P     1 
ATOM   303  O  OP1   . DG  A 1 16  ? -2.593  6.567   -27.945 1.00 89.06  ? 16  DG  B OP1   1 
ATOM   304  O  OP2   . DG  A 1 16  ? -0.449  5.614   -26.894 1.00 84.77  ? 16  DG  B OP2   1 
ATOM   305  O  "O5'" . DG  A 1 16  ? -0.908  8.069   -26.883 1.00 88.73  ? 16  DG  B "O5'" 1 
ATOM   306  C  "C5'" . DG  A 1 16  ? -1.702  9.196   -26.526 1.00 86.85  ? 16  DG  B "C5'" 1 
ATOM   307  C  "C4'" . DG  A 1 16  ? -0.943  10.463  -26.820 1.00 104.48 ? 16  DG  B "C4'" 1 
ATOM   308  O  "O4'" . DG  A 1 16  ? -0.007  10.758  -25.751 1.00 95.20  ? 16  DG  B "O4'" 1 
ATOM   309  C  "C3'" . DG  A 1 16  ? -0.109  10.328  -28.092 1.00 102.31 ? 16  DG  B "C3'" 1 
ATOM   310  O  "O3'" . DG  A 1 16  ? -0.113  11.553  -28.822 1.00 119.28 ? 16  DG  B "O3'" 1 
ATOM   311  C  "C2'" . DG  A 1 16  ? 1.277   9.996   -27.568 1.00 94.54  ? 16  DG  B "C2'" 1 
ATOM   312  C  "C1'" . DG  A 1 16  ? 1.321   10.769  -26.260 1.00 94.82  ? 16  DG  B "C1'" 1 
ATOM   313  N  N9    . DG  A 1 16  ? 2.197   10.180  -25.249 1.00 88.12  ? 16  DG  B N9    1 
ATOM   314  C  C8    . DG  A 1 16  ? 2.421   8.845   -25.019 1.00 87.07  ? 16  DG  B C8    1 
ATOM   315  N  N7    . DG  A 1 16  ? 3.254   8.629   -24.035 1.00 78.39  ? 16  DG  B N7    1 
ATOM   316  C  C5    . DG  A 1 16  ? 3.601   9.896   -23.595 1.00 81.56  ? 16  DG  B C5    1 
ATOM   317  C  C6    . DG  A 1 16  ? 4.475   10.302  -22.548 1.00 83.29  ? 16  DG  B C6    1 
ATOM   318  O  O6    . DG  A 1 16  ? 5.132   9.592   -21.770 1.00 83.74  ? 16  DG  B O6    1 
ATOM   319  N  N1    . DG  A 1 16  ? 4.544   11.687  -22.451 1.00 68.17  ? 16  DG  B N1    1 
ATOM   320  C  C2    . DG  A 1 16  ? 3.862   12.569  -23.250 1.00 74.68  ? 16  DG  B C2    1 
ATOM   321  N  N2    . DG  A 1 16  ? 4.071   13.866  -23.006 1.00 67.98  ? 16  DG  B N2    1 
ATOM   322  N  N3    . DG  A 1 16  ? 3.037   12.206  -24.220 1.00 78.54  ? 16  DG  B N3    1 
ATOM   323  C  C4    . DG  A 1 16  ? 2.959   10.868  -24.336 1.00 77.08  ? 16  DG  B C4    1 
ATOM   324  P  P     . DA  A 1 17  ? 0.637   11.638  -30.241 1.00 117.44 ? 17  DA  B P     1 
ATOM   325  O  OP1   . DA  A 1 17  ? -0.356  12.073  -31.252 1.00 120.50 ? 17  DA  B OP1   1 
ATOM   326  O  OP2   . DA  A 1 17  ? 1.428   10.400  -30.473 1.00 109.39 ? 17  DA  B OP2   1 
ATOM   327  O  "O5'" . DA  A 1 17  ? 1.663   12.826  -30.010 1.00 109.80 ? 17  DA  B "O5'" 1 
ATOM   328  C  "C5'" . DA  A 1 17  ? 1.252   14.011  -29.341 1.00 102.20 ? 17  DA  B "C5'" 1 
ATOM   329  C  "C4'" . DA  A 1 17  ? 2.455   14.879  -29.072 1.00 91.88  ? 17  DA  B "C4'" 1 
ATOM   330  O  "O4'" . DA  A 1 17  ? 3.197   14.355  -27.945 1.00 91.76  ? 17  DA  B "O4'" 1 
ATOM   331  C  "C3'" . DA  A 1 17  ? 3.424   14.897  -30.251 1.00 99.89  ? 17  DA  B "C3'" 1 
ATOM   332  O  "O3'" . DA  A 1 17  ? 3.960   16.208  -30.425 1.00 103.03 ? 17  DA  B "O3'" 1 
ATOM   333  C  "C2'" . DA  A 1 17  ? 4.492   13.897  -29.840 1.00 94.68  ? 17  DA  B "C2'" 1 
ATOM   334  C  "C1'" . DA  A 1 17  ? 4.529   14.066  -28.334 1.00 87.50  ? 17  DA  B "C1'" 1 
ATOM   335  N  N9    . DA  A 1 17  ? 4.971   12.882  -27.596 1.00 83.91  ? 17  DA  B N9    1 
ATOM   336  C  C8    . DA  A 1 17  ? 4.696   11.559  -27.856 1.00 83.72  ? 17  DA  B C8    1 
ATOM   337  N  N7    . DA  A 1 17  ? 5.255   10.726  -27.009 1.00 79.70  ? 17  DA  B N7    1 
ATOM   338  C  C5    . DA  A 1 17  ? 5.940   11.555  -26.128 1.00 77.29  ? 17  DA  B C5    1 
ATOM   339  C  C6    . DA  A 1 17  ? 6.741   11.289  -24.995 1.00 78.03  ? 17  DA  B C6    1 
ATOM   340  N  N6    . DA  A 1 17  ? 6.997   10.060  -24.535 1.00 71.85  ? 17  DA  B N6    1 
ATOM   341  N  N1    . DA  A 1 17  ? 7.277   12.347  -24.343 1.00 69.01  ? 17  DA  B N1    1 
ATOM   342  C  C2    . DA  A 1 17  ? 7.023   13.581  -24.803 1.00 72.96  ? 17  DA  B C2    1 
ATOM   343  N  N3    . DA  A 1 17  ? 6.289   13.958  -25.851 1.00 72.73  ? 17  DA  B N3    1 
ATOM   344  C  C4    . DA  A 1 17  ? 5.771   12.885  -26.478 1.00 81.91  ? 17  DA  B C4    1 
ATOM   345  P  P     . DG  A 1 18  ? 4.912   16.524  -31.680 1.00 112.72 ? 18  DG  B P     1 
ATOM   346  O  OP1   . DG  A 1 18  ? 4.197   17.457  -32.593 1.00 93.75  ? 18  DG  B OP1   1 
ATOM   347  O  OP2   . DG  A 1 18  ? 5.441   15.232  -32.210 1.00 103.96 ? 18  DG  B OP2   1 
ATOM   348  O  "O5'" . DG  A 1 18  ? 6.111   17.292  -30.973 1.00 109.61 ? 18  DG  B "O5'" 1 
ATOM   349  C  "C5'" . DG  A 1 18  ? 6.464   16.945  -29.638 1.00 109.82 ? 18  DG  B "C5'" 1 
ATOM   350  C  "C4'" . DG  A 1 18  ? 7.959   17.011  -29.447 1.00 107.51 ? 18  DG  B "C4'" 1 
ATOM   351  O  "O4'" . DG  A 1 18  ? 8.319   15.961  -28.514 1.00 105.46 ? 18  DG  B "O4'" 1 
ATOM   352  C  "C3'" . DG  A 1 18  ? 8.794   16.754  -30.703 1.00 108.48 ? 18  DG  B "C3'" 1 
ATOM   353  O  "O3'" . DG  A 1 18  ? 9.990   17.548  -30.634 1.00 108.88 ? 18  DG  B "O3'" 1 
ATOM   354  C  "C2'" . DG  A 1 18  ? 9.095   15.270  -30.624 1.00 101.04 ? 18  DG  B "C2'" 1 
ATOM   355  C  "C1'" . DG  A 1 18  ? 9.229   15.065  -29.128 1.00 98.24  ? 18  DG  B "C1'" 1 
ATOM   356  N  N9    . DG  A 1 18  ? 8.919   13.710  -28.682 1.00 89.78  ? 18  DG  B N9    1 
ATOM   357  C  C8    . DG  A 1 18  ? 8.108   12.789  -29.301 1.00 86.48  ? 18  DG  B C8    1 
ATOM   358  N  N7    . DG  A 1 18  ? 8.120   11.622  -28.711 1.00 85.24  ? 18  DG  B N7    1 
ATOM   359  C  C5    . DG  A 1 18  ? 8.972   11.796  -27.630 1.00 79.87  ? 18  DG  B C5    1 
ATOM   360  C  C6    . DG  A 1 18  ? 9.405   10.875  -26.637 1.00 75.55  ? 18  DG  B C6    1 
ATOM   361  O  O6    . DG  A 1 18  ? 9.125   9.671   -26.528 1.00 68.92  ? 18  DG  B O6    1 
ATOM   362  N  N1    . DG  A 1 18  ? 10.257  11.479  -25.716 1.00 73.32  ? 18  DG  B N1    1 
ATOM   363  C  C2    . DG  A 1 18  ? 10.654  12.797  -25.752 1.00 82.19  ? 18  DG  B C2    1 
ATOM   364  N  N2    . DG  A 1 18  ? 11.476  13.203  -24.771 1.00 83.94  ? 18  DG  B N2    1 
ATOM   365  N  N3    . DG  A 1 18  ? 10.272  13.656  -26.679 1.00 78.48  ? 18  DG  B N3    1 
ATOM   366  C  C4    . DG  A 1 18  ? 9.444   13.093  -27.578 1.00 84.78  ? 18  DG  B C4    1 
ATOM   367  P  P     . DG  A 1 19  ? 11.182  17.321  -31.691 1.00 108.05 ? 19  DG  B P     1 
ATOM   368  O  OP1   . DG  A 1 19  ? 11.766  18.652  -31.994 1.00 100.80 ? 19  DG  B OP1   1 
ATOM   369  O  OP2   . DG  A 1 19  ? 10.716  16.450  -32.799 1.00 100.66 ? 19  DG  B OP2   1 
ATOM   370  O  "O5'" . DG  A 1 19  ? 12.247  16.495  -30.853 1.00 100.91 ? 19  DG  B "O5'" 1 
ATOM   371  C  "C5'" . DG  A 1 19  ? 12.867  17.065  -29.705 1.00 106.42 ? 19  DG  B "C5'" 1 
ATOM   372  C  "C4'" . DG  A 1 19  ? 13.993  16.171  -29.253 1.00 93.20  ? 19  DG  B "C4'" 1 
ATOM   373  O  "O4'" . DG  A 1 19  ? 13.446  15.039  -28.525 1.00 86.42  ? 19  DG  B "O4'" 1 
ATOM   374  C  "C3'" . DG  A 1 19  ? 14.753  15.588  -30.452 1.00 101.50 ? 19  DG  B "C3'" 1 
ATOM   375  O  "O3'" . DG  A 1 19  ? 16.157  15.500  -30.205 1.00 92.64  ? 19  DG  B "O3'" 1 
ATOM   376  C  "C2'" . DG  A 1 19  ? 14.200  14.186  -30.546 1.00 94.87  ? 19  DG  B "C2'" 1 
ATOM   377  C  "C1'" . DG  A 1 19  ? 14.001  13.870  -29.083 1.00 89.08  ? 19  DG  B "C1'" 1 
ATOM   378  N  N9    . DG  A 1 19  ? 13.097  12.746  -28.893 1.00 89.10  ? 19  DG  B N9    1 
ATOM   379  C  C8    . DG  A 1 19  ? 12.005  12.419  -29.660 1.00 76.42  ? 19  DG  B C8    1 
ATOM   380  N  N7    . DG  A 1 19  ? 11.523  11.240  -29.383 1.00 76.09  ? 19  DG  B N7    1 
ATOM   381  C  C5    . DG  A 1 19  ? 12.318  10.785  -28.339 1.00 84.99  ? 19  DG  B C5    1 
ATOM   382  C  C6    . DG  A 1 19  ? 12.304  9.550   -27.649 1.00 79.08  ? 19  DG  B C6    1 
ATOM   383  O  O6    . DG  A 1 19  ? 11.578  8.564   -27.850 1.00 83.65  ? 19  DG  B O6    1 
ATOM   384  N  N1    . DG  A 1 19  ? 13.275  9.514   -26.649 1.00 77.54  ? 19  DG  B N1    1 
ATOM   385  C  C2    . DG  A 1 19  ? 14.154  10.532  -26.363 1.00 78.48  ? 19  DG  B C2    1 
ATOM   386  N  N2    . DG  A 1 19  ? 15.009  10.311  -25.350 1.00 76.89  ? 19  DG  B N2    1 
ATOM   387  N  N3    . DG  A 1 19  ? 14.190  11.679  -27.018 1.00 73.43  ? 19  DG  B N3    1 
ATOM   388  C  C4    . DG  A 1 19  ? 13.254  11.733  -27.986 1.00 77.58  ? 19  DG  B C4    1 
ATOM   389  P  P     . DC  A 1 20  ? 17.137  14.894  -31.336 1.00 88.81  ? 20  DC  B P     1 
ATOM   390  O  OP1   . DC  A 1 20  ? 17.845  16.041  -31.951 1.00 83.20  ? 20  DC  B OP1   1 
ATOM   391  O  OP2   . DC  A 1 20  ? 16.411  13.936  -32.211 1.00 74.89  ? 20  DC  B OP2   1 
ATOM   392  O  "O5'" . DC  A 1 20  ? 18.185  14.077  -30.462 1.00 89.02  ? 20  DC  B "O5'" 1 
ATOM   393  C  "C5'" . DC  A 1 20  ? 18.499  14.516  -29.139 1.00 90.61  ? 20  DC  B "C5'" 1 
ATOM   394  C  "C4'" . DC  A 1 20  ? 18.943  13.355  -28.278 1.00 100.04 ? 20  DC  B "C4'" 1 
ATOM   395  O  "O4'" . DC  A 1 20  ? 17.843  12.437  -28.056 1.00 88.78  ? 20  DC  B "O4'" 1 
ATOM   396  C  "C3'" . DC  A 1 20  ? 20.083  12.521  -28.866 1.00 91.50  ? 20  DC  B "C3'" 1 
ATOM   397  O  "O3'" . DC  A 1 20  ? 20.927  12.044  -27.821 1.00 104.08 ? 20  DC  B "O3'" 1 
ATOM   398  C  "C2'" . DC  A 1 20  ? 19.362  11.319  -29.444 1.00 87.07  ? 20  DC  B "C2'" 1 
ATOM   399  C  "C1'" . DC  A 1 20  ? 18.227  11.131  -28.452 1.00 87.47  ? 20  DC  B "C1'" 1 
ATOM   400  N  N1    . DC  A 1 20  ? 17.049  10.456  -29.016 1.00 87.70  ? 20  DC  B N1    1 
ATOM   401  C  C2    . DC  A 1 20  ? 16.661  9.233   -28.475 1.00 76.15  ? 20  DC  B C2    1 
ATOM   402  O  O2    . DC  A 1 20  ? 17.293  8.780   -27.517 1.00 86.61  ? 20  DC  B O2    1 
ATOM   403  N  N3    . DC  A 1 20  ? 15.606  8.578   -29.007 1.00 84.62  ? 20  DC  B N3    1 
ATOM   404  C  C4    . DC  A 1 20  ? 14.946  9.104   -30.041 1.00 87.74  ? 20  DC  B C4    1 
ATOM   405  N  N4    . DC  A 1 20  ? 13.923  8.409   -30.549 1.00 77.38  ? 20  DC  B N4    1 
ATOM   406  C  C5    . DC  A 1 20  ? 15.307  10.364  -30.602 1.00 85.19  ? 20  DC  B C5    1 
ATOM   407  C  C6    . DC  A 1 20  ? 16.357  11.001  -30.062 1.00 89.74  ? 20  DC  B C6    1 
ATOM   408  N  N     . ALA B 2 10  ? 25.116  -6.647  -10.202 1.00 84.18  ? 10  ALA A N     1 
ATOM   409  C  CA    . ALA B 2 10  ? 24.996  -5.617  -11.272 1.00 90.15  ? 10  ALA A CA    1 
ATOM   410  C  C     . ALA B 2 10  ? 23.753  -4.772  -11.003 1.00 138.64 ? 10  ALA A C     1 
ATOM   411  O  O     . ALA B 2 10  ? 22.934  -5.116  -10.143 1.00 103.44 ? 10  ALA A O     1 
ATOM   412  C  CB    . ALA B 2 10  ? 24.898  -6.295  -12.651 1.00 74.76  ? 10  ALA A CB    1 
ATOM   413  N  N     . LEU B 2 11  ? 23.628  -3.659  -11.723 1.00 120.29 ? 11  LEU A N     1 
ATOM   414  C  CA    . LEU B 2 11  ? 22.473  -2.775  -11.583 1.00 82.31  ? 11  LEU A CA    1 
ATOM   415  C  C     . LEU B 2 11  ? 21.401  -3.159  -12.591 1.00 87.90  ? 11  LEU A C     1 
ATOM   416  O  O     . LEU B 2 11  ? 21.696  -3.550  -13.723 1.00 91.39  ? 11  LEU A O     1 
ATOM   417  C  CB    . LEU B 2 11  ? 22.866  -1.311  -11.798 1.00 77.00  ? 11  LEU A CB    1 
ATOM   418  C  CG    . LEU B 2 11  ? 23.475  -0.556  -10.617 1.00 73.87  ? 11  LEU A CG    1 
ATOM   419  C  CD1   . LEU B 2 11  ? 22.424  -0.362  -9.538  1.00 89.59  ? 11  LEU A CD1   1 
ATOM   420  C  CD2   . LEU B 2 11  ? 24.673  -1.318  -10.084 1.00 83.06  ? 11  LEU A CD2   1 
ATOM   421  N  N     . LEU B 2 12  ? 20.148  -3.031  -12.179 1.00 92.34  ? 12  LEU A N     1 
ATOM   422  C  CA    . LEU B 2 12  ? 19.033  -3.378  -13.038 1.00 81.07  ? 12  LEU A CA    1 
ATOM   423  C  C     . LEU B 2 12  ? 18.580  -2.214  -13.912 1.00 79.00  ? 12  LEU A C     1 
ATOM   424  O  O     . LEU B 2 12  ? 18.577  -1.062  -13.477 1.00 65.64  ? 12  LEU A O     1 
ATOM   425  C  CB    . LEU B 2 12  ? 17.871  -3.848  -12.171 1.00 83.01  ? 12  LEU A CB    1 
ATOM   426  C  CG    . LEU B 2 12  ? 18.247  -4.998  -11.244 1.00 78.85  ? 12  LEU A CG    1 
ATOM   427  C  CD1   . LEU B 2 12  ? 17.161  -5.241  -10.211 1.00 93.18  ? 12  LEU A CD1   1 
ATOM   428  C  CD2   . LEU B 2 12  ? 18.488  -6.232  -12.094 1.00 79.43  ? 12  LEU A CD2   1 
ATOM   429  N  N     . THR B 2 13  ? 18.203  -2.518  -15.150 1.00 101.67 ? 13  THR A N     1 
ATOM   430  C  CA    . THR B 2 13  ? 17.714  -1.481  -16.047 1.00 92.33  ? 13  THR A CA    1 
ATOM   431  C  C     . THR B 2 13  ? 16.213  -1.335  -15.810 1.00 93.08  ? 13  THR A C     1 
ATOM   432  O  O     . THR B 2 13  ? 15.549  -2.275  -15.368 1.00 91.53  ? 13  THR A O     1 
ATOM   433  C  CB    . THR B 2 13  ? 17.971  -1.817  -17.540 1.00 92.08  ? 13  THR A CB    1 
ATOM   434  O  OG1   . THR B 2 13  ? 16.775  -1.593  -18.295 1.00 102.25 ? 13  THR A OG1   1 
ATOM   435  C  CG2   . THR B 2 13  ? 18.419  -3.243  -17.708 1.00 96.35  ? 13  THR A CG2   1 
ATOM   436  N  N     . PRO B 2 14  ? 15.657  -0.148  -16.095 1.00 86.97  ? 14  PRO A N     1 
ATOM   437  C  CA    . PRO B 2 14  ? 14.224  0.059   -15.887 1.00 79.25  ? 14  PRO A CA    1 
ATOM   438  C  C     . PRO B 2 14  ? 13.371  -1.064  -16.477 1.00 101.28 ? 14  PRO A C     1 
ATOM   439  O  O     . PRO B 2 14  ? 12.392  -1.500  -15.869 1.00 76.74  ? 14  PRO A O     1 
ATOM   440  C  CB    . PRO B 2 14  ? 13.976  1.402   -16.564 1.00 76.23  ? 14  PRO A CB    1 
ATOM   441  C  CG    . PRO B 2 14  ? 15.269  2.118   -16.353 1.00 76.10  ? 14  PRO A CG    1 
ATOM   442  C  CD    . PRO B 2 14  ? 16.284  1.054   -16.675 1.00 76.11  ? 14  PRO A CD    1 
ATOM   443  N  N     . GLY B 2 15  ? 13.757  -1.534  -17.658 1.00 68.76  ? 15  GLY A N     1 
ATOM   444  C  CA    . GLY B 2 15  ? 13.012  -2.595  -18.312 1.00 75.22  ? 15  GLY A CA    1 
ATOM   445  C  C     . GLY B 2 15  ? 12.952  -3.863  -17.486 1.00 75.95  ? 15  GLY A C     1 
ATOM   446  O  O     . GLY B 2 15  ? 11.873  -4.394  -17.229 1.00 76.14  ? 15  GLY A O     1 
ATOM   447  N  N     . GLU B 2 16  ? 14.120  -4.356  -17.080 1.00 87.50  ? 16  GLU A N     1 
ATOM   448  C  CA    . GLU B 2 16  ? 14.207  -5.560  -16.269 1.00 92.72  ? 16  GLU A CA    1 
ATOM   449  C  C     . GLU B 2 16  ? 13.283  -5.428  -15.063 1.00 95.25  ? 16  GLU A C     1 
ATOM   450  O  O     . GLU B 2 16  ? 12.331  -6.198  -14.901 1.00 92.80  ? 16  GLU A O     1 
ATOM   451  C  CB    . GLU B 2 16  ? 15.642  -5.752  -15.791 1.00 105.15 ? 16  GLU A CB    1 
ATOM   452  C  CG    . GLU B 2 16  ? 16.642  -5.845  -16.917 1.00 103.30 ? 16  GLU A CG    1 
ATOM   453  C  CD    . GLU B 2 16  ? 18.071  -5.889  -16.419 1.00 113.82 ? 16  GLU A CD    1 
ATOM   454  O  OE1   . GLU B 2 16  ? 18.976  -6.163  -17.236 1.00 110.15 ? 16  GLU A OE1   1 
ATOM   455  O  OE2   . GLU B 2 16  ? 18.292  -5.637  -15.214 1.00 105.15 ? 16  GLU A OE2   1 
ATOM   456  N  N     . VAL B 2 17  ? 13.571  -4.435  -14.226 1.00 90.18  ? 17  VAL A N     1 
ATOM   457  C  CA    . VAL B 2 17  ? 12.790  -4.172  -13.024 1.00 88.08  ? 17  VAL A CA    1 
ATOM   458  C  C     . VAL B 2 17  ? 11.291  -4.203  -13.300 1.00 88.08  ? 17  VAL A C     1 
ATOM   459  O  O     . VAL B 2 17  ? 10.499  -4.578  -12.438 1.00 70.86  ? 17  VAL A O     1 
ATOM   460  C  CB    . VAL B 2 17  ? 13.160  -2.805  -12.421 1.00 63.01  ? 17  VAL A CB    1 
ATOM   461  C  CG1   . VAL B 2 17  ? 12.378  -2.567  -11.146 1.00 57.39  ? 17  VAL A CG1   1 
ATOM   462  C  CG2   . VAL B 2 17  ? 14.641  -2.757  -12.138 1.00 51.70  ? 17  VAL A CG2   1 
ATOM   463  N  N     . ALA B 2 18  ? 10.906  -3.809  -14.506 1.00 77.86  ? 18  ALA A N     1 
ATOM   464  C  CA    . ALA B 2 18  ? 9.499   -3.802  -14.885 1.00 83.70  ? 18  ALA A CA    1 
ATOM   465  C  C     . ALA B 2 18  ? 8.974   -5.227  -15.054 1.00 86.06  ? 18  ALA A C     1 
ATOM   466  O  O     . ALA B 2 18  ? 7.835   -5.525  -14.693 1.00 87.47  ? 18  ALA A O     1 
ATOM   467  C  CB    . ALA B 2 18  ? 9.310   -3.017  -16.176 1.00 92.16  ? 18  ALA A CB    1 
ATOM   468  N  N     . LYS B 2 19  ? 9.808   -6.106  -15.601 1.00 83.61  ? 19  LYS A N     1 
ATOM   469  C  CA    . LYS B 2 19  ? 9.408   -7.485  -15.816 1.00 88.32  ? 19  LYS A CA    1 
ATOM   470  C  C     . LYS B 2 19  ? 9.372   -8.238  -14.495 1.00 83.80  ? 19  LYS A C     1 
ATOM   471  O  O     . LYS B 2 19  ? 8.412   -8.955  -14.211 1.00 94.65  ? 19  LYS A O     1 
ATOM   472  C  CB    . LYS B 2 19  ? 10.366  -8.161  -16.787 1.00 72.53  ? 19  LYS A CB    1 
ATOM   473  N  N     . ARG B 2 20  ? 10.407  -8.059  -13.678 1.00 102.20 ? 20  ARG A N     1 
ATOM   474  C  CA    . ARG B 2 20  ? 10.483  -8.748  -12.392 1.00 94.00  ? 20  ARG A CA    1 
ATOM   475  C  C     . ARG B 2 20  ? 9.552   -8.178  -11.328 1.00 96.11  ? 20  ARG A C     1 
ATOM   476  O  O     . ARG B 2 20  ? 9.343   -8.803  -10.288 1.00 95.34  ? 20  ARG A O     1 
ATOM   477  C  CB    . ARG B 2 20  ? 11.922  -8.751  -11.876 1.00 96.14  ? 20  ARG A CB    1 
ATOM   478  C  CG    . ARG B 2 20  ? 12.890  -9.485  -12.789 1.00 100.58 ? 20  ARG A CG    1 
ATOM   479  C  CD    . ARG B 2 20  ? 14.291  -9.499  -12.218 1.00 104.58 ? 20  ARG A CD    1 
ATOM   480  N  NE    . ARG B 2 20  ? 15.281  -9.745  -13.259 1.00 107.69 ? 20  ARG A NE    1 
ATOM   481  C  CZ    . ARG B 2 20  ? 16.589  -9.615  -13.080 1.00 111.03 ? 20  ARG A CZ    1 
ATOM   482  N  NH1   . ARG B 2 20  ? 17.052  -9.248  -11.894 1.00 111.08 ? 20  ARG A NH1   1 
ATOM   483  N  NH2   . ARG B 2 20  ? 17.431  -9.836  -14.083 1.00 104.58 ? 20  ARG A NH2   1 
ATOM   484  N  N     . SER B 2 21  ? 8.993   -6.998  -11.585 1.00 90.90  ? 21  SER A N     1 
ATOM   485  C  CA    . SER B 2 21  ? 8.067   -6.373  -10.646 1.00 93.26  ? 21  SER A CA    1 
ATOM   486  C  C     . SER B 2 21  ? 6.644   -6.550  -11.134 1.00 84.24  ? 21  SER A C     1 
ATOM   487  O  O     . SER B 2 21  ? 5.722   -6.701  -10.337 1.00 93.26  ? 21  SER A O     1 
ATOM   488  C  CB    . SER B 2 21  ? 8.351   -4.880  -10.510 1.00 85.93  ? 21  SER A CB    1 
ATOM   489  O  OG    . SER B 2 21  ? 9.608   -4.658  -9.905  1.00 98.95  ? 21  SER A OG    1 
ATOM   490  N  N     . GLY B 2 22  ? 6.474   -6.530  -12.454 1.00 82.69  ? 22  GLY A N     1 
ATOM   491  C  CA    . GLY B 2 22  ? 5.153   -6.671  -13.038 1.00 80.94  ? 22  GLY A CA    1 
ATOM   492  C  C     . GLY B 2 22  ? 4.438   -5.333  -13.029 1.00 81.51  ? 22  GLY A C     1 
ATOM   493  O  O     . GLY B 2 22  ? 3.213   -5.258  -12.919 1.00 97.91  ? 22  GLY A O     1 
ATOM   494  N  N     . VAL B 2 23  ? 5.224   -4.267  -13.139 1.00 80.07  ? 23  VAL A N     1 
ATOM   495  C  CA    . VAL B 2 23  ? 4.705   -2.909  -13.150 1.00 77.65  ? 23  VAL A CA    1 
ATOM   496  C  C     . VAL B 2 23  ? 5.219   -2.189  -14.390 1.00 75.96  ? 23  VAL A C     1 
ATOM   497  O  O     . VAL B 2 23  ? 6.261   -2.548  -14.935 1.00 79.31  ? 23  VAL A O     1 
ATOM   498  C  CB    . VAL B 2 23  ? 5.177   -2.138  -11.915 1.00 76.80  ? 23  VAL A CB    1 
ATOM   499  C  CG1   . VAL B 2 23  ? 4.611   -2.766  -10.667 1.00 84.43  ? 23  VAL A CG1   1 
ATOM   500  C  CG2   . VAL B 2 23  ? 6.699   -2.150  -11.859 1.00 81.77  ? 23  VAL A CG2   1 
ATOM   501  N  N     . ALA B 2 24  ? 4.491   -1.170  -14.829 1.00 84.59  ? 24  ALA A N     1 
ATOM   502  C  CA    . ALA B 2 24  ? 4.890   -0.403  -16.000 1.00 67.88  ? 24  ALA A CA    1 
ATOM   503  C  C     . ALA B 2 24  ? 6.157   0.381   -15.690 1.00 74.41  ? 24  ALA A C     1 
ATOM   504  O  O     . ALA B 2 24  ? 6.427   0.703   -14.528 1.00 84.59  ? 24  ALA A O     1 
ATOM   505  C  CB    . ALA B 2 24  ? 3.780   0.556   -16.387 1.00 72.92  ? 24  ALA A CB    1 
ATOM   506  N  N     . VAL B 2 25  ? 6.948   0.679   -16.718 1.00 67.61  ? 25  VAL A N     1 
ATOM   507  C  CA    . VAL B 2 25  ? 8.148   1.469   -16.493 1.00 62.21  ? 25  VAL A CA    1 
ATOM   508  C  C     . VAL B 2 25  ? 7.653   2.840   -16.051 1.00 62.96  ? 25  VAL A C     1 
ATOM   509  O  O     . VAL B 2 25  ? 8.297   3.518   -15.247 1.00 60.07  ? 25  VAL A O     1 
ATOM   510  C  CB    . VAL B 2 25  ? 8.994   1.611   -17.768 1.00 60.94  ? 25  VAL A CB    1 
ATOM   511  C  CG1   . VAL B 2 25  ? 9.945   2.788   -17.635 1.00 79.62  ? 25  VAL A CG1   1 
ATOM   512  C  CG2   . VAL B 2 25  ? 9.789   0.342   -17.995 1.00 63.58  ? 25  VAL A CG2   1 
ATOM   513  N  N     . SER B 2 26  ? 6.495   3.237   -16.575 1.00 65.78  ? 26  SER A N     1 
ATOM   514  C  CA    . SER B 2 26  ? 5.899   4.514   -16.210 1.00 60.13  ? 26  SER A CA    1 
ATOM   515  C  C     . SER B 2 26  ? 5.531   4.454   -14.737 1.00 65.78  ? 26  SER A C     1 
ATOM   516  O  O     . SER B 2 26  ? 5.561   5.468   -14.046 1.00 52.21  ? 26  SER A O     1 
ATOM   517  C  CB    . SER B 2 26  ? 4.630   4.802   -17.024 1.00 64.72  ? 26  SER A CB    1 
ATOM   518  O  OG    . SER B 2 26  ? 4.362   3.795   -17.985 1.00 72.79  ? 26  SER A OG    1 
ATOM   519  N  N     . ALA B 2 27  ? 5.162   3.264   -14.267 1.00 56.94  ? 27  ALA A N     1 
ATOM   520  C  CA    . ALA B 2 27  ? 4.802   3.076   -12.865 1.00 50.46  ? 27  ALA A CA    1 
ATOM   521  C  C     . ALA B 2 27  ? 6.042   3.335   -12.010 1.00 65.61  ? 27  ALA A C     1 
ATOM   522  O  O     . ALA B 2 27  ? 5.963   3.998   -10.963 1.00 60.77  ? 27  ALA A O     1 
ATOM   523  C  CB    . ALA B 2 27  ? 4.283   1.656   -12.634 1.00 73.68  ? 27  ALA A CB    1 
ATOM   524  N  N     . LEU B 2 28  ? 7.190   2.819   -12.458 1.00 57.39  ? 28  LEU A N     1 
ATOM   525  C  CA    . LEU B 2 28  ? 8.441   3.018   -11.733 1.00 73.22  ? 28  LEU A CA    1 
ATOM   526  C  C     . LEU B 2 28  ? 8.812   4.505   -11.739 1.00 55.35  ? 28  LEU A C     1 
ATOM   527  O  O     . LEU B 2 28  ? 9.232   5.053   -10.719 1.00 59.26  ? 28  LEU A O     1 
ATOM   528  C  CB    . LEU B 2 28  ? 9.555   2.180   -12.356 1.00 50.46  ? 28  LEU A CB    1 
ATOM   529  C  CG    . LEU B 2 28  ? 9.378   0.654   -12.376 1.00 61.18  ? 28  LEU A CG    1 
ATOM   530  C  CD1   . LEU B 2 28  ? 10.541  0.028   -13.143 1.00 49.48  ? 28  LEU A CD1   1 
ATOM   531  C  CD2   . LEU B 2 28  ? 9.307   0.095   -10.954 1.00 68.61  ? 28  LEU A CD2   1 
ATOM   532  N  N     . HIS B 2 29  ? 8.643   5.169   -12.878 1.00 51.93  ? 29  HIS A N     1 
ATOM   533  C  CA    . HIS B 2 29  ? 8.937   6.598   -12.944 1.00 78.13  ? 29  HIS A CA    1 
ATOM   534  C  C     . HIS B 2 29  ? 8.128   7.329   -11.891 1.00 61.47  ? 29  HIS A C     1 
ATOM   535  O  O     . HIS B 2 29  ? 8.651   8.162   -11.147 1.00 78.13  ? 29  HIS A O     1 
ATOM   536  C  CB    . HIS B 2 29  ? 8.564   7.168   -14.306 1.00 59.02  ? 29  HIS A CB    1 
ATOM   537  C  CG    . HIS B 2 29  ? 9.487   6.758   -15.397 1.00 58.87  ? 29  HIS A CG    1 
ATOM   538  N  ND1   . HIS B 2 29  ? 10.601  5.980   -15.169 1.00 80.35  ? 29  HIS A ND1   1 
ATOM   539  C  CD2   . HIS B 2 29  ? 9.493   7.039   -16.724 1.00 51.48  ? 29  HIS A CD2   1 
ATOM   540  C  CE1   . HIS B 2 29  ? 11.252  5.800   -16.300 1.00 60.27  ? 29  HIS A CE1   1 
ATOM   541  N  NE2   . HIS B 2 29  ? 10.596  6.437   -17.261 1.00 61.71  ? 29  HIS A NE2   1 
ATOM   542  N  N     . PHE B 2 30  ? 6.840   7.008   -11.850 1.00 66.86  ? 30  PHE A N     1 
ATOM   543  C  CA    . PHE B 2 30  ? 5.902   7.618   -10.922 1.00 65.79  ? 30  PHE A CA    1 
ATOM   544  C  C     . PHE B 2 30  ? 6.275   7.357   -9.470  1.00 63.53  ? 30  PHE A C     1 
ATOM   545  O  O     . PHE B 2 30  ? 6.351   8.292   -8.680  1.00 67.16  ? 30  PHE A O     1 
ATOM   546  C  CB    . PHE B 2 30  ? 4.486   7.112   -11.220 1.00 61.28  ? 30  PHE A CB    1 
ATOM   547  C  CG    . PHE B 2 30  ? 3.434   7.671   -10.308 1.00 71.02  ? 30  PHE A CG    1 
ATOM   548  C  CD1   . PHE B 2 30  ? 3.208   9.038   -10.228 1.00 62.94  ? 30  PHE A CD1   1 
ATOM   549  C  CD2   . PHE B 2 30  ? 2.659   6.823   -9.532  1.00 64.86  ? 30  PHE A CD2   1 
ATOM   550  C  CE1   . PHE B 2 30  ? 2.234   9.555   -9.369  1.00 60.81  ? 30  PHE A CE1   1 
ATOM   551  C  CE2   . PHE B 2 30  ? 1.686   7.327   -8.673  1.00 71.02  ? 30  PHE A CE2   1 
ATOM   552  C  CZ    . PHE B 2 30  ? 1.468   8.696   -8.598  1.00 59.52  ? 30  PHE A CZ    1 
ATOM   553  N  N     . TYR B 2 31  ? 6.518   6.100   -9.113  1.00 84.32  ? 31  TYR A N     1 
ATOM   554  C  CA    . TYR B 2 31  ? 6.882   5.780   -7.738  1.00 65.58  ? 31  TYR A CA    1 
ATOM   555  C  C     . TYR B 2 31  ? 8.107   6.559   -7.300  1.00 70.74  ? 31  TYR A C     1 
ATOM   556  O  O     . TYR B 2 31  ? 8.186   7.029   -6.165  1.00 72.11  ? 31  TYR A O     1 
ATOM   557  C  CB    . TYR B 2 31  ? 7.163   4.293   -7.593  1.00 62.01  ? 31  TYR A CB    1 
ATOM   558  C  CG    . TYR B 2 31  ? 5.934   3.431   -7.722  1.00 65.87  ? 31  TYR A CG    1 
ATOM   559  C  CD1   . TYR B 2 31  ? 6.039   2.085   -8.068  1.00 71.63  ? 31  TYR A CD1   1 
ATOM   560  C  CD2   . TYR B 2 31  ? 4.664   3.953   -7.496  1.00 65.69  ? 31  TYR A CD2   1 
ATOM   561  C  CE1   . TYR B 2 31  ? 4.913   1.280   -8.188  1.00 61.56  ? 31  TYR A CE1   1 
ATOM   562  C  CE2   . TYR B 2 31  ? 3.528   3.154   -7.613  1.00 66.19  ? 31  TYR A CE2   1 
ATOM   563  C  CZ    . TYR B 2 31  ? 3.661   1.819   -7.961  1.00 71.63  ? 31  TYR A CZ    1 
ATOM   564  O  OH    . TYR B 2 31  ? 2.547   1.024   -8.097  1.00 58.65  ? 31  TYR A OH    1 
ATOM   565  N  N     . GLU B 2 32  ? 9.068   6.696   -8.202  1.00 74.76  ? 32  GLU A N     1 
ATOM   566  C  CA    . GLU B 2 32  ? 10.278  7.425   -7.879  1.00 59.19  ? 32  GLU A CA    1 
ATOM   567  C  C     . GLU B 2 32  ? 9.962   8.908   -7.669  1.00 57.21  ? 32  GLU A C     1 
ATOM   568  O  O     . GLU B 2 32  ? 10.506  9.540   -6.765  1.00 74.76  ? 32  GLU A O     1 
ATOM   569  C  CB    . GLU B 2 32  ? 11.298  7.240   -9.002  1.00 60.29  ? 32  GLU A CB    1 
ATOM   570  C  CG    . GLU B 2 32  ? 12.673  7.818   -8.722  1.00 59.35  ? 32  GLU A CG    1 
ATOM   571  C  CD    . GLU B 2 32  ? 13.599  7.652   -9.908  1.00 91.01  ? 32  GLU A CD    1 
ATOM   572  O  OE1   . GLU B 2 32  ? 14.629  8.362   -9.987  1.00 64.58  ? 32  GLU A OE1   1 
ATOM   573  O  OE2   . GLU B 2 32  ? 13.287  6.798   -10.765 1.00 61.76  ? 32  GLU A OE2   1 
ATOM   574  N  N     . SER B 2 33  ? 9.078   9.461   -8.496  1.00 55.34  ? 33  SER A N     1 
ATOM   575  C  CA    . SER B 2 33  ? 8.722   10.869  -8.370  1.00 55.39  ? 33  SER A CA    1 
ATOM   576  C  C     . SER B 2 33  ? 7.957   11.090  -7.068  1.00 60.05  ? 33  SER A C     1 
ATOM   577  O  O     . SER B 2 33  ? 8.048   12.157  -6.458  1.00 64.31  ? 33  SER A O     1 
ATOM   578  C  CB    . SER B 2 33  ? 7.894   11.330  -9.576  1.00 43.95  ? 33  SER A CB    1 
ATOM   579  O  OG    . SER B 2 33  ? 6.556   10.880  -9.506  1.00 64.03  ? 33  SER A OG    1 
ATOM   580  N  N     . LYS B 2 34  ? 7.196   10.082  -6.648  1.00 67.35  ? 34  LYS A N     1 
ATOM   581  C  CA    . LYS B 2 34  ? 6.446   10.161  -5.395  1.00 88.21  ? 34  LYS A CA    1 
ATOM   582  C  C     . LYS B 2 34  ? 7.375   9.682   -4.282  1.00 67.45  ? 34  LYS A C     1 
ATOM   583  O  O     . LYS B 2 34  ? 6.946   9.475   -3.147  1.00 70.06  ? 34  LYS A O     1 
ATOM   584  C  CB    . LYS B 2 34  ? 5.191   9.280   -5.441  1.00 63.29  ? 34  LYS A CB    1 
ATOM   585  C  CG    . LYS B 2 34  ? 3.976   9.897   -6.133  1.00 63.24  ? 34  LYS A CG    1 
ATOM   586  C  CD    . LYS B 2 34  ? 3.514   11.183  -5.441  1.00 78.00  ? 34  LYS A CD    1 
ATOM   587  C  CE    . LYS B 2 34  ? 2.043   11.503  -5.733  1.00 90.23  ? 34  LYS A CE    1 
ATOM   588  N  NZ    . LYS B 2 34  ? 1.101   10.522  -5.097  1.00 83.39  ? 34  LYS A NZ    1 
ATOM   589  N  N     . GLY B 2 35  ? 8.647   9.495   -4.637  1.00 79.76  ? 35  GLY A N     1 
ATOM   590  C  CA    . GLY B 2 35  ? 9.669   9.064   -3.695  1.00 65.01  ? 35  GLY A CA    1 
ATOM   591  C  C     . GLY B 2 35  ? 9.499   7.738   -2.973  1.00 63.10  ? 35  GLY A C     1 
ATOM   592  O  O     . GLY B 2 35  ? 9.767   7.651   -1.779  1.00 72.82  ? 35  GLY A O     1 
ATOM   593  N  N     . LEU B 2 36  ? 9.070   6.696   -3.673  1.00 84.44  ? 36  LEU A N     1 
ATOM   594  C  CA    . LEU B 2 36  ? 8.889   5.402   -3.024  1.00 62.84  ? 36  LEU A CA    1 
ATOM   595  C  C     . LEU B 2 36  ? 10.001  4.429   -3.416  1.00 66.56  ? 36  LEU A C     1 
ATOM   596  O  O     . LEU B 2 36  ? 10.178  3.375   -2.797  1.00 69.68  ? 36  LEU A O     1 
ATOM   597  C  CB    . LEU B 2 36  ? 7.514   4.829   -3.369  1.00 58.05  ? 36  LEU A CB    1 
ATOM   598  C  CG    . LEU B 2 36  ? 6.326   5.725   -3.007  1.00 59.49  ? 36  LEU A CG    1 
ATOM   599  C  CD1   . LEU B 2 36  ? 5.069   5.088   -3.531  1.00 68.80  ? 36  LEU A CD1   1 
ATOM   600  C  CD2   . LEU B 2 36  ? 6.235   5.935   -1.504  1.00 45.18  ? 36  LEU A CD2   1 
ATOM   601  N  N     . ILE B 2 37  ? 10.744  4.789   -4.453  1.00 63.04  ? 37  ILE A N     1 
ATOM   602  C  CA    . ILE B 2 37  ? 11.864  3.983   -4.908  1.00 56.79  ? 37  ILE A CA    1 
ATOM   603  C  C     . ILE B 2 37  ? 12.942  4.962   -5.348  1.00 60.27  ? 37  ILE A C     1 
ATOM   604  O  O     . ILE B 2 37  ? 12.653  6.138   -5.575  1.00 62.72  ? 37  ILE A O     1 
ATOM   605  C  CB    . ILE B 2 37  ? 11.470  3.028   -6.066  1.00 48.30  ? 37  ILE A CB    1 
ATOM   606  C  CG1   . ILE B 2 37  ? 10.895  3.812   -7.239  1.00 78.63  ? 37  ILE A CG1   1 
ATOM   607  C  CG2   . ILE B 2 37  ? 10.466  2.000   -5.562  1.00 45.54  ? 37  ILE A CG2   1 
ATOM   608  C  CD1   . ILE B 2 37  ? 10.655  2.958   -8.455  1.00 54.20  ? 37  ILE A CD1   1 
ATOM   609  N  N     . THR B 2 38  ? 14.183  4.494   -5.442  1.00 85.69  ? 38  THR A N     1 
ATOM   610  C  CA    . THR B 2 38  ? 15.279  5.376   -5.828  1.00 71.32  ? 38  THR A CA    1 
ATOM   611  C  C     . THR B 2 38  ? 16.009  4.964   -7.090  1.00 72.23  ? 38  THR A C     1 
ATOM   612  O  O     . THR B 2 38  ? 16.040  3.795   -7.472  1.00 70.04  ? 38  THR A O     1 
ATOM   613  C  CB    . THR B 2 38  ? 16.326  5.497   -4.715  1.00 72.79  ? 38  THR A CB    1 
ATOM   614  O  OG1   . THR B 2 38  ? 15.678  5.810   -3.477  1.00 84.58  ? 38  THR A OG1   1 
ATOM   615  C  CG2   . THR B 2 38  ? 17.321  6.598   -5.047  1.00 95.41  ? 38  THR A CG2   1 
ATOM   616  N  N     . SER B 2 39  ? 16.625  5.948   -7.724  1.00 72.26  ? 39  SER A N     1 
ATOM   617  C  CA    . SER B 2 39  ? 17.350  5.693   -8.940  1.00 93.30  ? 39  SER A CA    1 
ATOM   618  C  C     . SER B 2 39  ? 18.758  6.263   -8.929  1.00 74.40  ? 39  SER A C     1 
ATOM   619  O  O     . SER B 2 39  ? 19.151  7.043   -8.059  1.00 93.30  ? 39  SER A O     1 
ATOM   620  C  CB    . SER B 2 39  ? 16.565  6.262   -10.120 1.00 68.08  ? 39  SER A CB    1 
ATOM   621  O  OG    . SER B 2 39  ? 17.287  6.139   -11.324 1.00 83.16  ? 39  SER A OG    1 
ATOM   622  N  N     . ILE B 2 40  ? 19.509  5.830   -9.923  1.00 87.16  ? 40  ILE A N     1 
ATOM   623  C  CA    . ILE B 2 40  ? 20.873  6.251   -10.138 1.00 88.31  ? 40  ILE A CA    1 
ATOM   624  C  C     . ILE B 2 40  ? 20.940  6.342   -11.657 1.00 91.19  ? 40  ILE A C     1 
ATOM   625  O  O     . ILE B 2 40  ? 20.418  5.470   -12.356 1.00 82.95  ? 40  ILE A O     1 
ATOM   626  C  CB    . ILE B 2 40  ? 21.862  5.192   -9.595  1.00 91.98  ? 40  ILE A CB    1 
ATOM   627  C  CG1   . ILE B 2 40  ? 22.552  5.728   -8.339  1.00 93.62  ? 40  ILE A CG1   1 
ATOM   628  C  CG2   . ILE B 2 40  ? 22.860  4.791   -10.668 1.00 106.58 ? 40  ILE A CG2   1 
ATOM   629  C  CD1   . ILE B 2 40  ? 23.561  4.768   -7.727  1.00 95.65  ? 40  ILE A CD1   1 
ATOM   630  N  N     . ARG B 2 41  ? 21.542  7.408   -12.170 1.00 92.54  ? 41  ARG A N     1 
ATOM   631  C  CA    . ARG B 2 41  ? 21.646  7.571   -13.614 1.00 92.84  ? 41  ARG A CA    1 
ATOM   632  C  C     . ARG B 2 41  ? 23.006  7.079   -14.105 1.00 93.25  ? 41  ARG A C     1 
ATOM   633  O  O     . ARG B 2 41  ? 24.030  7.338   -13.473 1.00 96.07  ? 41  ARG A O     1 
ATOM   634  C  CB    . ARG B 2 41  ? 21.442  9.043   -14.002 1.00 88.07  ? 41  ARG A CB    1 
ATOM   635  C  CG    . ARG B 2 41  ? 20.159  9.670   -13.457 1.00 92.87  ? 41  ARG A CG    1 
ATOM   636  C  CD    . ARG B 2 41  ? 18.943  8.801   -13.745 1.00 84.93  ? 41  ARG A CD    1 
ATOM   637  N  NE    . ARG B 2 41  ? 17.712  9.343   -13.174 1.00 81.21  ? 41  ARG A NE    1 
ATOM   638  C  CZ    . ARG B 2 41  ? 16.819  10.055  -13.853 1.00 77.64  ? 41  ARG A CZ    1 
ATOM   639  N  NH1   . ARG B 2 41  ? 17.013  10.317  -15.137 1.00 92.87  ? 41  ARG A NH1   1 
ATOM   640  N  NH2   . ARG B 2 41  ? 15.726  10.497  -13.246 1.00 76.76  ? 41  ARG A NH2   1 
ATOM   641  N  N     . ASN B 2 42  ? 23.011  6.358   -15.224 1.00 93.36  ? 42  ASN A N     1 
ATOM   642  C  CA    . ASN B 2 42  ? 24.253  5.843   -15.793 1.00 95.44  ? 42  ASN A CA    1 
ATOM   643  C  C     . ASN B 2 42  ? 24.881  6.905   -16.698 1.00 95.16  ? 42  ASN A C     1 
ATOM   644  O  O     . ASN B 2 42  ? 24.389  8.030   -16.771 1.00 100.26 ? 42  ASN A O     1 
ATOM   645  C  CB    . ASN B 2 42  ? 23.994  4.534   -16.560 1.00 96.84  ? 42  ASN A CB    1 
ATOM   646  C  CG    . ASN B 2 42  ? 23.255  4.744   -17.871 1.00 96.42  ? 42  ASN A CG    1 
ATOM   647  O  OD1   . ASN B 2 42  ? 22.360  5.582   -17.971 1.00 127.52 ? 42  ASN A OD1   1 
ATOM   648  N  ND2   . ASN B 2 42  ? 23.617  3.961   -18.884 1.00 96.94  ? 42  ASN A ND2   1 
ATOM   649  N  N     . SER B 2 43  ? 25.964  6.561   -17.385 1.00 131.48 ? 43  SER A N     1 
ATOM   650  C  CA    . SER B 2 43  ? 26.647  7.531   -18.235 1.00 89.84  ? 43  SER A CA    1 
ATOM   651  C  C     . SER B 2 43  ? 25.759  8.251   -19.260 1.00 131.48 ? 43  SER A C     1 
ATOM   652  O  O     . SER B 2 43  ? 26.162  9.268   -19.823 1.00 92.54  ? 43  SER A O     1 
ATOM   653  C  CB    . SER B 2 43  ? 27.826  6.864   -18.943 1.00 82.17  ? 43  SER A CB    1 
ATOM   654  O  OG    . SER B 2 43  ? 28.859  7.808   -19.160 1.00 91.29  ? 43  SER A OG    1 
ATOM   655  N  N     . GLY B 2 44  ? 24.553  7.738   -19.489 1.00 88.73  ? 44  GLY A N     1 
ATOM   656  C  CA    . GLY B 2 44  ? 23.654  8.362   -20.449 1.00 86.99  ? 44  GLY A CA    1 
ATOM   657  C  C     . GLY B 2 44  ? 22.318  8.782   -19.855 1.00 92.48  ? 44  GLY A C     1 
ATOM   658  O  O     . GLY B 2 44  ? 21.275  8.622   -20.483 1.00 92.31  ? 44  GLY A O     1 
ATOM   659  N  N     . ASN B 2 45  ? 22.364  9.316   -18.637 1.00 95.68  ? 45  ASN A N     1 
ATOM   660  C  CA    . ASN B 2 45  ? 21.190  9.787   -17.898 1.00 90.23  ? 45  ASN A CA    1 
ATOM   661  C  C     . ASN B 2 45  ? 20.093  8.749   -17.683 1.00 91.15  ? 45  ASN A C     1 
ATOM   662  O  O     . ASN B 2 45  ? 19.071  9.041   -17.059 1.00 86.99  ? 45  ASN A O     1 
ATOM   663  C  CB    . ASN B 2 45  ? 20.602  11.031  -18.569 1.00 92.72  ? 45  ASN A CB    1 
ATOM   664  C  CG    . ASN B 2 45  ? 19.621  11.762  -17.674 1.00 88.54  ? 45  ASN A CG    1 
ATOM   665  O  OD1   . ASN B 2 45  ? 19.886  11.987  -16.491 1.00 79.46  ? 45  ASN A OD1   1 
ATOM   666  N  ND2   . ASN B 2 45  ? 18.483  12.146  -18.238 1.00 91.88  ? 45  ASN A ND2   1 
ATOM   667  N  N     . GLN B 2 46  ? 20.307  7.543   -18.199 1.00 88.10  ? 46  GLN A N     1 
ATOM   668  C  CA    . GLN B 2 46  ? 19.342  6.456   -18.042 1.00 86.93  ? 46  GLN A CA    1 
ATOM   669  C  C     . GLN B 2 46  ? 19.378  5.936   -16.601 1.00 88.69  ? 46  GLN A C     1 
ATOM   670  O  O     . GLN B 2 46  ? 20.439  5.870   -15.986 1.00 90.43  ? 46  GLN A O     1 
ATOM   671  C  CB    . GLN B 2 46  ? 19.654  5.319   -19.026 1.00 84.47  ? 46  GLN A CB    1 
ATOM   672  C  CG    . GLN B 2 46  ? 19.063  5.523   -20.413 1.00 81.69  ? 46  GLN A CG    1 
ATOM   673  C  CD    . GLN B 2 46  ? 19.508  4.470   -21.420 1.00 79.19  ? 46  GLN A CD    1 
ATOM   674  O  OE1   . GLN B 2 46  ? 19.568  3.275   -21.111 1.00 73.44  ? 46  GLN A OE1   1 
ATOM   675  N  NE2   . GLN B 2 46  ? 19.806  4.911   -22.641 1.00 86.00  ? 46  GLN A NE2   1 
ATOM   676  N  N     . ARG B 2 47  ? 18.216  5.581   -16.062 1.00 84.98  ? 47  ARG A N     1 
ATOM   677  C  CA    . ARG B 2 47  ? 18.129  5.078   -14.693 1.00 75.36  ? 47  ARG A CA    1 
ATOM   678  C  C     . ARG B 2 47  ? 18.696  3.669   -14.565 1.00 90.72  ? 47  ARG A C     1 
ATOM   679  O  O     . ARG B 2 47  ? 18.649  2.873   -15.504 1.00 75.92  ? 47  ARG A O     1 
ATOM   680  C  CB    . ARG B 2 47  ? 16.674  5.029   -14.225 1.00 65.29  ? 47  ARG A CB    1 
ATOM   681  C  CG    . ARG B 2 47  ? 15.922  6.337   -14.171 1.00 57.53  ? 47  ARG A CG    1 
ATOM   682  C  CD    . ARG B 2 47  ? 14.511  6.049   -13.708 1.00 57.50  ? 47  ARG A CD    1 
ATOM   683  N  NE    . ARG B 2 47  ? 13.694  7.242   -13.536 1.00 60.17  ? 47  ARG A NE    1 
ATOM   684  C  CZ    . ARG B 2 47  ? 13.428  8.111   -14.500 1.00 57.50  ? 47  ARG A CZ    1 
ATOM   685  N  NH1   . ARG B 2 47  ? 13.923  7.924   -15.712 1.00 58.32  ? 47  ARG A NH1   1 
ATOM   686  N  NH2   . ARG B 2 47  ? 12.656  9.159   -14.249 1.00 53.40  ? 47  ARG A NH2   1 
ATOM   687  N  N     . ARG B 2 48  ? 19.220  3.367   -13.383 1.00 70.39  ? 48  ARG A N     1 
ATOM   688  C  CA    . ARG B 2 48  ? 19.761  2.049   -13.079 1.00 69.54  ? 48  ARG A CA    1 
ATOM   689  C  C     . ARG B 2 48  ? 19.340  1.769   -11.644 1.00 72.78  ? 48  ARG A C     1 
ATOM   690  O  O     . ARG B 2 48  ? 19.511  2.617   -10.765 1.00 81.66  ? 48  ARG A O     1 
ATOM   691  C  CB    . ARG B 2 48  ? 21.287  2.039   -13.242 1.00 77.34  ? 48  ARG A CB    1 
ATOM   692  C  CG    . ARG B 2 48  ? 21.742  1.968   -14.710 1.00 72.38  ? 48  ARG A CG    1 
ATOM   693  C  CD    . ARG B 2 48  ? 21.295  0.649   -15.359 1.00 84.10  ? 48  ARG A CD    1 
ATOM   694  N  NE    . ARG B 2 48  ? 20.583  0.816   -16.630 1.00 78.83  ? 48  ARG A NE    1 
ATOM   695  C  CZ    . ARG B 2 48  ? 21.166  1.035   -17.806 1.00 87.61  ? 48  ARG A CZ    1 
ATOM   696  N  NH1   . ARG B 2 48  ? 22.488  1.116   -17.895 1.00 84.16  ? 48  ARG A NH1   1 
ATOM   697  N  NH2   . ARG B 2 48  ? 20.424  1.164   -18.899 1.00 76.00  ? 48  ARG A NH2   1 
ATOM   698  N  N     . TYR B 2 49  ? 18.766  0.590   -11.412 1.00 77.21  ? 49  TYR A N     1 
ATOM   699  C  CA    . TYR B 2 49  ? 18.283  0.250   -10.077 1.00 79.06  ? 49  TYR A CA    1 
ATOM   700  C  C     . TYR B 2 49  ? 19.046  -0.784  -9.277  1.00 83.50  ? 49  TYR A C     1 
ATOM   701  O  O     . TYR B 2 49  ? 19.598  -1.751  -9.807  1.00 82.40  ? 49  TYR A O     1 
ATOM   702  C  CB    . TYR B 2 49  ? 16.818  -0.196  -10.126 1.00 76.85  ? 49  TYR A CB    1 
ATOM   703  C  CG    . TYR B 2 49  ? 15.904  0.746   -10.869 1.00 93.91  ? 49  TYR A CG    1 
ATOM   704  C  CD1   . TYR B 2 49  ? 15.585  0.516   -12.205 1.00 74.78  ? 49  TYR A CD1   1 
ATOM   705  C  CD2   . TYR B 2 49  ? 15.373  1.877   -10.247 1.00 73.36  ? 49  TYR A CD2   1 
ATOM   706  C  CE1   . TYR B 2 49  ? 14.760  1.381   -12.903 1.00 72.82  ? 49  TYR A CE1   1 
ATOM   707  C  CE2   . TYR B 2 49  ? 14.546  2.751   -10.940 1.00 93.24  ? 49  TYR A CE2   1 
ATOM   708  C  CZ    . TYR B 2 49  ? 14.247  2.496   -12.267 1.00 73.12  ? 49  TYR A CZ    1 
ATOM   709  O  OH    . TYR B 2 49  ? 13.445  3.358   -12.967 1.00 76.43  ? 49  TYR A OH    1 
ATOM   710  N  N     . LYS B 2 50  ? 19.018  -0.547  -7.972  1.00 85.74  ? 50  LYS A N     1 
ATOM   711  C  CA    . LYS B 2 50  ? 19.636  -1.375  -6.947  1.00 91.12  ? 50  LYS A CA    1 
ATOM   712  C  C     . LYS B 2 50  ? 18.658  -2.516  -6.646  1.00 91.66  ? 50  LYS A C     1 
ATOM   713  O  O     . LYS B 2 50  ? 17.653  -2.273  -5.991  1.00 107.77 ? 50  LYS A O     1 
ATOM   714  C  CB    . LYS B 2 50  ? 19.780  -0.537  -5.680  1.00 89.74  ? 50  LYS A CB    1 
ATOM   715  C  CG    . LYS B 2 50  ? 21.134  -0.481  -5.030  1.00 97.40  ? 50  LYS A CG    1 
ATOM   716  C  CD    . LYS B 2 50  ? 21.013  0.308   -3.730  1.00 85.79  ? 50  LYS A CD    1 
ATOM   717  C  CE    . LYS B 2 50  ? 22.344  0.483   -3.036  1.00 87.93  ? 50  LYS A CE    1 
ATOM   718  N  NZ    . LYS B 2 50  ? 23.046  -0.816  -2.855  1.00 94.15  ? 50  LYS A NZ    1 
ATOM   719  N  N     . ARG B 2 51  ? 18.938  -3.734  -7.112  1.00 98.02  ? 51  ARG A N     1 
ATOM   720  C  CA    . ARG B 2 51  ? 18.076  -4.910  -6.872  1.00 100.84 ? 51  ARG A CA    1 
ATOM   721  C  C     . ARG B 2 51  ? 17.001  -4.694  -5.805  1.00 94.97  ? 51  ARG A C     1 
ATOM   722  O  O     . ARG B 2 51  ? 15.825  -5.010  -6.006  1.00 95.44  ? 51  ARG A O     1 
ATOM   723  C  CB    . ARG B 2 51  ? 18.935  -6.096  -6.445  1.00 102.41 ? 51  ARG A CB    1 
ATOM   724  C  CG    . ARG B 2 51  ? 19.984  -6.499  -7.452  1.00 119.83 ? 51  ARG A CG    1 
ATOM   725  C  CD    . ARG B 2 51  ? 19.387  -7.416  -8.490  1.00 129.36 ? 51  ARG A CD    1 
ATOM   726  N  NE    . ARG B 2 51  ? 20.373  -7.851  -9.472  1.00 126.29 ? 51  ARG A NE    1 
ATOM   727  C  CZ    . ARG B 2 51  ? 20.175  -8.855  -10.318 1.00 119.56 ? 51  ARG A CZ    1 
ATOM   728  N  NH1   . ARG B 2 51  ? 19.028  -9.524  -10.290 1.00 127.88 ? 51  ARG A NH1   1 
ATOM   729  N  NH2   . ARG B 2 51  ? 21.117  -9.187  -11.191 1.00 123.90 ? 51  ARG A NH2   1 
ATOM   730  N  N     . ASP B 2 52  ? 17.442  -4.180  -4.663  1.00 91.26  ? 52  ASP A N     1 
ATOM   731  C  CA    . ASP B 2 52  ? 16.591  -3.870  -3.524  1.00 89.53  ? 52  ASP A CA    1 
ATOM   732  C  C     . ASP B 2 52  ? 15.226  -3.326  -3.960  1.00 90.89  ? 52  ASP A C     1 
ATOM   733  O  O     . ASP B 2 52  ? 14.206  -3.598  -3.324  1.00 86.06  ? 52  ASP A O     1 
ATOM   734  C  CB    . ASP B 2 52  ? 17.304  -2.831  -2.655  1.00 90.87  ? 52  ASP A CB    1 
ATOM   735  C  CG    . ASP B 2 52  ? 17.152  -3.098  -1.176  1.00 101.49 ? 52  ASP A CG    1 
ATOM   736  O  OD1   . ASP B 2 52  ? 16.684  -4.201  -0.814  1.00 99.96  ? 52  ASP A OD1   1 
ATOM   737  O  OD2   . ASP B 2 52  ? 17.517  -2.207  -0.373  1.00 96.46  ? 52  ASP A OD2   1 
ATOM   738  N  N     . VAL B 2 53  ? 15.215  -2.556  -5.046  1.00 86.39  ? 53  VAL A N     1 
ATOM   739  C  CA    . VAL B 2 53  ? 13.988  -1.964  -5.554  1.00 82.18  ? 53  VAL A CA    1 
ATOM   740  C  C     . VAL B 2 53  ? 12.903  -3.026  -5.696  1.00 81.17  ? 53  VAL A C     1 
ATOM   741  O  O     . VAL B 2 53  ? 11.733  -2.760  -5.418  1.00 89.95  ? 53  VAL A O     1 
ATOM   742  C  CB    . VAL B 2 53  ? 14.232  -1.250  -6.912  1.00 78.33  ? 53  VAL A CB    1 
ATOM   743  C  CG1   . VAL B 2 53  ? 14.230  -2.247  -8.054  1.00 82.13  ? 53  VAL A CG1   1 
ATOM   744  C  CG2   . VAL B 2 53  ? 13.188  -0.177  -7.123  1.00 81.18  ? 53  VAL A CG2   1 
ATOM   745  N  N     . LEU B 2 54  ? 13.289  -4.231  -6.108  1.00 76.75  ? 54  LEU A N     1 
ATOM   746  C  CA    . LEU B 2 54  ? 12.325  -5.311  -6.258  1.00 64.79  ? 54  LEU A CA    1 
ATOM   747  C  C     . LEU B 2 54  ? 11.539  -5.540  -4.975  1.00 70.84  ? 54  LEU A C     1 
ATOM   748  O  O     . LEU B 2 54  ? 10.316  -5.666  -5.005  1.00 71.85  ? 54  LEU A O     1 
ATOM   749  C  CB    . LEU B 2 54  ? 13.034  -6.595  -6.662  1.00 68.12  ? 54  LEU A CB    1 
ATOM   750  C  CG    . LEU B 2 54  ? 13.523  -6.550  -8.105  1.00 74.57  ? 54  LEU A CG    1 
ATOM   751  C  CD1   . LEU B 2 54  ? 14.456  -7.708  -8.390  1.00 79.94  ? 54  LEU A CD1   1 
ATOM   752  C  CD2   . LEU B 2 54  ? 12.315  -6.581  -9.029  1.00 76.01  ? 54  LEU A CD2   1 
ATOM   753  N  N     . ARG B 2 55  ? 12.241  -5.584  -3.846  1.00 78.44  ? 55  ARG A N     1 
ATOM   754  C  CA    . ARG B 2 55  ? 11.595  -5.795  -2.553  1.00 82.58  ? 55  ARG A CA    1 
ATOM   755  C  C     . ARG B 2 55  ? 10.639  -4.663  -2.207  1.00 82.71  ? 55  ARG A C     1 
ATOM   756  O  O     . ARG B 2 55  ? 9.555   -4.900  -1.683  1.00 89.88  ? 55  ARG A O     1 
ATOM   757  C  CB    . ARG B 2 55  ? 12.642  -5.931  -1.442  1.00 82.88  ? 55  ARG A CB    1 
ATOM   758  C  CG    . ARG B 2 55  ? 13.455  -7.217  -1.499  1.00 89.14  ? 55  ARG A CG    1 
ATOM   759  C  CD    . ARG B 2 55  ? 14.457  -7.276  -0.360  1.00 98.84  ? 55  ARG A CD    1 
ATOM   760  N  NE    . ARG B 2 55  ? 13.805  -7.209  0.946   1.00 102.57 ? 55  ARG A NE    1 
ATOM   761  C  CZ    . ARG B 2 55  ? 13.058  -8.180  1.461   1.00 105.01 ? 55  ARG A CZ    1 
ATOM   762  N  NH1   . ARG B 2 55  ? 12.868  -9.304  0.778   1.00 101.49 ? 55  ARG A NH1   1 
ATOM   763  N  NH2   . ARG B 2 55  ? 12.499  -8.028  2.657   1.00 97.46  ? 55  ARG A NH2   1 
ATOM   764  N  N     . TYR B 2 56  ? 11.043  -3.431  -2.490  1.00 80.81  ? 56  TYR A N     1 
ATOM   765  C  CA    . TYR B 2 56  ? 10.197  -2.283  -2.204  1.00 76.87  ? 56  TYR A CA    1 
ATOM   766  C  C     . TYR B 2 56  ? 8.918   -2.343  -2.993  1.00 70.74  ? 56  TYR A C     1 
ATOM   767  O  O     . TYR B 2 56  ? 7.828   -2.287  -2.426  1.00 64.31  ? 56  TYR A O     1 
ATOM   768  C  CB    . TYR B 2 56  ? 10.924  -0.991  -2.539  1.00 85.24  ? 56  TYR A CB    1 
ATOM   769  C  CG    . TYR B 2 56  ? 11.962  -0.662  -1.519  1.00 97.54  ? 56  TYR A CG    1 
ATOM   770  C  CD1   . TYR B 2 56  ? 11.593  -0.222  -0.250  1.00 98.17  ? 56  TYR A CD1   1 
ATOM   771  C  CD2   . TYR B 2 56  ? 13.312  -0.847  -1.793  1.00 98.79  ? 56  TYR A CD2   1 
ATOM   772  C  CE1   . TYR B 2 56  ? 12.548  0.022   0.729   1.00 99.92  ? 56  TYR A CE1   1 
ATOM   773  C  CE2   . TYR B 2 56  ? 14.277  -0.608  -0.824  1.00 103.30 ? 56  TYR A CE2   1 
ATOM   774  C  CZ    . TYR B 2 56  ? 13.891  -0.172  0.437   1.00 106.90 ? 56  TYR A CZ    1 
ATOM   775  O  OH    . TYR B 2 56  ? 14.842  0.071   1.404   1.00 96.90  ? 56  TYR A OH    1 
ATOM   776  N  N     . VAL B 2 57  ? 9.055   -2.456  -4.309  1.00 61.90  ? 57  VAL A N     1 
ATOM   777  C  CA    . VAL B 2 57  ? 7.892   -2.517  -5.168  1.00 64.90  ? 57  VAL A CA    1 
ATOM   778  C  C     . VAL B 2 57  ? 6.957   -3.585  -4.637  1.00 66.43  ? 57  VAL A C     1 
ATOM   779  O  O     . VAL B 2 57  ? 5.760   -3.341  -4.477  1.00 53.61  ? 57  VAL A O     1 
ATOM   780  C  CB    . VAL B 2 57  ? 8.282   -2.827  -6.608  1.00 54.67  ? 57  VAL A CB    1 
ATOM   781  C  CG1   . VAL B 2 57  ? 7.036   -3.002  -7.448  1.00 55.94  ? 57  VAL A CG1   1 
ATOM   782  C  CG2   . VAL B 2 57  ? 9.132   -1.685  -7.161  1.00 60.15  ? 57  VAL A CG2   1 
ATOM   783  N  N     . ALA B 2 58  ? 7.516   -4.760  -4.348  1.00 69.52  ? 58  ALA A N     1 
ATOM   784  C  CA    . ALA B 2 58  ? 6.743   -5.876  -3.800  1.00 65.58  ? 58  ALA A CA    1 
ATOM   785  C  C     . ALA B 2 58  ? 5.971   -5.403  -2.575  1.00 65.14  ? 58  ALA A C     1 
ATOM   786  O  O     . ALA B 2 58  ? 4.796   -5.722  -2.400  1.00 66.30  ? 58  ALA A O     1 
ATOM   787  C  CB    . ALA B 2 58  ? 7.671   -7.018  -3.414  1.00 72.14  ? 58  ALA A CB    1 
ATOM   788  N  N     . ILE B 2 59  ? 6.649   -4.635  -1.731  1.00 57.43  ? 59  ILE A N     1 
ATOM   789  C  CA    . ILE B 2 59  ? 6.050   -4.100  -0.526  1.00 65.63  ? 59  ILE A CA    1 
ATOM   790  C  C     . ILE B 2 59  ? 4.992   -3.064  -0.879  1.00 61.81  ? 59  ILE A C     1 
ATOM   791  O  O     . ILE B 2 59  ? 3.932   -3.007  -0.248  1.00 63.38  ? 59  ILE A O     1 
ATOM   792  C  CB    . ILE B 2 59  ? 7.129   -3.468  0.377   1.00 63.22  ? 59  ILE A CB    1 
ATOM   793  C  CG1   . ILE B 2 59  ? 8.010   -4.576  0.959   1.00 65.28  ? 59  ILE A CG1   1 
ATOM   794  C  CG2   . ILE B 2 59  ? 6.490   -2.654  1.491   1.00 58.39  ? 59  ILE A CG2   1 
ATOM   795  C  CD1   . ILE B 2 59  ? 9.217   -4.067  1.708   1.00 68.34  ? 59  ILE A CD1   1 
ATOM   796  N  N     . ILE B 2 60  ? 5.265   -2.249  -1.891  1.00 60.55  ? 60  ILE A N     1 
ATOM   797  C  CA    . ILE B 2 60  ? 4.294   -1.234  -2.282  1.00 72.70  ? 60  ILE A CA    1 
ATOM   798  C  C     . ILE B 2 60  ? 2.982   -1.917  -2.639  1.00 62.37  ? 60  ILE A C     1 
ATOM   799  O  O     . ILE B 2 60  ? 1.907   -1.461  -2.253  1.00 60.63  ? 60  ILE A O     1 
ATOM   800  C  CB    . ILE B 2 60  ? 4.779   -0.403  -3.486  1.00 62.48  ? 60  ILE A CB    1 
ATOM   801  C  CG1   . ILE B 2 60  ? 5.964   0.466   -3.074  1.00 63.62  ? 60  ILE A CG1   1 
ATOM   802  C  CG2   . ILE B 2 60  ? 3.661   0.496   -3.990  1.00 63.87  ? 60  ILE A CG2   1 
ATOM   803  C  CD1   . ILE B 2 60  ? 6.539   1.265   -4.219  1.00 80.03  ? 60  ILE A CD1   1 
ATOM   804  N  N     . LYS B 2 61  ? 3.076   -3.028  -3.354  1.00 58.58  ? 61  LYS A N     1 
ATOM   805  C  CA    . LYS B 2 61  ? 1.890   -3.765  -3.747  1.00 67.35  ? 61  LYS A CA    1 
ATOM   806  C  C     . LYS B 2 61  ? 1.175   -4.457  -2.597  1.00 63.91  ? 61  LYS A C     1 
ATOM   807  O  O     . LYS B 2 61  ? -0.059  -4.517  -2.565  1.00 69.54  ? 61  LYS A O     1 
ATOM   808  C  CB    . LYS B 2 61  ? 2.258   -4.779  -4.811  1.00 67.30  ? 61  LYS A CB    1 
ATOM   809  C  CG    . LYS B 2 61  ? 2.599   -4.131  -6.130  1.00 76.59  ? 61  LYS A CG    1 
ATOM   810  C  CD    . LYS B 2 61  ? 2.728   -5.175  -7.205  1.00 84.57  ? 61  LYS A CD    1 
ATOM   811  C  CE    . LYS B 2 61  ? 2.760   -4.548  -8.579  1.00 86.25  ? 61  LYS A CE    1 
ATOM   812  N  NZ    . LYS B 2 61  ? 2.814   -5.601  -9.628  1.00 90.97  ? 61  LYS A NZ    1 
ATOM   813  N  N     . ILE B 2 62  ? 1.935   -4.995  -1.653  1.00 68.10  ? 62  ILE A N     1 
ATOM   814  C  CA    . ILE B 2 62  ? 1.290   -5.649  -0.531  1.00 62.12  ? 62  ILE A CA    1 
ATOM   815  C  C     . ILE B 2 62  ? 0.581   -4.538  0.232   1.00 58.40  ? 62  ILE A C     1 
ATOM   816  O  O     . ILE B 2 62  ? -0.557  -4.703  0.653   1.00 56.73  ? 62  ILE A O     1 
ATOM   817  C  CB    . ILE B 2 62  ? 2.305   -6.374  0.385   1.00 55.99  ? 62  ILE A CB    1 
ATOM   818  C  CG1   . ILE B 2 62  ? 3.021   -7.472  -0.401  1.00 63.32  ? 62  ILE A CG1   1 
ATOM   819  C  CG2   . ILE B 2 62  ? 1.587   -6.991  1.567   1.00 57.27  ? 62  ILE A CG2   1 
ATOM   820  C  CD1   . ILE B 2 62  ? 4.169   -8.093  0.338   1.00 45.70  ? 62  ILE A CD1   1 
ATOM   821  N  N     . ALA B 2 63  ? 1.243   -3.393  0.377   1.00 61.78  ? 63  ALA A N     1 
ATOM   822  C  CA    . ALA B 2 63  ? 0.642   -2.266  1.081   1.00 63.07  ? 63  ALA A CA    1 
ATOM   823  C  C     . ALA B 2 63  ? -0.655  -1.836  0.407   1.00 65.12  ? 63  ALA A C     1 
ATOM   824  O  O     . ALA B 2 63  ? -1.622  -1.474  1.083   1.00 59.31  ? 63  ALA A O     1 
ATOM   825  C  CB    . ALA B 2 63  ? 1.610   -1.092  1.135   1.00 66.89  ? 63  ALA A CB    1 
ATOM   826  N  N     . GLN B 2 64  ? -0.668  -1.863  -0.924  1.00 56.82  ? 64  GLN A N     1 
ATOM   827  C  CA    . GLN B 2 64  ? -1.854  -1.486  -1.678  1.00 54.74  ? 64  GLN A CA    1 
ATOM   828  C  C     . GLN B 2 64  ? -2.961  -2.477  -1.380  1.00 67.27  ? 64  GLN A C     1 
ATOM   829  O  O     . GLN B 2 64  ? -4.095  -2.075  -1.118  1.00 63.18  ? 64  GLN A O     1 
ATOM   830  C  CB    . GLN B 2 64  ? -1.570  -1.494  -3.175  1.00 55.72  ? 64  GLN A CB    1 
ATOM   831  C  CG    . GLN B 2 64  ? -0.406  -0.626  -3.585  1.00 70.65  ? 64  GLN A CG    1 
ATOM   832  C  CD    . GLN B 2 64  ? -0.823  0.573   -4.404  1.00 62.73  ? 64  GLN A CD    1 
ATOM   833  O  OE1   . GLN B 2 64  ? -1.475  1.499   -3.898  1.00 55.58  ? 64  GLN A OE1   1 
ATOM   834  N  NE2   . GLN B 2 64  ? -0.451  0.565   -5.686  1.00 52.37  ? 64  GLN A NE2   1 
ATOM   835  N  N     . ARG B 2 65  ? -2.639  -3.772  -1.434  1.00 55.08  ? 65  ARG A N     1 
ATOM   836  C  CA    . ARG B 2 65  ? -3.635  -4.805  -1.146  1.00 62.65  ? 65  ARG A CA    1 
ATOM   837  C  C     . ARG B 2 65  ? -4.268  -4.517  0.220   1.00 59.06  ? 65  ARG A C     1 
ATOM   838  O  O     . ARG B 2 65  ? -5.482  -4.608  0.384   1.00 64.40  ? 65  ARG A O     1 
ATOM   839  C  CB    . ARG B 2 65  ? -2.997  -6.201  -1.145  1.00 71.35  ? 65  ARG A CB    1 
ATOM   840  C  CG    . ARG B 2 65  ? -3.195  -6.996  -2.439  1.00 75.75  ? 65  ARG A CG    1 
ATOM   841  C  CD    . ARG B 2 65  ? -2.550  -8.386  -2.349  1.00 82.27  ? 65  ARG A CD    1 
ATOM   842  N  NE    . ARG B 2 65  ? -3.220  -9.266  -1.389  1.00 91.25  ? 65  ARG A NE    1 
ATOM   843  C  CZ    . ARG B 2 65  ? -2.695  -10.388 -0.900  1.00 90.81  ? 65  ARG A CZ    1 
ATOM   844  N  NH1   . ARG B 2 65  ? -1.483  -10.775 -1.275  1.00 96.37  ? 65  ARG A NH1   1 
ATOM   845  N  NH2   . ARG B 2 65  ? -3.377  -11.121 -0.028  1.00 101.06 ? 65  ARG A NH2   1 
ATOM   846  N  N     . ILE B 2 66  ? -3.436  -4.154  1.192   1.00 63.52  ? 66  ILE A N     1 
ATOM   847  C  CA    . ILE B 2 66  ? -3.910  -3.832  2.536   1.00 63.41  ? 66  ILE A CA    1 
ATOM   848  C  C     . ILE B 2 66  ? -4.889  -2.658  2.461   1.00 69.60  ? 66  ILE A C     1 
ATOM   849  O  O     . ILE B 2 66  ? -5.684  -2.440  3.380   1.00 76.37  ? 66  ILE A O     1 
ATOM   850  C  CB    . ILE B 2 66  ? -2.749  -3.405  3.461   1.00 66.40  ? 66  ILE A CB    1 
ATOM   851  C  CG1   . ILE B 2 66  ? -1.578  -4.385  3.340   1.00 60.41  ? 66  ILE A CG1   1 
ATOM   852  C  CG2   . ILE B 2 66  ? -3.243  -3.313  4.897   1.00 73.12  ? 66  ILE A CG2   1 
ATOM   853  C  CD1   . ILE B 2 66  ? -1.844  -5.777  3.881   1.00 64.20  ? 66  ILE A CD1   1 
ATOM   854  N  N     . GLY B 2 67  ? -4.804  -1.892  1.371   1.00 76.11  ? 67  GLY A N     1 
ATOM   855  C  CA    . GLY B 2 67  ? -5.682  -0.748  1.178   1.00 74.29  ? 67  GLY A CA    1 
ATOM   856  C  C     . GLY B 2 67  ? -5.034  0.566   1.571   1.00 76.32  ? 67  GLY A C     1 
ATOM   857  O  O     . GLY B 2 67  ? -5.713  1.566   1.817   1.00 84.96  ? 67  GLY A O     1 
ATOM   858  N  N     . ILE B 2 68  ? -3.706  0.557   1.618   1.00 76.48  ? 68  ILE A N     1 
ATOM   859  C  CA    . ILE B 2 68  ? -2.933  1.731   1.998   1.00 77.15  ? 68  ILE A CA    1 
ATOM   860  C  C     . ILE B 2 68  ? -2.558  2.625   0.813   1.00 76.54  ? 68  ILE A C     1 
ATOM   861  O  O     . ILE B 2 68  ? -2.119  2.138   -0.232  1.00 80.68  ? 68  ILE A O     1 
ATOM   862  C  CB    . ILE B 2 68  ? -1.664  1.292   2.741   1.00 77.21  ? 68  ILE A CB    1 
ATOM   863  C  CG1   . ILE B 2 68  ? -2.073  0.450   3.955   1.00 71.02  ? 68  ILE A CG1   1 
ATOM   864  C  CG2   . ILE B 2 68  ? -0.854  2.513   3.163   1.00 74.03  ? 68  ILE A CG2   1 
ATOM   865  C  CD1   . ILE B 2 68  ? -0.966  -0.315  4.576   1.00 66.15  ? 68  ILE A CD1   1 
ATOM   866  N  N     . PRO B 2 69  ? -2.733  3.955   0.968   1.00 75.60  ? 69  PRO A N     1 
ATOM   867  C  CA    . PRO B 2 69  ? -2.420  4.942   -0.073  1.00 73.89  ? 69  PRO A CA    1 
ATOM   868  C  C     . PRO B 2 69  ? -0.924  5.196   -0.258  1.00 71.78  ? 69  PRO A C     1 
ATOM   869  O  O     . PRO B 2 69  ? -0.160  5.204   0.704   1.00 68.92  ? 69  PRO A O     1 
ATOM   870  C  CB    . PRO B 2 69  ? -3.153  6.189   0.412   1.00 73.09  ? 69  PRO A CB    1 
ATOM   871  C  CG    . PRO B 2 69  ? -3.008  6.085   1.892   1.00 68.33  ? 69  PRO A CG    1 
ATOM   872  C  CD    . PRO B 2 69  ? -3.342  4.620   2.136   1.00 71.36  ? 69  PRO A CD    1 
ATOM   873  N  N     . LEU B 2 70  ? -0.515  5.410   -1.502  1.00 82.98  ? 70  LEU A N     1 
ATOM   874  C  CA    . LEU B 2 70  ? 0.883   5.662   -1.807  1.00 61.89  ? 70  LEU A CA    1 
ATOM   875  C  C     . LEU B 2 70  ? 1.517   6.693   -0.875  1.00 61.68  ? 70  LEU A C     1 
ATOM   876  O  O     . LEU B 2 70  ? 2.580   6.445   -0.309  1.00 65.72  ? 70  LEU A O     1 
ATOM   877  C  CB    . LEU B 2 70  ? 1.026   6.118   -3.262  1.00 58.11  ? 70  LEU A CB    1 
ATOM   878  C  CG    . LEU B 2 70  ? 0.642   5.095   -4.335  1.00 55.10  ? 70  LEU A CG    1 
ATOM   879  C  CD1   . LEU B 2 70  ? 0.942   5.667   -5.700  1.00 64.51  ? 70  LEU A CD1   1 
ATOM   880  C  CD2   . LEU B 2 70  ? 1.419   3.808   -4.137  1.00 57.26  ? 70  LEU A CD2   1 
ATOM   881  N  N     . ALA B 2 71  ? 0.874   7.845   -0.716  1.00 70.25  ? 71  ALA A N     1 
ATOM   882  C  CA    . ALA B 2 71  ? 1.407   8.895   0.152   1.00 76.73  ? 71  ALA A CA    1 
ATOM   883  C  C     . ALA B 2 71  ? 1.785   8.316   1.508   1.00 80.00  ? 71  ALA A C     1 
ATOM   884  O  O     . ALA B 2 71  ? 2.872   8.570   2.025   1.00 76.50  ? 71  ALA A O     1 
ATOM   885  C  CB    . ALA B 2 71  ? 0.381   9.999   0.330   1.00 82.79  ? 71  ALA A CB    1 
ATOM   886  N  N     . THR B 2 72  ? 0.868   7.537   2.075   1.00 77.74  ? 72  THR A N     1 
ATOM   887  C  CA    . THR B 2 72  ? 1.071   6.887   3.362   1.00 72.66  ? 72  THR A CA    1 
ATOM   888  C  C     . THR B 2 72  ? 2.197   5.860   3.290   1.00 71.36  ? 72  THR A C     1 
ATOM   889  O  O     . THR B 2 72  ? 2.942   5.679   4.247   1.00 74.84  ? 72  THR A O     1 
ATOM   890  C  CB    . THR B 2 72  ? -0.216  6.177   3.818   1.00 71.79  ? 72  THR A CB    1 
ATOM   891  O  OG1   . THR B 2 72  ? -1.141  7.149   4.319   1.00 69.01  ? 72  THR A OG1   1 
ATOM   892  C  CG2   . THR B 2 72  ? 0.085   5.142   4.887   1.00 72.05  ? 72  THR A CG2   1 
ATOM   893  N  N     . ILE B 2 73  ? 2.317   5.173   2.162   1.00 64.21  ? 73  ILE A N     1 
ATOM   894  C  CA    . ILE B 2 73  ? 3.373   4.185   2.019   1.00 69.10  ? 73  ILE A CA    1 
ATOM   895  C  C     . ILE B 2 73  ? 4.722   4.898   2.004   1.00 69.68  ? 73  ILE A C     1 
ATOM   896  O  O     . ILE B 2 73  ? 5.736   4.326   2.398   1.00 77.86  ? 73  ILE A O     1 
ATOM   897  C  CB    . ILE B 2 73  ? 3.198   3.349   0.732   1.00 60.98  ? 73  ILE A CB    1 
ATOM   898  C  CG1   . ILE B 2 73  ? 1.953   2.468   0.859   1.00 58.60  ? 73  ILE A CG1   1 
ATOM   899  C  CG2   . ILE B 2 73  ? 4.431   2.489   0.497   1.00 63.58  ? 73  ILE A CG2   1 
ATOM   900  C  CD1   . ILE B 2 73  ? 1.661   1.641   -0.368  1.00 56.34  ? 73  ILE A CD1   1 
ATOM   901  N  N     . GLY B 2 74  ? 4.730   6.146   1.545   1.00 68.11  ? 74  GLY A N     1 
ATOM   902  C  CA    . GLY B 2 74  ? 5.964   6.911   1.533   1.00 71.86  ? 74  GLY A CA    1 
ATOM   903  C  C     . GLY B 2 74  ? 6.155   7.436   2.941   1.00 80.65  ? 74  GLY A C     1 
ATOM   904  O  O     . GLY B 2 74  ? 7.263   7.455   3.476   1.00 77.70  ? 74  GLY A O     1 
ATOM   905  N  N     . GLU B 2 75  ? 5.041   7.847   3.539   1.00 94.84  ? 75  GLU A N     1 
ATOM   906  C  CA    . GLU B 2 75  ? 5.008   8.370   4.900   1.00 99.74  ? 75  GLU A CA    1 
ATOM   907  C  C     . GLU B 2 75  ? 5.540   7.334   5.879   1.00 101.48 ? 75  GLU A C     1 
ATOM   908  O  O     . GLU B 2 75  ? 5.905   7.665   7.003   1.00 110.31 ? 75  GLU A O     1 
ATOM   909  C  CB    . GLU B 2 75  ? 3.571   8.727   5.286   1.00 105.00 ? 75  GLU A CB    1 
ATOM   910  C  CG    . GLU B 2 75  ? 3.326   10.202  5.527   1.00 113.87 ? 75  GLU A CG    1 
ATOM   911  C  CD    . GLU B 2 75  ? 1.847   10.524  5.655   1.00 129.16 ? 75  GLU A CD    1 
ATOM   912  O  OE1   . GLU B 2 75  ? 1.416   11.558  5.098   1.00 123.62 ? 75  GLU A OE1   1 
ATOM   913  O  OE2   . GLU B 2 75  ? 1.117   9.751   6.314   1.00 127.00 ? 75  GLU A OE2   1 
ATOM   914  N  N     . ALA B 2 76  ? 5.568   6.078   5.451   1.00 102.29 ? 76  ALA A N     1 
ATOM   915  C  CA    . ALA B 2 76  ? 6.053   4.987   6.289   1.00 99.71  ? 76  ALA A CA    1 
ATOM   916  C  C     . ALA B 2 76  ? 7.485   4.626   5.915   1.00 102.94 ? 76  ALA A C     1 
ATOM   917  O  O     . ALA B 2 76  ? 8.239   4.088   6.723   1.00 88.21  ? 76  ALA A O     1 
ATOM   918  C  CB    . ALA B 2 76  ? 5.145   3.762   6.131   1.00 99.08  ? 76  ALA A CB    1 
ATOM   919  N  N     . PHE B 2 77  ? 7.852   4.936   4.678   1.00 99.75  ? 77  PHE A N     1 
ATOM   920  C  CA    . PHE B 2 77  ? 9.182   4.640   4.166   1.00 102.96 ? 77  PHE A CA    1 
ATOM   921  C  C     . PHE B 2 77  ? 10.273  5.607   4.635   1.00 105.47 ? 77  PHE A C     1 
ATOM   922  O  O     . PHE B 2 77  ? 11.461  5.324   4.476   1.00 112.81 ? 77  PHE A O     1 
ATOM   923  C  CB    . PHE B 2 77  ? 9.147   4.609   2.630   1.00 102.82 ? 77  PHE A CB    1 
ATOM   924  C  CG    . PHE B 2 77  ? 8.735   3.276   2.041   1.00 91.74  ? 77  PHE A CG    1 
ATOM   925  C  CD1   . PHE B 2 77  ? 8.229   2.255   2.843   1.00 89.32  ? 77  PHE A CD1   1 
ATOM   926  C  CD2   . PHE B 2 77  ? 8.869   3.040   0.674   1.00 87.72  ? 77  PHE A CD2   1 
ATOM   927  C  CE1   . PHE B 2 77  ? 7.867   1.018   2.289   1.00 96.55  ? 77  PHE A CE1   1 
ATOM   928  C  CE2   . PHE B 2 77  ? 8.510   1.809   0.115   1.00 81.40  ? 77  PHE A CE2   1 
ATOM   929  C  CZ    . PHE B 2 77  ? 8.010   0.800   0.924   1.00 78.65  ? 77  PHE A CZ    1 
ATOM   930  N  N     . GLY B 2 78  ? 9.886   6.735   5.223   1.00 106.90 ? 78  GLY A N     1 
ATOM   931  C  CA    . GLY B 2 78  ? 10.889  7.688   5.665   1.00 107.85 ? 78  GLY A CA    1 
ATOM   932  C  C     . GLY B 2 78  ? 11.352  8.514   4.478   1.00 113.38 ? 78  GLY A C     1 
ATOM   933  O  O     . GLY B 2 78  ? 10.607  9.366   4.001   1.00 127.05 ? 78  GLY A O     1 
ATOM   934  N  N     . VAL B 2 79  ? 12.569  8.276   3.990   1.00 115.40 ? 79  VAL A N     1 
ATOM   935  C  CA    . VAL B 2 79  ? 13.080  9.025   2.839   1.00 116.36 ? 79  VAL A CA    1 
ATOM   936  C  C     . VAL B 2 79  ? 13.928  8.141   1.925   1.00 116.09 ? 79  VAL A C     1 
ATOM   937  O  O     . VAL B 2 79  ? 15.147  8.046   2.083   1.00 115.28 ? 79  VAL A O     1 
ATOM   938  C  CB    . VAL B 2 79  ? 13.929  10.243  3.283   1.00 116.05 ? 79  VAL A CB    1 
ATOM   939  C  CG1   . VAL B 2 79  ? 14.347  11.052  2.066   1.00 119.86 ? 79  VAL A CG1   1 
ATOM   940  C  CG2   . VAL B 2 79  ? 13.136  11.115  4.245   1.00 115.94 ? 79  VAL A CG2   1 
ATOM   941  N  N     . THR B 2 85  ? 19.244  -0.487  1.585   1.00 117.96 ? 85  THR A N     1 
ATOM   942  C  CA    . THR B 2 85  ? 19.097  0.107   2.908   1.00 111.00 ? 85  THR A CA    1 
ATOM   943  C  C     . THR B 2 85  ? 17.822  -0.359  3.611   1.00 114.96 ? 85  THR A C     1 
ATOM   944  O  O     . THR B 2 85  ? 17.253  0.389   4.415   1.00 120.55 ? 85  THR A O     1 
ATOM   945  C  CB    . THR B 2 85  ? 19.107  1.636   2.800   1.00 104.81 ? 85  THR A CB    1 
ATOM   946  N  N     . LEU B 2 86  ? 17.366  -1.577  3.306   1.00 114.63 ? 86  LEU A N     1 
ATOM   947  C  CA    . LEU B 2 86  ? 16.161  -2.126  3.946   1.00 116.37 ? 86  LEU A CA    1 
ATOM   948  C  C     . LEU B 2 86  ? 16.542  -3.212  4.947   1.00 115.90 ? 86  LEU A C     1 
ATOM   949  O  O     . LEU B 2 86  ? 17.047  -4.273  4.570   1.00 119.43 ? 86  LEU A O     1 
ATOM   950  C  CB    . LEU B 2 86  ? 15.189  -2.721  2.920   1.00 110.90 ? 86  LEU A CB    1 
ATOM   951  C  CG    . LEU B 2 86  ? 13.872  -3.181  3.574   1.00 110.27 ? 86  LEU A CG    1 
ATOM   952  C  CD1   . LEU B 2 86  ? 13.024  -1.968  3.956   1.00 95.91  ? 86  LEU A CD1   1 
ATOM   953  C  CD2   . LEU B 2 86  ? 13.107  -4.077  2.624   1.00 107.43 ? 86  LEU A CD2   1 
ATOM   954  N  N     . SER B 2 87  ? 16.266  -2.945  6.222   1.00 114.34 ? 87  SER A N     1 
ATOM   955  C  CA    . SER B 2 87  ? 16.604  -3.853  7.313   1.00 111.19 ? 87  SER A CA    1 
ATOM   956  C  C     . SER B 2 87  ? 15.578  -4.922  7.664   1.00 107.26 ? 87  SER A C     1 
ATOM   957  O  O     . SER B 2 87  ? 14.556  -5.087  6.994   1.00 102.09 ? 87  SER A O     1 
ATOM   958  C  CB    . SER B 2 87  ? 16.897  -3.039  8.576   1.00 111.23 ? 87  SER A CB    1 
ATOM   959  O  OG    . SER B 2 87  ? 15.756  -2.294  8.970   1.00 108.90 ? 87  SER A OG    1 
ATOM   960  N  N     . ALA B 2 88  ? 15.887  -5.648  8.734   1.00 104.56 ? 88  ALA A N     1 
ATOM   961  C  CA    . ALA B 2 88  ? 15.026  -6.697  9.257   1.00 110.05 ? 88  ALA A CA    1 
ATOM   962  C  C     . ALA B 2 88  ? 14.034  -5.988  10.166  1.00 104.27 ? 88  ALA A C     1 
ATOM   963  O  O     . ALA B 2 88  ? 12.853  -6.344  10.230  1.00 110.33 ? 88  ALA A O     1 
ATOM   964  C  CB    . ALA B 2 88  ? 15.846  -7.699  10.058  1.00 104.81 ? 88  ALA A CB    1 
ATOM   965  N  N     . LYS B 2 89  ? 14.534  -4.974  10.866  1.00 104.45 ? 89  LYS A N     1 
ATOM   966  C  CA    . LYS B 2 89  ? 13.712  -4.184  11.770  1.00 88.40  ? 89  LYS A CA    1 
ATOM   967  C  C     . LYS B 2 89  ? 12.665  -3.425  10.963  1.00 87.01  ? 89  LYS A C     1 
ATOM   968  O  O     . LYS B 2 89  ? 11.483  -3.420  11.311  1.00 97.88  ? 89  LYS A O     1 
ATOM   969  C  CB    . LYS B 2 89  ? 14.581  -3.202  12.553  1.00 71.12  ? 89  LYS A CB    1 
ATOM   970  N  N     . GLU B 2 90  ? 13.109  -2.784  9.884   1.00 94.02  ? 90  GLU A N     1 
ATOM   971  C  CA    . GLU B 2 90  ? 12.216  -2.020  9.018   1.00 85.78  ? 90  GLU A CA    1 
ATOM   972  C  C     . GLU B 2 90  ? 11.010  -2.876  8.660   1.00 89.83  ? 90  GLU A C     1 
ATOM   973  O  O     . GLU B 2 90  ? 9.869   -2.514  8.948   1.00 75.96  ? 90  GLU A O     1 
ATOM   974  C  CB    . GLU B 2 90  ? 12.954  -1.588  7.755   1.00 93.51  ? 90  GLU A CB    1 
ATOM   975  N  N     . TRP B 2 91  ? 11.270  -4.018  8.034   1.00 76.30  ? 91  TRP A N     1 
ATOM   976  C  CA    . TRP B 2 91  ? 10.201  -4.926  7.654   1.00 82.17  ? 91  TRP A CA    1 
ATOM   977  C  C     . TRP B 2 91  ? 9.213   -5.171  8.794   1.00 83.66  ? 91  TRP A C     1 
ATOM   978  O  O     . TRP B 2 91  ? 7.996   -5.160  8.593   1.00 81.92  ? 91  TRP A O     1 
ATOM   979  C  CB    . TRP B 2 91  ? 10.782  -6.257  7.203   1.00 80.34  ? 91  TRP A CB    1 
ATOM   980  C  CG    . TRP B 2 91  ? 9.746   -7.318  7.100   1.00 92.64  ? 91  TRP A CG    1 
ATOM   981  C  CD1   . TRP B 2 91  ? 9.584   -8.391  7.929   1.00 99.08  ? 91  TRP A CD1   1 
ATOM   982  C  CD2   . TRP B 2 91  ? 8.693   -7.392  6.144   1.00 100.34 ? 91  TRP A CD2   1 
ATOM   983  N  NE1   . TRP B 2 91  ? 8.490   -9.129  7.547   1.00 100.57 ? 91  TRP A NE1   1 
ATOM   984  C  CE2   . TRP B 2 91  ? 7.915   -8.530  6.439   1.00 101.20 ? 91  TRP A CE2   1 
ATOM   985  C  CE3   . TRP B 2 91  ? 8.313   -6.597  5.046   1.00 91.16  ? 91  TRP A CE3   1 
ATOM   986  C  CZ2   . TRP B 2 91  ? 6.797   -8.907  5.701   1.00 100.95 ? 91  TRP A CZ2   1 
ATOM   987  C  CZ3   . TRP B 2 91  ? 7.197   -6.964  4.305   1.00 89.48  ? 91  TRP A CZ3   1 
ATOM   988  C  CH2   . TRP B 2 91  ? 6.454   -8.109  4.636   1.00 98.79  ? 91  TRP A CH2   1 
ATOM   989  N  N     . LYS B 2 92  ? 9.740   -5.405  9.991   1.00 87.93  ? 92  LYS A N     1 
ATOM   990  C  CA    . LYS B 2 92  ? 8.894   -5.644  11.154  1.00 83.67  ? 92  LYS A CA    1 
ATOM   991  C  C     . LYS B 2 92  ? 8.115   -4.376  11.506  1.00 80.99  ? 92  LYS A C     1 
ATOM   992  O  O     . LYS B 2 92  ? 6.989   -4.449  12.002  1.00 85.98  ? 92  LYS A O     1 
ATOM   993  C  CB    . LYS B 2 92  ? 9.749   -6.085  12.342  1.00 84.88  ? 92  LYS A CB    1 
ATOM   994  N  N     . GLN B 2 93  ? 8.724   -3.220  11.251  1.00 78.49  ? 93  GLN A N     1 
ATOM   995  C  CA    . GLN B 2 93  ? 8.096   -1.936  11.533  1.00 75.64  ? 93  GLN A CA    1 
ATOM   996  C  C     . GLN B 2 93  ? 6.914   -1.771  10.591  1.00 85.40  ? 93  GLN A C     1 
ATOM   997  O  O     . GLN B 2 93  ? 5.804   -1.438  11.014  1.00 75.22  ? 93  GLN A O     1 
ATOM   998  C  CB    . GLN B 2 93  ? 9.101   -0.801  11.330  1.00 70.71  ? 93  GLN A CB    1 
ATOM   999  N  N     . LEU B 2 94  ? 7.157   -2.017  9.309   1.00 67.97  ? 94  LEU A N     1 
ATOM   1000 C  CA    . LEU B 2 94  ? 6.110   -1.898  8.309   1.00 65.12  ? 94  LEU A CA    1 
ATOM   1001 C  C     . LEU B 2 94  ? 5.038   -2.966  8.495   1.00 84.16  ? 94  LEU A C     1 
ATOM   1002 O  O     . LEU B 2 94  ? 3.910   -2.648  8.866   1.00 72.37  ? 94  LEU A O     1 
ATOM   1003 C  CB    . LEU B 2 94  ? 6.712   -1.977  6.902   1.00 82.92  ? 94  LEU A CB    1 
ATOM   1004 C  CG    . LEU B 2 94  ? 7.711   -0.855  6.568   1.00 66.10  ? 94  LEU A CG    1 
ATOM   1005 C  CD1   . LEU B 2 94  ? 8.510   -1.238  5.345   1.00 68.16  ? 94  LEU A CD1   1 
ATOM   1006 C  CD2   . LEU B 2 94  ? 6.993   0.474   6.351   1.00 66.76  ? 94  LEU A CD2   1 
ATOM   1007 N  N     . SER B 2 95  ? 5.387   -4.228  8.260   1.00 70.73  ? 95  SER A N     1 
ATOM   1008 C  CA    . SER B 2 95  ? 4.434   -5.332  8.397   1.00 78.84  ? 95  SER A CA    1 
ATOM   1009 C  C     . SER B 2 95  ? 3.450   -5.156  9.563   1.00 72.80  ? 95  SER A C     1 
ATOM   1010 O  O     . SER B 2 95  ? 2.241   -5.242  9.369   1.00 73.84  ? 95  SER A O     1 
ATOM   1011 C  CB    . SER B 2 95  ? 5.178   -6.663  8.552   1.00 94.26  ? 95  SER A CB    1 
ATOM   1012 O  OG    . SER B 2 95  ? 5.635   -6.845  9.884   1.00 98.90  ? 95  SER A OG    1 
ATOM   1013 N  N     . SER B 2 96  ? 3.962   -4.909  10.766  1.00 91.80  ? 96  SER A N     1 
ATOM   1014 C  CA    . SER B 2 96  ? 3.100   -4.726  11.932  1.00 86.56  ? 96  SER A CA    1 
ATOM   1015 C  C     . SER B 2 96  ? 2.191   -3.517  11.718  1.00 94.24  ? 96  SER A C     1 
ATOM   1016 O  O     . SER B 2 96  ? 0.966   -3.615  11.817  1.00 82.20  ? 96  SER A O     1 
ATOM   1017 C  CB    . SER B 2 96  ? 3.943   -4.511  13.191  1.00 90.82  ? 96  SER A CB    1 
ATOM   1018 O  OG    . SER B 2 96  ? 4.604   -3.258  13.151  1.00 93.49  ? 96  SER A OG    1 
ATOM   1019 N  N     . GLN B 2 97  ? 2.810   -2.379  11.424  1.00 90.75  ? 97  GLN A N     1 
ATOM   1020 C  CA    . GLN B 2 97  ? 2.089   -1.139  11.176  1.00 100.11 ? 97  GLN A CA    1 
ATOM   1021 C  C     . GLN B 2 97  ? 0.952   -1.344  10.175  1.00 98.31  ? 97  GLN A C     1 
ATOM   1022 O  O     . GLN B 2 97  ? -0.008  -0.576  10.146  1.00 103.03 ? 97  GLN A O     1 
ATOM   1023 C  CB    . GLN B 2 97  ? 3.062   -0.079  10.653  1.00 103.00 ? 97  GLN A CB    1 
ATOM   1024 C  CG    . GLN B 2 97  ? 2.406   1.171   10.085  1.00 121.62 ? 97  GLN A CG    1 
ATOM   1025 C  CD    . GLN B 2 97  ? 3.423   2.148   9.526   1.00 131.18 ? 97  GLN A CD    1 
ATOM   1026 O  OE1   . GLN B 2 97  ? 4.551   1.767   9.202   1.00 128.99 ? 97  GLN A OE1   1 
ATOM   1027 N  NE2   . GLN B 2 97  ? 3.026   3.413   9.396   1.00 113.35 ? 97  GLN A NE2   1 
ATOM   1028 N  N     . TRP B 2 98  ? 1.056   -2.382  9.356   1.00 90.57  ? 98  TRP A N     1 
ATOM   1029 C  CA    . TRP B 2 98  ? 0.018   -2.651  8.380   1.00 95.59  ? 98  TRP A CA    1 
ATOM   1030 C  C     . TRP B 2 98  ? -0.937  -3.712  8.868   1.00 87.91  ? 98  TRP A C     1 
ATOM   1031 O  O     . TRP B 2 98  ? -2.133  -3.636  8.620   1.00 96.94  ? 98  TRP A O     1 
ATOM   1032 C  CB    . TRP B 2 98  ? 0.643   -3.050  7.050   1.00 93.01  ? 98  TRP A CB    1 
ATOM   1033 C  CG    . TRP B 2 98  ? 1.415   -1.921  6.451   1.00 97.41  ? 98  TRP A CG    1 
ATOM   1034 C  CD1   . TRP B 2 98  ? 1.398   -0.609  6.851   1.00 95.31  ? 98  TRP A CD1   1 
ATOM   1035 C  CD2   . TRP B 2 98  ? 2.300   -1.986  5.336   1.00 94.15  ? 98  TRP A CD2   1 
ATOM   1036 N  NE1   . TRP B 2 98  ? 2.223   0.143   6.053   1.00 87.33  ? 98  TRP A NE1   1 
ATOM   1037 C  CE2   . TRP B 2 98  ? 2.799   -0.681  5.112   1.00 86.18  ? 98  TRP A CE2   1 
ATOM   1038 C  CE3   . TRP B 2 98  ? 2.739   -3.026  4.503   1.00 95.18  ? 98  TRP A CE3   1 
ATOM   1039 C  CZ2   . TRP B 2 98  ? 3.694   -0.378  4.091   1.00 87.85  ? 98  TRP A CZ2   1 
ATOM   1040 C  CZ3   . TRP B 2 98  ? 3.632   -2.732  3.483   1.00 101.19 ? 98  TRP A CZ3   1 
ATOM   1041 C  CH2   . TRP B 2 98  ? 4.105   -1.416  3.289   1.00 107.92 ? 98  TRP A CH2   1 
ATOM   1042 N  N     . ARG B 2 99  ? -0.403  -4.707  9.564   1.00 94.35  ? 99  ARG A N     1 
ATOM   1043 C  CA    . ARG B 2 99  ? -1.226  -5.770  10.117  1.00 93.45  ? 99  ARG A CA    1 
ATOM   1044 C  C     . ARG B 2 99  ? -2.222  -5.114  11.061  1.00 97.04  ? 99  ARG A C     1 
ATOM   1045 O  O     . ARG B 2 99  ? -3.296  -5.650  11.320  1.00 99.65  ? 99  ARG A O     1 
ATOM   1046 C  CB    . ARG B 2 99  ? -0.342  -6.768  10.873  1.00 99.66  ? 99  ARG A CB    1 
ATOM   1047 C  CG    . ARG B 2 99  ? -0.905  -7.276  12.190  1.00 95.05  ? 99  ARG A CG    1 
ATOM   1048 C  CD    . ARG B 2 99  ? -1.898  -8.402  12.006  1.00 106.00 ? 99  ARG A CD    1 
ATOM   1049 N  NE    . ARG B 2 99  ? -2.728  -8.543  13.199  1.00 115.83 ? 99  ARG A NE    1 
ATOM   1050 C  CZ    . ARG B 2 99  ? -3.632  -9.499  13.388  1.00 114.04 ? 99  ARG A CZ    1 
ATOM   1051 N  NH1   . ARG B 2 99  ? -3.830  -10.424 12.461  1.00 106.42 ? 99  ARG A NH1   1 
ATOM   1052 N  NH2   . ARG B 2 99  ? -4.346  -9.523  14.505  1.00 116.17 ? 99  ARG A NH2   1 
ATOM   1053 N  N     . GLU B 2 100 ? -1.867  -3.937  11.562  1.00 96.80  ? 100 GLU A N     1 
ATOM   1054 C  CA    . GLU B 2 100 ? -2.743  -3.218  12.473  1.00 105.50 ? 100 GLU A CA    1 
ATOM   1055 C  C     . GLU B 2 100 ? -3.915  -2.584  11.738  1.00 104.66 ? 100 GLU A C     1 
ATOM   1056 O  O     . GLU B 2 100 ? -5.066  -2.819  12.088  1.00 103.76 ? 100 GLU A O     1 
ATOM   1057 C  CB    . GLU B 2 100 ? -1.972  -2.137  13.227  1.00 108.60 ? 100 GLU A CB    1 
ATOM   1058 C  CG    . GLU B 2 100 ? -2.360  -2.076  14.676  1.00 119.37 ? 100 GLU A CG    1 
ATOM   1059 C  CD    . GLU B 2 100 ? -2.074  -3.386  15.387  1.00 114.44 ? 100 GLU A CD    1 
ATOM   1060 O  OE1   . GLU B 2 100 ? -2.927  -3.823  16.187  1.00 136.62 ? 100 GLU A OE1   1 
ATOM   1061 O  OE2   . GLU B 2 100 ? -0.998  -3.980  15.150  1.00 131.81 ? 100 GLU A OE2   1 
ATOM   1062 N  N     . GLU B 2 101 ? -3.618  -1.770  10.731  1.00 104.16 ? 101 GLU A N     1 
ATOM   1063 C  CA    . GLU B 2 101 ? -4.652  -1.112  9.935   1.00 96.65  ? 101 GLU A CA    1 
ATOM   1064 C  C     . GLU B 2 101 ? -5.561  -2.154  9.308   1.00 97.63  ? 101 GLU A C     1 
ATOM   1065 O  O     . GLU B 2 101 ? -6.783  -2.017  9.290   1.00 97.66  ? 101 GLU A O     1 
ATOM   1066 C  CB    . GLU B 2 101 ? -4.011  -0.293  8.823   1.00 105.33 ? 101 GLU A CB    1 
ATOM   1067 C  CG    . GLU B 2 101 ? -3.368  0.983   9.297   1.00 114.05 ? 101 GLU A CG    1 
ATOM   1068 C  CD    . GLU B 2 101 ? -4.060  2.207   8.741   1.00 121.62 ? 101 GLU A CD    1 
ATOM   1069 O  OE1   . GLU B 2 101 ? -5.255  2.422   9.047   1.00 124.55 ? 101 GLU A OE1   1 
ATOM   1070 O  OE2   . GLU B 2 101 ? -3.399  2.951   7.989   1.00 126.23 ? 101 GLU A OE2   1 
ATOM   1071 N  N     . LEU B 2 102 ? -4.938  -3.197  8.779   1.00 85.53  ? 102 LEU A N     1 
ATOM   1072 C  CA    . LEU B 2 102 ? -5.655  -4.290  8.151   1.00 85.30  ? 102 LEU A CA    1 
ATOM   1073 C  C     . LEU B 2 102 ? -6.642  -4.840  9.167   1.00 95.41  ? 102 LEU A C     1 
ATOM   1074 O  O     . LEU B 2 102 ? -7.683  -5.399  8.819   1.00 95.62  ? 102 LEU A O     1 
ATOM   1075 C  CB    . LEU B 2 102 ? -4.667  -5.380  7.727   1.00 88.28  ? 102 LEU A CB    1 
ATOM   1076 C  CG    . LEU B 2 102 ? -5.189  -6.339  6.663   1.00 73.60  ? 102 LEU A CG    1 
ATOM   1077 C  CD1   . LEU B 2 102 ? -5.969  -7.458  7.303   1.00 76.06  ? 102 LEU A CD1   1 
ATOM   1078 C  CD2   . LEU B 2 102 ? -6.060  -5.561  5.676   1.00 69.60  ? 102 LEU A CD2   1 
ATOM   1079 N  N     . ASP B 2 103 ? -6.298  -4.650  10.435  1.00 98.93  ? 103 ASP A N     1 
ATOM   1080 C  CA    . ASP B 2 103 ? -7.109  -5.120  11.541  1.00 110.85 ? 103 ASP A CA    1 
ATOM   1081 C  C     . ASP B 2 103 ? -8.213  -4.110  11.844  1.00 97.75  ? 103 ASP A C     1 
ATOM   1082 O  O     . ASP B 2 103 ? -9.393  -4.456  11.833  1.00 112.14 ? 103 ASP A O     1 
ATOM   1083 C  CB    . ASP B 2 103 ? -6.218  -5.325  12.770  1.00 103.48 ? 103 ASP A CB    1 
ATOM   1084 C  CG    . ASP B 2 103 ? -6.683  -6.463  13.635  1.00 127.24 ? 103 ASP A CG    1 
ATOM   1085 O  OD1   . ASP B 2 103 ? -6.300  -6.497  14.824  1.00 133.53 ? 103 ASP A OD1   1 
ATOM   1086 O  OD2   . ASP B 2 103 ? -7.425  -7.327  13.119  1.00 134.27 ? 103 ASP A OD2   1 
ATOM   1087 N  N     . ARG B 2 104 ? -7.830  -2.866  12.114  1.00 107.35 ? 104 ARG A N     1 
ATOM   1088 C  CA    . ARG B 2 104 ? -8.810  -1.830  12.406  1.00 98.35  ? 104 ARG A CA    1 
ATOM   1089 C  C     . ARG B 2 104 ? -9.856  -1.860  11.303  1.00 101.01 ? 104 ARG A C     1 
ATOM   1090 O  O     . ARG B 2 104 ? -11.052 -1.967  11.565  1.00 99.46  ? 104 ARG A O     1 
ATOM   1091 C  CB    . ARG B 2 104 ? -8.130  -0.449  12.471  1.00 89.62  ? 104 ARG A CB    1 
ATOM   1092 N  N     . ARG B 2 105 ? -9.381  -1.796  10.063  1.00 99.43  ? 105 ARG A N     1 
ATOM   1093 C  CA    . ARG B 2 105 ? -10.243 -1.801  8.892   1.00 94.89  ? 105 ARG A CA    1 
ATOM   1094 C  C     . ARG B 2 105 ? -11.237 -2.944  8.967   1.00 94.92  ? 105 ARG A C     1 
ATOM   1095 O  O     . ARG B 2 105 ? -12.433 -2.741  8.783   1.00 106.31 ? 105 ARG A O     1 
ATOM   1096 C  CB    . ARG B 2 105 ? -9.398  -1.919  7.621   1.00 94.92  ? 105 ARG A CB    1 
ATOM   1097 C  CG    . ARG B 2 105 ? -9.988  -1.200  6.422   1.00 95.95  ? 105 ARG A CG    1 
ATOM   1098 C  CD    . ARG B 2 105 ? -8.902  -0.765  5.440   1.00 104.27 ? 105 ARG A CD    1 
ATOM   1099 N  NE    . ARG B 2 105 ? -8.648  -1.750  4.393   1.00 99.23  ? 105 ARG A NE    1 
ATOM   1100 C  CZ    . ARG B 2 105 ? -9.540  -2.108  3.470   1.00 118.90 ? 105 ARG A CZ    1 
ATOM   1101 N  NH1   . ARG B 2 105 ? -10.748 -1.560  3.465   1.00 121.71 ? 105 ARG A NH1   1 
ATOM   1102 N  NH2   . ARG B 2 105 ? -9.223  -3.007  2.544   1.00 120.52 ? 105 ARG A NH2   1 
ATOM   1103 N  N     . ILE B 2 106 ? -10.745 -4.145  9.254   1.00 95.10  ? 106 ILE A N     1 
ATOM   1104 C  CA    . ILE B 2 106 ? -11.616 -5.311  9.354   1.00 85.26  ? 106 ILE A CA    1 
ATOM   1105 C  C     . ILE B 2 106 ? -12.693 -5.146  10.422  1.00 101.90 ? 106 ILE A C     1 
ATOM   1106 O  O     . ILE B 2 106 ? -13.867 -5.418  10.173  1.00 93.59  ? 106 ILE A O     1 
ATOM   1107 C  CB    . ILE B 2 106 ? -10.821 -6.597  9.659   1.00 94.99  ? 106 ILE A CB    1 
ATOM   1108 C  CG1   . ILE B 2 106 ? -10.042 -7.033  8.418   1.00 81.03  ? 106 ILE A CG1   1 
ATOM   1109 C  CG2   . ILE B 2 106 ? -11.766 -7.702  10.107  1.00 72.46  ? 106 ILE A CG2   1 
ATOM   1110 C  CD1   . ILE B 2 106 ? -9.373  -8.387  8.560   1.00 82.57  ? 106 ILE A CD1   1 
ATOM   1111 N  N     . HIS B 2 107 ? -12.300 -4.709  11.614  1.00 91.68  ? 107 HIS A N     1 
ATOM   1112 C  CA    . HIS B 2 107 ? -13.276 -4.528  12.681  1.00 103.24 ? 107 HIS A CA    1 
ATOM   1113 C  C     . HIS B 2 107 ? -14.374 -3.583  12.243  1.00 89.32  ? 107 HIS A C     1 
ATOM   1114 O  O     . HIS B 2 107 ? -15.547 -3.792  12.548  1.00 90.42  ? 107 HIS A O     1 
ATOM   1115 C  CB    . HIS B 2 107 ? -12.602 -4.003  13.950  1.00 116.93 ? 107 HIS A CB    1 
ATOM   1116 C  CG    . HIS B 2 107 ? -11.949 -5.077  14.761  1.00 135.53 ? 107 HIS A CG    1 
ATOM   1117 N  ND1   . HIS B 2 107 ? -12.622 -6.215  15.159  1.00 143.93 ? 107 HIS A ND1   1 
ATOM   1118 C  CD2   . HIS B 2 107 ? -10.683 -5.211  15.220  1.00 141.61 ? 107 HIS A CD2   1 
ATOM   1119 C  CE1   . HIS B 2 107 ? -11.797 -7.003  15.823  1.00 124.30 ? 107 HIS A CE1   1 
ATOM   1120 N  NE2   . HIS B 2 107 ? -10.612 -6.417  15.874  1.00 142.51 ? 107 HIS A NE2   1 
ATOM   1121 N  N     . THR B 2 108 ? -13.982 -2.548  11.515  1.00 102.31 ? 108 THR A N     1 
ATOM   1122 C  CA    . THR B 2 108 ? -14.930 -1.568  11.021  1.00 82.75  ? 108 THR A CA    1 
ATOM   1123 C  C     . THR B 2 108 ? -15.943 -2.251  10.110  1.00 82.87  ? 108 THR A C     1 
ATOM   1124 O  O     . THR B 2 108 ? -17.150 -2.079  10.279  1.00 85.53  ? 108 THR A O     1 
ATOM   1125 C  CB    . THR B 2 108 ? -14.211 -0.464  10.243  1.00 80.67  ? 108 THR A CB    1 
ATOM   1126 O  OG1   . THR B 2 108 ? -13.193 0.108   11.071  1.00 81.09  ? 108 THR A OG1   1 
ATOM   1127 C  CG2   . THR B 2 108 ? -15.187 0.620   9.838   1.00 100.51 ? 108 THR A CG2   1 
ATOM   1128 N  N     . LEU B 2 109 ? -15.448 -3.031  9.151   1.00 80.10  ? 109 LEU A N     1 
ATOM   1129 C  CA    . LEU B 2 109 ? -16.318 -3.742  8.221   1.00 93.79  ? 109 LEU A CA    1 
ATOM   1130 C  C     . LEU B 2 109 ? -17.201 -4.753  8.943   1.00 83.28  ? 109 LEU A C     1 
ATOM   1131 O  O     . LEU B 2 109 ? -18.355 -4.956  8.569   1.00 88.46  ? 109 LEU A O     1 
ATOM   1132 C  CB    . LEU B 2 109 ? -15.484 -4.450  7.150   1.00 76.42  ? 109 LEU A CB    1 
ATOM   1133 C  CG    . LEU B 2 109 ? -14.956 -3.587  6.000   1.00 75.99  ? 109 LEU A CG    1 
ATOM   1134 C  CD1   . LEU B 2 109 ? -14.325 -2.306  6.524   1.00 80.51  ? 109 LEU A CD1   1 
ATOM   1135 C  CD2   . LEU B 2 109 ? -13.949 -4.395  5.209   1.00 86.70  ? 109 LEU A CD2   1 
ATOM   1136 N  N     . VAL B 2 110 ? -16.665 -5.382  9.982   1.00 85.07  ? 110 VAL A N     1 
ATOM   1137 C  CA    . VAL B 2 110 ? -17.441 -6.362  10.731  1.00 93.00  ? 110 VAL A CA    1 
ATOM   1138 C  C     . VAL B 2 110 ? -18.565 -5.700  11.523  1.00 92.37  ? 110 VAL A C     1 
ATOM   1139 O  O     . VAL B 2 110 ? -19.663 -6.243  11.615  1.00 73.45  ? 110 VAL A O     1 
ATOM   1140 C  CB    . VAL B 2 110 ? -16.553 -7.174  11.694  1.00 72.25  ? 110 VAL A CB    1 
ATOM   1141 C  CG1   . VAL B 2 110 ? -17.412 -8.129  12.510  1.00 71.70  ? 110 VAL A CG1   1 
ATOM   1142 C  CG2   . VAL B 2 110 ? -15.519 -7.951  10.904  1.00 61.84  ? 110 VAL A CG2   1 
ATOM   1143 N  N     . ALA B 2 111 ? -18.293 -4.533  12.097  1.00 75.07  ? 111 ALA A N     1 
ATOM   1144 C  CA    . ALA B 2 111 ? -19.317 -3.827  12.854  1.00 78.10  ? 111 ALA A CA    1 
ATOM   1145 C  C     . ALA B 2 111 ? -20.496 -3.651  11.910  1.00 81.58  ? 111 ALA A C     1 
ATOM   1146 O  O     . ALA B 2 111 ? -21.639 -3.987  12.233  1.00 84.35  ? 111 ALA A O     1 
ATOM   1147 C  CB    . ALA B 2 111 ? -18.798 -2.469  13.308  1.00 87.16  ? 111 ALA A CB    1 
ATOM   1148 N  N     . LEU B 2 112 ? -20.189 -3.133  10.728  1.00 77.42  ? 112 LEU A N     1 
ATOM   1149 C  CA    . LEU B 2 112 ? -21.188 -2.897  9.702   1.00 87.77  ? 112 LEU A CA    1 
ATOM   1150 C  C     . LEU B 2 112 ? -22.031 -4.139  9.477   1.00 75.23  ? 112 LEU A C     1 
ATOM   1151 O  O     . LEU B 2 112 ? -23.248 -4.106  9.626   1.00 78.81  ? 112 LEU A O     1 
ATOM   1152 C  CB    . LEU B 2 112 ? -20.506 -2.524  8.392   1.00 69.43  ? 112 LEU A CB    1 
ATOM   1153 C  CG    . LEU B 2 112 ? -20.950 -1.238  7.703   1.00 64.11  ? 112 LEU A CG    1 
ATOM   1154 C  CD1   . LEU B 2 112 ? -20.442 -1.260  6.263   1.00 72.02  ? 112 LEU A CD1   1 
ATOM   1155 C  CD2   . LEU B 2 112 ? -22.465 -1.122  7.730   1.00 92.76  ? 112 LEU A CD2   1 
ATOM   1156 N  N     . ARG B 2 113 ? -21.365 -5.231  9.117   1.00 76.13  ? 113 ARG A N     1 
ATOM   1157 C  CA    . ARG B 2 113 ? -22.025 -6.501  8.840   1.00 92.80  ? 113 ARG A CA    1 
ATOM   1158 C  C     . ARG B 2 113 ? -23.011 -6.910  9.930   1.00 95.22  ? 113 ARG A C     1 
ATOM   1159 O  O     . ARG B 2 113 ? -24.040 -7.526  9.644   1.00 100.79 ? 113 ARG A O     1 
ATOM   1160 C  CB    . ARG B 2 113 ? -20.974 -7.587  8.661   1.00 82.24  ? 113 ARG A CB    1 
ATOM   1161 C  CG    . ARG B 2 113 ? -21.465 -8.803  7.921   1.00 86.76  ? 113 ARG A CG    1 
ATOM   1162 C  CD    . ARG B 2 113 ? -20.429 -9.900  8.021   1.00 95.92  ? 113 ARG A CD    1 
ATOM   1163 N  NE    . ARG B 2 113 ? -20.049 -10.104 9.416   1.00 114.25 ? 113 ARG A NE    1 
ATOM   1164 C  CZ    . ARG B 2 113 ? -19.132 -10.972 9.829   1.00 116.79 ? 113 ARG A CZ    1 
ATOM   1165 N  NH1   . ARG B 2 113 ? -18.491 -11.730 8.949   1.00 121.43 ? 113 ARG A NH1   1 
ATOM   1166 N  NH2   . ARG B 2 113 ? -18.856 -11.081 11.123  1.00 121.82 ? 113 ARG A NH2   1 
ATOM   1167 N  N     . ASP B 2 114 ? -22.689 -6.582  11.177  1.00 101.31 ? 114 ASP A N     1 
ATOM   1168 C  CA    . ASP B 2 114 ? -23.575 -6.900  12.293  1.00 93.83  ? 114 ASP A CA    1 
ATOM   1169 C  C     . ASP B 2 114 ? -24.754 -5.950  12.236  1.00 96.40  ? 114 ASP A C     1 
ATOM   1170 O  O     . ASP B 2 114 ? -25.910 -6.381  12.189  1.00 90.94  ? 114 ASP A O     1 
ATOM   1171 C  CB    . ASP B 2 114 ? -22.855 -6.738  13.633  1.00 95.77  ? 114 ASP A CB    1 
ATOM   1172 C  CG    . ASP B 2 114 ? -21.789 -7.787  13.847  1.00 90.58  ? 114 ASP A CG    1 
ATOM   1173 O  OD1   . ASP B 2 114 ? -21.886 -8.858  13.207  1.00 88.86  ? 114 ASP A OD1   1 
ATOM   1174 O  OD2   . ASP B 2 114 ? -20.866 -7.548  14.659  1.00 87.34  ? 114 ASP A OD2   1 
ATOM   1175 N  N     . GLU B 2 115 ? -24.454 -4.654  12.244  1.00 89.82  ? 115 GLU A N     1 
ATOM   1176 C  CA    . GLU B 2 115 ? -25.497 -3.646  12.165  1.00 90.19  ? 115 GLU A CA    1 
ATOM   1177 C  C     . GLU B 2 115 ? -26.404 -4.035  10.994  1.00 91.86  ? 115 GLU A C     1 
ATOM   1178 O  O     . GLU B 2 115 ? -27.619 -4.157  11.152  1.00 91.28  ? 115 GLU A O     1 
ATOM   1179 C  CB    . GLU B 2 115 ? -24.892 -2.251  11.928  1.00 90.97  ? 115 GLU A CB    1 
ATOM   1180 C  CG    . GLU B 2 115 ? -23.955 -1.758  13.030  1.00 80.13  ? 115 GLU A CG    1 
ATOM   1181 C  CD    . GLU B 2 115 ? -23.642 -0.268  12.916  1.00 90.23  ? 115 GLU A CD    1 
ATOM   1182 O  OE1   . GLU B 2 115 ? -23.187 0.173   11.840  1.00 84.85  ? 115 GLU A OE1   1 
ATOM   1183 O  OE2   . GLU B 2 115 ? -23.849 0.468   13.909  1.00 90.51  ? 115 GLU A OE2   1 
ATOM   1184 N  N     . LEU B 2 116 ? -25.794 -4.272  9.836   1.00 86.17  ? 116 LEU A N     1 
ATOM   1185 C  CA    . LEU B 2 116 ? -26.528 -4.636  8.630   1.00 89.50  ? 116 LEU A CA    1 
ATOM   1186 C  C     . LEU B 2 116 ? -27.469 -5.820  8.822   1.00 88.33  ? 116 LEU A C     1 
ATOM   1187 O  O     . LEU B 2 116 ? -28.623 -5.760  8.407   1.00 101.93 ? 116 LEU A O     1 
ATOM   1188 C  CB    . LEU B 2 116 ? -25.560 -4.951  7.489   1.00 76.25  ? 116 LEU A CB    1 
ATOM   1189 C  CG    . LEU B 2 116 ? -26.024 -4.579  6.078   1.00 66.35  ? 116 LEU A CG    1 
ATOM   1190 C  CD1   . LEU B 2 116 ? -25.350 -5.511  5.098   1.00 65.86  ? 116 LEU A CD1   1 
ATOM   1191 C  CD2   . LEU B 2 116 ? -27.531 -4.689  5.942   1.00 86.69  ? 116 LEU A CD2   1 
ATOM   1192 N  N     . ASP B 2 117 ? -26.991 -6.895  9.441   1.00 96.44  ? 117 ASP A N     1 
ATOM   1193 C  CA    . ASP B 2 117 ? -27.843 -8.063  9.641   1.00 92.75  ? 117 ASP A CA    1 
ATOM   1194 C  C     . ASP B 2 117 ? -29.108 -7.761  10.428  1.00 103.74 ? 117 ASP A C     1 
ATOM   1195 O  O     . ASP B 2 117 ? -30.159 -8.356  10.172  1.00 108.78 ? 117 ASP A O     1 
ATOM   1196 C  CB    . ASP B 2 117 ? -27.077 -9.193  10.325  1.00 103.54 ? 117 ASP A CB    1 
ATOM   1197 C  CG    . ASP B 2 117 ? -26.173 -9.943  9.370   1.00 110.25 ? 117 ASP A CG    1 
ATOM   1198 O  OD1   . ASP B 2 117 ? -26.652 -10.374 8.293   1.00 107.27 ? 117 ASP A OD1   1 
ATOM   1199 O  OD2   . ASP B 2 117 ? -24.980 -10.107 9.700   1.00 105.67 ? 117 ASP A OD2   1 
ATOM   1200 N  N     . GLY B 2 118 ? -29.016 -6.841  11.383  1.00 102.09 ? 118 GLY A N     1 
ATOM   1201 C  CA    . GLY B 2 118 ? -30.186 -6.497  12.165  1.00 92.79  ? 118 GLY A CA    1 
ATOM   1202 C  C     . GLY B 2 118 ? -31.197 -5.752  11.314  1.00 100.98 ? 118 GLY A C     1 
ATOM   1203 O  O     . GLY B 2 118 ? -32.387 -6.073  11.301  1.00 95.65  ? 118 GLY A O     1 
ATOM   1204 N  N     . CYS B 2 119 ? -30.698 -4.770  10.573  1.00 97.43  ? 119 CYS A N     1 
ATOM   1205 C  CA    . CYS B 2 119 ? -31.524 -3.930  9.717   1.00 97.36  ? 119 CYS A CA    1 
ATOM   1206 C  C     . CYS B 2 119 ? -32.156 -4.589  8.486   1.00 92.43  ? 119 CYS A C     1 
ATOM   1207 O  O     . CYS B 2 119 ? -32.949 -3.957  7.786   1.00 89.00  ? 119 CYS A O     1 
ATOM   1208 C  CB    . CYS B 2 119 ? -30.709 -2.710  9.276   1.00 90.45  ? 119 CYS A CB    1 
ATOM   1209 S  SG    . CYS B 2 119 ? -30.188 -1.628  10.643  1.00 94.57  ? 119 CYS A SG    1 
ATOM   1210 N  N     . ILE B 2 120 ? -31.828 -5.846  8.213   1.00 91.11  ? 120 ILE A N     1 
ATOM   1211 C  CA    . ILE B 2 120 ? -32.397 -6.497  7.038   1.00 95.26  ? 120 ILE A CA    1 
ATOM   1212 C  C     . ILE B 2 120 ? -33.884 -6.830  7.170   1.00 94.68  ? 120 ILE A C     1 
ATOM   1213 O  O     . ILE B 2 120 ? -34.610 -6.827  6.176   1.00 105.39 ? 120 ILE A O     1 
ATOM   1214 C  CB    . ILE B 2 120 ? -31.615 -7.783  6.661   1.00 96.31  ? 120 ILE A CB    1 
ATOM   1215 C  CG1   . ILE B 2 120 ? -30.194 -7.411  6.210   1.00 97.89  ? 120 ILE A CG1   1 
ATOM   1216 C  CG2   . ILE B 2 120 ? -32.340 -8.529  5.544   1.00 102.01 ? 120 ILE A CG2   1 
ATOM   1217 C  CD1   . ILE B 2 120 ? -29.365 -8.570  5.680   1.00 92.96  ? 120 ILE A CD1   1 
ATOM   1218 N  N     . GLY B 2 121 ? -34.338 -7.113  8.389   1.00 97.36  ? 121 GLY A N     1 
ATOM   1219 C  CA    . GLY B 2 121 ? -35.741 -7.434  8.594   1.00 92.27  ? 121 GLY A CA    1 
ATOM   1220 C  C     . GLY B 2 121 ? -36.512 -6.178  8.939   1.00 93.63  ? 121 GLY A C     1 
ATOM   1221 O  O     . GLY B 2 121 ? -37.712 -6.204  9.214   1.00 106.90 ? 121 GLY A O     1 
ATOM   1222 N  N     . CYS B 2 122 ? -35.798 -5.064  8.902   1.00 87.52  ? 122 CYS A N     1 
ATOM   1223 C  CA    . CYS B 2 122 ? -36.366 -3.779  9.226   1.00 81.34  ? 122 CYS A CA    1 
ATOM   1224 C  C     . CYS B 2 122 ? -36.626 -2.964  7.962   1.00 85.95  ? 122 CYS A C     1 
ATOM   1225 O  O     . CYS B 2 122 ? -37.643 -3.151  7.296   1.00 93.44  ? 122 CYS A O     1 
ATOM   1226 C  CB    . CYS B 2 122 ? -35.401 -3.055  10.142  1.00 78.08  ? 122 CYS A CB    1 
ATOM   1227 S  SG    . CYS B 2 122 ? -36.158 -1.650  10.968  1.00 80.78  ? 122 CYS A SG    1 
ATOM   1228 N  N     . GLY B 2 123 ? -35.698 -2.070  7.631   1.00 87.57  ? 123 GLY A N     1 
ATOM   1229 C  CA    . GLY B 2 123 ? -35.843 -1.251  6.442   1.00 84.32  ? 123 GLY A CA    1 
ATOM   1230 C  C     . GLY B 2 123 ? -36.404 0.107   6.789   1.00 78.50  ? 123 GLY A C     1 
ATOM   1231 O  O     . GLY B 2 123 ? -36.766 0.877   5.904   1.00 86.20  ? 123 GLY A O     1 
ATOM   1232 N  N     . CYS B 2 124 ? -36.473 0.399   8.084   1.00 67.11  ? 124 CYS A N     1 
ATOM   1233 C  CA    . CYS B 2 124 ? -37.001 1.672   8.554   1.00 81.57  ? 124 CYS A CA    1 
ATOM   1234 C  C     . CYS B 2 124 ? -36.024 2.790   8.259   1.00 71.43  ? 124 CYS A C     1 
ATOM   1235 O  O     . CYS B 2 124 ? -36.417 3.881   7.847   1.00 73.05  ? 124 CYS A O     1 
ATOM   1236 C  CB    . CYS B 2 124 ? -37.257 1.629   10.063  1.00 74.99  ? 124 CYS A CB    1 
ATOM   1237 S  SG    . CYS B 2 124 ? -35.782 1.801   11.132  1.00 87.42  ? 124 CYS A SG    1 
ATOM   1238 N  N     . LEU B 2 125 ? -34.745 2.505   8.476   1.00 74.15  ? 125 LEU A N     1 
ATOM   1239 C  CA    . LEU B 2 125 ? -33.692 3.484   8.267   1.00 67.10  ? 125 LEU A CA    1 
ATOM   1240 C  C     . LEU B 2 125 ? -34.044 4.740   9.053   1.00 65.01  ? 125 LEU A C     1 
ATOM   1241 O  O     . LEU B 2 125 ? -33.967 5.854   8.541   1.00 74.48  ? 125 LEU A O     1 
ATOM   1242 C  CB    . LEU B 2 125 ? -33.541 3.789   6.778   1.00 60.18  ? 125 LEU A CB    1 
ATOM   1243 C  CG    . LEU B 2 125 ? -33.169 2.557   5.947   1.00 63.91  ? 125 LEU A CG    1 
ATOM   1244 C  CD1   . LEU B 2 125 ? -33.194 2.876   4.457   1.00 52.94  ? 125 LEU A CD1   1 
ATOM   1245 C  CD2   . LEU B 2 125 ? -31.802 2.062   6.382   1.00 54.49  ? 125 LEU A CD2   1 
ATOM   1246 N  N     . SER B 2 126 ? -34.459 4.542   10.302  1.00 70.72  ? 126 SER A N     1 
ATOM   1247 C  CA    . SER B 2 126 ? -34.798 5.649   11.170  1.00 70.49  ? 126 SER A CA    1 
ATOM   1248 C  C     . SER B 2 126 ? -33.515 6.423   11.375  1.00 86.23  ? 126 SER A C     1 
ATOM   1249 O  O     . SER B 2 126 ? -32.504 5.847   11.784  1.00 76.85  ? 126 SER A O     1 
ATOM   1250 C  CB    . SER B 2 126 ? -35.330 5.130   12.503  1.00 67.93  ? 126 SER A CB    1 
ATOM   1251 N  N     . ARG B 2 127 ? -33.535 7.707   11.062  1.00 76.23  ? 127 ARG A N     1 
ATOM   1252 C  CA    . ARG B 2 127 ? -32.356 8.527   11.237  1.00 87.36  ? 127 ARG A CA    1 
ATOM   1253 C  C     . ARG B 2 127 ? -31.886 8.452   12.688  1.00 85.25  ? 127 ARG A C     1 
ATOM   1254 O  O     . ARG B 2 127 ? -30.856 7.866   12.992  1.00 101.34 ? 127 ARG A O     1 
ATOM   1255 C  CB    . ARG B 2 127 ? -32.674 9.971   10.887  1.00 101.00 ? 127 ARG A CB    1 
ATOM   1256 C  CG    . ARG B 2 127 ? -31.607 10.641  10.065  1.00 102.46 ? 127 ARG A CG    1 
ATOM   1257 C  CD    . ARG B 2 127 ? -31.788 12.146  9.963   1.00 107.90 ? 127 ARG A CD    1 
ATOM   1258 N  NE    . ARG B 2 127 ? -30.728 12.812  9.190   1.00 118.90 ? 127 ARG A NE    1 
ATOM   1259 C  CZ    . ARG B 2 127 ? -29.549 12.281  8.849   1.00 125.20 ? 127 ARG A CZ    1 
ATOM   1260 N  NH1   . ARG B 2 127 ? -29.217 11.042  9.184   1.00 127.17 ? 127 ARG A NH1   1 
ATOM   1261 N  NH2   . ARG B 2 127 ? -28.672 13.012  8.172   1.00 124.60 ? 127 ARG A NH2   1 
ATOM   1262 N  N     . SER B 2 128 ? -32.676 9.027   13.584  1.00 89.78  ? 128 SER A N     1 
ATOM   1263 C  CA    . SER B 2 128 ? -32.338 9.066   14.993  1.00 89.52  ? 128 SER A CA    1 
ATOM   1264 C  C     . SER B 2 128 ? -32.499 7.732   15.727  1.00 91.33  ? 128 SER A C     1 
ATOM   1265 O  O     . SER B 2 128 ? -32.626 7.730   16.960  1.00 96.29  ? 128 SER A O     1 
ATOM   1266 C  CB    . SER B 2 128 ? -33.182 10.121  15.666  1.00 88.89  ? 128 SER A CB    1 
ATOM   1267 N  N     . ASP B 2 129 ? -32.480 6.606   15.021  1.00 88.06  ? 129 ASP A N     1 
ATOM   1268 C  CA    . ASP B 2 129 ? -32.670 5.328   15.724  1.00 93.55  ? 129 ASP A CA    1 
ATOM   1269 C  C     . ASP B 2 129 ? -32.102 4.047   15.127  1.00 101.16 ? 129 ASP A C     1 
ATOM   1270 O  O     . ASP B 2 129 ? -32.266 2.977   15.713  1.00 90.01  ? 129 ASP A O     1 
ATOM   1271 C  CB    . ASP B 2 129 ? -34.162 5.075   15.943  1.00 115.51 ? 129 ASP A CB    1 
ATOM   1272 C  CG    . ASP B 2 129 ? -34.728 5.843   17.104  1.00 120.00 ? 129 ASP A CG    1 
ATOM   1273 O  OD1   . ASP B 2 129 ? -34.108 5.808   18.196  1.00 126.62 ? 129 ASP A OD1   1 
ATOM   1274 O  OD2   . ASP B 2 129 ? -35.796 6.471   16.922  1.00 128.10 ? 129 ASP A OD2   1 
ATOM   1275 N  N     . CYS B 2 130 ? -31.445 4.149   13.983  1.00 88.22  ? 130 CYS A N     1 
ATOM   1276 C  CA    . CYS B 2 130 ? -30.924 2.991   13.307  1.00 84.71  ? 130 CYS A CA    1 
ATOM   1277 C  C     . CYS B 2 130 ? -29.405 2.999   13.311  1.00 98.03  ? 130 CYS A C     1 
ATOM   1278 O  O     . CYS B 2 130 ? -28.788 4.030   13.162  1.00 103.05 ? 130 CYS A O     1 
ATOM   1279 C  CB    . CYS B 2 130 ? -31.445 3.017   11.880  1.00 79.04  ? 130 CYS A CB    1 
ATOM   1280 S  SG    . CYS B 2 130 ? -30.617 1.906   10.731  1.00 73.58  ? 130 CYS A SG    1 
ATOM   1281 N  N     . PRO B 2 131 ? -28.776 1.842   13.527  1.00 98.49  ? 131 PRO A N     1 
ATOM   1282 C  CA    . PRO B 2 131 ? -27.306 1.919   13.495  1.00 86.63  ? 131 PRO A CA    1 
ATOM   1283 C  C     . PRO B 2 131 ? -26.776 2.382   12.116  1.00 88.44  ? 131 PRO A C     1 
ATOM   1284 O  O     . PRO B 2 131 ? -26.127 3.440   11.964  1.00 87.49  ? 131 PRO A O     1 
ATOM   1285 C  CB    . PRO B 2 131 ? -26.909 0.468   13.770  1.00 76.02  ? 131 PRO A CB    1 
ATOM   1286 C  CG    . PRO B 2 131 ? -27.885 0.071   14.762  1.00 94.39  ? 131 PRO A CG    1 
ATOM   1287 C  CD    . PRO B 2 131 ? -29.195 0.639   14.257  1.00 80.36  ? 131 PRO A CD    1 
ATOM   1288 N  N     . LEU B 2 132 ? -27.083 1.570   11.110  1.00 84.64  ? 132 LEU A N     1 
ATOM   1289 C  CA    . LEU B 2 132 ? -26.654 1.814   9.743   1.00 90.36  ? 132 LEU A CA    1 
ATOM   1290 C  C     . LEU B 2 132 ? -26.558 3.288   9.400   1.00 73.31  ? 132 LEU A C     1 
ATOM   1291 O  O     . LEU B 2 132 ? -25.652 3.680   8.670   1.00 71.88  ? 132 LEU A O     1 
ATOM   1292 C  CB    . LEU B 2 132 ? -27.593 1.085   8.774   1.00 71.89  ? 132 LEU A CB    1 
ATOM   1293 C  CG    . LEU B 2 132 ? -26.920 -0.085  8.053   1.00 69.21  ? 132 LEU A CG    1 
ATOM   1294 C  CD1   . LEU B 2 132 ? -25.947 -0.808  8.976   1.00 68.10  ? 132 LEU A CD1   1 
ATOM   1295 C  CD2   . LEU B 2 132 ? -27.992 -1.020  7.551   1.00 82.47  ? 132 LEU A CD2   1 
ATOM   1296 N  N     . ARG B 2 133 ? -27.437 4.121   9.951   1.00 69.31  ? 133 ARG A N     1 
ATOM   1297 C  CA    . ARG B 2 133 ? -27.374 5.534   9.594   1.00 97.28  ? 133 ARG A CA    1 
ATOM   1298 C  C     . ARG B 2 133 ? -26.465 6.404   10.456  1.00 99.50  ? 133 ARG A C     1 
ATOM   1299 O  O     . ARG B 2 133 ? -25.655 7.180   9.941   1.00 122.15 ? 133 ARG A O     1 
ATOM   1300 C  CB    . ARG B 2 133 ? -28.793 6.143   9.508   1.00 76.89  ? 133 ARG A CB    1 
ATOM   1301 C  CG    . ARG B 2 133 ? -29.575 5.617   8.263   1.00 81.58  ? 133 ARG A CG    1 
ATOM   1302 C  CD    . ARG B 2 133 ? -30.841 6.411   7.896   1.00 81.58  ? 133 ARG A CD    1 
ATOM   1303 N  NE    . ARG B 2 133 ? -30.574 7.840   7.724   1.00 97.82  ? 133 ARG A NE    1 
ATOM   1304 C  CZ    . ARG B 2 133 ? -31.305 8.665   6.978   1.00 100.54 ? 133 ARG A CZ    1 
ATOM   1305 N  NH1   . ARG B 2 133 ? -32.358 8.211   6.322   1.00 110.52 ? 133 ARG A NH1   1 
ATOM   1306 N  NH2   . ARG B 2 133 ? -30.998 9.954   6.901   1.00 110.67 ? 133 ARG A NH2   1 
ATOM   1307 N  N     . ASN B 2 134 ? -26.577 6.255   11.767  1.00 117.63 ? 134 ASN A N     1 
ATOM   1308 C  CA    . ASN B 2 134 ? -25.789 7.025   12.751  1.00 124.77 ? 134 ASN A CA    1 
ATOM   1309 C  C     . ASN B 2 134 ? -24.696 6.083   13.269  1.00 119.29 ? 134 ASN A C     1 
ATOM   1310 O  O     . ASN B 2 134 ? -24.794 5.577   14.363  1.00 121.31 ? 134 ASN A O     1 
ATOM   1311 C  CB    . ASN B 2 134 ? -26.745 7.428   13.867  1.00 102.78 ? 134 ASN A CB    1 
ATOM   1312 C  CG    . ASN B 2 134 ? -28.104 6.704   13.774  1.00 142.82 ? 134 ASN A CG    1 
ATOM   1313 O  OD1   . ASN B 2 134 ? -28.505 6.247   12.700  1.00 150.49 ? 134 ASN A OD1   1 
ATOM   1314 N  ND2   . ASN B 2 134 ? -28.824 6.630   14.902  1.00 144.41 ? 134 ASN A ND2   1 
ATOM   1315 N  N     . PRO B 2 135 ? -23.576 5.941   12.525  1.00 118.87 ? 135 PRO A N     1 
ATOM   1316 C  CA    . PRO B 2 135 ? -22.431 5.071   12.859  1.00 130.02 ? 135 PRO A CA    1 
ATOM   1317 C  C     . PRO B 2 135 ? -21.728 5.289   14.227  1.00 128.73 ? 135 PRO A C     1 
ATOM   1318 O  O     . PRO B 2 135 ? -20.587 5.809   14.260  1.00 131.19 ? 135 PRO A O     1 
ATOM   1319 C  CB    . PRO B 2 135 ? -21.504 5.267   11.671  1.00 114.46 ? 135 PRO A CB    1 
ATOM   1320 C  CG    . PRO B 2 135 ? -21.736 6.700   11.295  1.00 107.64 ? 135 PRO A CG    1 
ATOM   1321 C  CD    . PRO B 2 135 ? -23.168 7.043   11.628  1.00 111.64 ? 135 PRO A CD    1 
HETATM 1322 FE FE1   . FES C 3 .   ? -34.533 -0.111  11.003  1.00 87.44  ? 501 FES A FE1   1 
HETATM 1323 FE FE2   . FES C 3 .   ? -31.801 -0.044  10.843  1.00 92.75  ? 501 FES A FE2   1 
HETATM 1324 S  S1    . FES C 3 .   ? -33.234 -0.873  9.337   1.00 74.29  ? 501 FES A S1    1 
HETATM 1325 S  S2    . FES C 3 .   ? -33.083 0.390   12.616  1.00 83.83  ? 501 FES A S2    1 
HETATM 1326 S  S1    . DTT D 4 .   ? -12.674 -9.777  13.859  0.50 136.61 ? 901 DTT A S1    1 
HETATM 1327 C  C1    . DTT D 4 .   ? -12.682 -11.454 13.171  0.50 134.52 ? 901 DTT A C1    1 
HETATM 1328 C  C2    . DTT D 4 .   ? -13.928 -11.646 12.304  0.50 134.06 ? 901 DTT A C2    1 
HETATM 1329 O  O2    . DTT D 4 .   ? -15.035 -12.002 13.133  0.50 143.33 ? 901 DTT A O2    1 
HETATM 1330 C  C3    . DTT D 4 .   ? -13.674 -12.757 11.285  0.50 133.07 ? 901 DTT A C3    1 
HETATM 1331 O  O3    . DTT D 4 .   ? -12.891 -13.789 11.891  0.50 132.53 ? 901 DTT A O3    1 
HETATM 1332 C  C4    . DTT D 4 .   ? -15.011 -13.339 10.822  0.50 132.71 ? 901 DTT A C4    1 
HETATM 1333 S  S4    . DTT D 4 .   ? -14.924 -13.720 9.049   0.50 145.95 ? 901 DTT A S4    1 
HETATM 1334 C  C1    . GOL E 5 .   ? -34.542 11.475  6.360   1.00 94.73  ? 801 GOL A C1    1 
HETATM 1335 O  O1    . GOL E 5 .   ? -33.189 11.397  6.841   1.00 82.22  ? 801 GOL A O1    1 
HETATM 1336 C  C2    . GOL E 5 .   ? -35.461 12.097  7.427   1.00 98.19  ? 801 GOL A C2    1 
HETATM 1337 O  O2    . GOL E 5 .   ? -35.007 13.407  7.787   1.00 94.03  ? 801 GOL A O2    1 
HETATM 1338 C  C3    . GOL E 5 .   ? -36.896 12.165  6.884   1.00 94.11  ? 801 GOL A C3    1 
HETATM 1339 O  O3    . GOL E 5 .   ? -37.762 12.767  7.846   1.00 92.34  ? 801 GOL A O3    1 
HETATM 1340 O  O     . HOH F 6 .   ? -1.026  8.602   -6.146  1.00 63.73  ? 21  HOH B O     1 
HETATM 1341 O  O     . HOH F 6 .   ? -14.108 24.553  -11.511 1.00 73.36  ? 22  HOH B O     1 
HETATM 1342 O  O     . HOH F 6 .   ? -11.330 14.586  -4.470  1.00 56.27  ? 23  HOH B O     1 
HETATM 1343 O  O     . HOH F 6 .   ? 1.804   -0.847  -13.721 1.00 63.87  ? 24  HOH B O     1 
HETATM 1344 O  O     . HOH F 6 .   ? -1.839  8.201   -1.524  1.00 61.98  ? 25  HOH B O     1 
HETATM 1345 O  O     . HOH F 6 .   ? -0.790  12.481  -9.822  1.00 51.63  ? 26  HOH B O     1 
HETATM 1346 O  O     . HOH F 6 .   ? -34.543 25.303  -1.169  1.00 77.79  ? 27  HOH B O     1 
HETATM 1347 O  O     . HOH F 6 .   ? 8.453   7.756   -28.848 1.00 62.73  ? 28  HOH B O     1 
HETATM 1348 O  O     . HOH F 6 .   ? 21.642  15.210  -27.602 1.00 92.78  ? 29  HOH B O     1 
HETATM 1349 O  O     . HOH F 6 .   ? -24.609 28.338  -19.155 1.00 59.60  ? 30  HOH B O     1 
HETATM 1350 O  O     . HOH F 6 .   ? 15.711  13.072  -24.364 1.00 70.07  ? 31  HOH B O     1 
HETATM 1351 O  O     . HOH G 6 .   ? 11.845  4.805   -11.688 1.00 81.24  ? 902 HOH A O     1 
HETATM 1352 O  O     . HOH G 6 .   ? 6.623   10.469  -13.143 1.00 44.09  ? 903 HOH A O     1 
HETATM 1353 O  O     . HOH G 6 .   ? 18.147  9.553   -10.320 1.00 65.02  ? 904 HOH A O     1 
HETATM 1354 O  O     . HOH G 6 .   ? -31.534 11.048  3.869   1.00 56.13  ? 905 HOH A O     1 
HETATM 1355 O  O     . HOH G 6 .   ? 5.856   2.317   -19.343 1.00 83.19  ? 906 HOH A O     1 
HETATM 1356 O  O     . HOH G 6 .   ? 5.065   -5.822  -16.569 1.00 60.76  ? 907 HOH A O     1 
HETATM 1357 O  O     . HOH G 6 .   ? 24.950  -9.172  -8.846  1.00 62.07  ? 908 HOH A O     1 
HETATM 1358 O  O     . HOH G 6 .   ? 29.089  10.456  -18.008 1.00 71.52  ? 909 HOH A O     1 
HETATM 1359 O  O     . HOH G 6 .   ? -25.414 5.607   6.381   1.00 59.56  ? 910 HOH A O     1 
HETATM 1360 O  O     . HOH G 6 .   ? 25.113  10.268  -15.454 1.00 58.63  ? 911 HOH A O     1 
HETATM 1361 O  O     . HOH G 6 .   ? 25.724  4.905   -20.696 1.00 69.85  ? 912 HOH A O     1 
# 
